data_1J51
#
_entry.id   1J51
#
_cell.length_a   66.87
_cell.length_b   62.44
_cell.length_c   95.52
_cell.angle_alpha   89.98
_cell.angle_beta   90.30
_cell.angle_gamma   90.09
#
_symmetry.space_group_name_H-M   'P 1'
#
loop_
_entity.id
_entity.type
_entity.pdbx_description
1 polymer 'CYTOCHROME P450CAM'
2 non-polymer 'POTASSIUM ION'
3 non-polymer 'PROTOPORPHYRIN IX CONTAINING FE'
4 non-polymer 1,3,5-TRICHLORO-BENZENE
5 water water
#
_entity_poly.entity_id   1
_entity_poly.type   'polypeptide(L)'
_entity_poly.pdbx_seq_one_letter_code
;TTETIQSNANLAPLPPHVPEHLVFDFDMYNPSNLSAGVQEAWAVLQESNVPDLVWTRCNGGHWIATRGQLIREAYEDYRH
FSSECPWIPREAGEAFDFIPTSMDPPEQRQFRALANQVVGMPVVDKLENRIQELACSLIESLRPQGQCNFTEDYAEPFPI
RIFMLLAGLPEEDIPHLKYLTDQMTRPDGSMTFAEAKEALYDYLIPIIEQRRQKPGTDAISIVANGQVNGRPITSDEAKR
MCGLLLLGGLDTVVNFLSFSMEFLAKSPEHRQELIERPERIPAACEELLRRFSLVADGRILTSDYEFHGVQLKKGDQILL
PQMLSGLDERENAAPMHVDFSRQKVSHTTFGHGSHLCLGQHLARREIIVTLKEWLTRIPDFSIAPGAQIQHKSGIVSGVQ
ALPLVWDPATTKAV
;
_entity_poly.pdbx_strand_id   A,B,C,D
#
loop_
_chem_comp.id
_chem_comp.type
_chem_comp.name
_chem_comp.formula
HEM non-polymer 'PROTOPORPHYRIN IX CONTAINING FE' 'C34 H32 Fe N4 O4'
K non-polymer 'POTASSIUM ION' 'K 1'
TCZ non-polymer 1,3,5-TRICHLORO-BENZENE 'C6 H3 Cl3'
#
# COMPACT_ATOMS: atom_id res chain seq x y z
N ASN A 10 13.42 41.58 -55.54
CA ASN A 10 12.13 42.27 -55.75
C ASN A 10 11.47 41.81 -57.06
N LEU A 11 11.57 42.60 -58.13
CA LEU A 11 10.95 42.19 -59.39
C LEU A 11 11.91 41.62 -60.41
N ALA A 12 11.62 40.39 -60.90
CA ALA A 12 12.47 39.76 -61.92
C ALA A 12 12.16 40.40 -63.27
N PRO A 13 13.18 40.61 -64.12
CA PRO A 13 12.82 41.22 -65.40
C PRO A 13 11.76 40.40 -66.13
N LEU A 14 10.79 41.08 -66.71
CA LEU A 14 9.70 40.43 -67.43
C LEU A 14 10.10 39.59 -68.63
N PRO A 15 9.88 38.28 -68.55
CA PRO A 15 10.24 37.42 -69.68
C PRO A 15 9.66 37.99 -70.98
N PRO A 16 10.39 37.89 -72.08
CA PRO A 16 9.89 38.42 -73.36
C PRO A 16 8.47 37.99 -73.80
N HIS A 17 8.11 36.73 -73.52
CA HIS A 17 6.81 36.15 -73.91
C HIS A 17 5.59 36.49 -73.01
N VAL A 18 5.85 37.15 -71.87
CA VAL A 18 4.74 37.48 -70.97
C VAL A 18 4.23 38.88 -71.26
N PRO A 19 2.93 38.99 -71.57
CA PRO A 19 2.28 40.26 -71.87
C PRO A 19 2.43 41.28 -70.73
N GLU A 20 2.89 42.48 -71.07
CA GLU A 20 3.06 43.55 -70.10
C GLU A 20 1.76 43.85 -69.37
N HIS A 21 0.64 43.78 -70.09
CA HIS A 21 -0.67 44.09 -69.49
C HIS A 21 -1.22 43.08 -68.49
N LEU A 22 -0.59 41.91 -68.41
CA LEU A 22 -1.03 40.85 -67.49
C LEU A 22 -0.17 40.75 -66.24
N VAL A 23 0.76 41.69 -66.08
CA VAL A 23 1.64 41.72 -64.93
C VAL A 23 0.83 42.29 -63.75
N PHE A 24 0.90 41.57 -62.64
CA PHE A 24 0.27 41.94 -61.40
C PHE A 24 1.25 41.30 -60.42
N ASP A 25 2.16 42.13 -59.91
CA ASP A 25 3.24 41.69 -59.02
C ASP A 25 2.80 41.29 -57.59
N PHE A 26 2.00 40.25 -57.48
CA PHE A 26 1.55 39.76 -56.17
C PHE A 26 2.70 38.96 -55.54
N ASP A 27 2.94 39.17 -54.25
CA ASP A 27 4.01 38.46 -53.55
C ASP A 27 3.38 37.45 -52.60
N MET A 28 3.38 36.17 -52.97
CA MET A 28 2.76 35.15 -52.14
C MET A 28 3.30 34.98 -50.70
N TYR A 29 4.49 35.49 -50.42
CA TYR A 29 5.04 35.36 -49.06
C TYR A 29 4.90 36.66 -48.22
N ASN A 30 4.43 37.74 -48.83
CA ASN A 30 4.23 38.99 -48.13
C ASN A 30 3.25 39.83 -48.93
N PRO A 31 2.02 39.36 -49.07
CA PRO A 31 1.02 40.11 -49.83
C PRO A 31 0.65 41.48 -49.28
N SER A 32 0.47 42.43 -50.21
CA SER A 32 0.11 43.83 -49.93
C SER A 32 -0.88 44.03 -48.81
N ASN A 33 -2.04 43.44 -49.00
CA ASN A 33 -3.11 43.63 -48.08
C ASN A 33 -3.11 42.72 -46.86
N LEU A 34 -1.97 42.13 -46.53
CA LEU A 34 -1.89 41.20 -45.40
C LEU A 34 -2.61 41.60 -44.11
N SER A 35 -2.50 42.85 -43.70
CA SER A 35 -3.16 43.32 -42.48
C SER A 35 -4.69 43.26 -42.50
N ALA A 36 -5.26 43.04 -43.67
CA ALA A 36 -6.71 42.92 -43.79
C ALA A 36 -7.06 41.46 -43.56
N GLY A 37 -6.03 40.60 -43.57
CA GLY A 37 -6.25 39.17 -43.39
C GLY A 37 -5.68 38.45 -44.59
N VAL A 38 -5.05 37.28 -44.43
CA VAL A 38 -4.46 36.62 -45.62
C VAL A 38 -5.46 36.37 -46.71
N GLN A 39 -6.63 35.84 -46.36
CA GLN A 39 -7.59 35.58 -47.40
C GLN A 39 -7.95 36.88 -48.09
N GLU A 40 -8.18 37.96 -47.34
CA GLU A 40 -8.51 39.20 -48.01
C GLU A 40 -7.30 39.68 -48.80
N ALA A 41 -6.09 39.33 -48.36
CA ALA A 41 -4.92 39.78 -49.08
C ALA A 41 -4.83 39.10 -50.45
N TRP A 42 -5.12 37.81 -50.48
CA TRP A 42 -5.10 37.04 -51.73
C TRP A 42 -6.26 37.39 -52.61
N ALA A 43 -7.40 37.62 -51.98
CA ALA A 43 -8.61 37.97 -52.73
C ALA A 43 -8.45 39.24 -53.58
N VAL A 44 -7.40 40.00 -53.33
CA VAL A 44 -7.19 41.19 -54.13
C VAL A 44 -7.00 40.78 -55.60
N LEU A 45 -6.52 39.57 -55.80
CA LEU A 45 -6.30 39.05 -57.15
C LEU A 45 -7.64 38.82 -57.84
N GLN A 46 -8.73 38.91 -57.09
CA GLN A 46 -10.04 38.70 -57.71
C GLN A 46 -10.81 40.01 -57.88
N GLU A 47 -10.16 41.15 -57.66
CA GLU A 47 -10.85 42.42 -57.84
C GLU A 47 -11.33 42.68 -59.29
N SER A 48 -12.10 43.75 -59.43
CA SER A 48 -12.74 44.15 -60.67
C SER A 48 -11.97 44.16 -61.96
N ASN A 49 -10.71 44.56 -61.95
CA ASN A 49 -10.06 44.58 -63.23
C ASN A 49 -8.84 43.69 -63.33
N VAL A 50 -8.82 42.65 -62.51
CA VAL A 50 -7.72 41.72 -62.52
C VAL A 50 -8.17 40.54 -63.40
N PRO A 51 -7.32 40.13 -64.34
CA PRO A 51 -7.48 39.02 -65.30
C PRO A 51 -7.60 37.65 -64.62
N ASP A 52 -8.00 36.66 -65.41
CA ASP A 52 -8.14 35.28 -64.96
C ASP A 52 -6.76 34.72 -64.68
N LEU A 53 -5.79 35.23 -65.44
CA LEU A 53 -4.41 34.77 -65.36
C LEU A 53 -3.48 35.99 -65.40
N VAL A 54 -2.61 36.12 -64.41
CA VAL A 54 -1.66 37.24 -64.30
C VAL A 54 -0.22 36.71 -64.15
N TRP A 55 0.78 37.58 -64.35
CA TRP A 55 2.20 37.22 -64.13
C TRP A 55 2.76 38.12 -63.04
N THR A 56 3.34 37.55 -61.98
CA THR A 56 3.97 38.34 -60.94
C THR A 56 5.45 38.21 -61.11
N ARG A 57 6.12 39.34 -61.03
CA ARG A 57 7.54 39.33 -61.18
C ARG A 57 8.21 39.03 -59.86
N CYS A 58 7.41 38.84 -58.80
CA CYS A 58 7.96 38.53 -57.50
C CYS A 58 8.44 37.06 -57.43
N ASN A 59 9.30 36.80 -56.46
CA ASN A 59 9.81 35.47 -56.19
C ASN A 59 10.38 34.81 -57.44
N GLY A 60 11.03 35.58 -58.30
CA GLY A 60 11.60 35.01 -59.51
C GLY A 60 10.68 35.00 -60.70
N GLY A 61 9.44 35.40 -60.54
CA GLY A 61 8.53 35.43 -61.69
C GLY A 61 7.73 34.15 -62.01
N HIS A 62 6.41 34.29 -62.12
CA HIS A 62 5.52 33.15 -62.39
C HIS A 62 4.05 33.54 -62.65
N TRP A 63 3.33 32.63 -63.30
CA TRP A 63 1.92 32.86 -63.55
C TRP A 63 1.17 32.59 -62.24
N ILE A 64 -0.06 33.08 -62.19
CA ILE A 64 -0.97 32.87 -61.07
C ILE A 64 -2.36 32.83 -61.68
N ALA A 65 -3.09 31.75 -61.45
CA ALA A 65 -4.46 31.65 -61.95
C ALA A 65 -5.36 32.18 -60.82
N THR A 66 -6.16 33.20 -61.10
CA THR A 66 -7.01 33.83 -60.08
C THR A 66 -8.45 33.39 -59.87
N ARG A 67 -8.94 32.47 -60.68
CA ARG A 67 -10.33 32.03 -60.58
C ARG A 67 -10.39 30.51 -60.55
N GLY A 68 -11.39 30.01 -59.83
CA GLY A 68 -11.58 28.58 -59.68
C GLY A 68 -11.68 27.83 -60.99
N GLN A 69 -12.42 28.37 -61.94
CA GLN A 69 -12.54 27.68 -63.23
C GLN A 69 -11.15 27.36 -63.83
N LEU A 70 -10.23 28.29 -63.80
CA LEU A 70 -8.89 28.01 -64.35
C LEU A 70 -8.06 27.17 -63.39
N ILE A 71 -8.23 27.43 -62.09
CA ILE A 71 -7.48 26.69 -61.09
C ILE A 71 -7.90 25.25 -61.24
N ARG A 72 -9.19 25.02 -61.43
CA ARG A 72 -9.63 23.66 -61.57
C ARG A 72 -9.09 22.96 -62.82
N GLU A 73 -9.18 23.60 -63.99
CA GLU A 73 -8.70 22.92 -65.20
C GLU A 73 -7.23 22.58 -65.11
N ALA A 74 -6.43 23.52 -64.65
CA ALA A 74 -4.99 23.28 -64.54
C ALA A 74 -4.69 22.04 -63.69
N TYR A 75 -5.28 21.96 -62.49
CA TYR A 75 -5.06 20.79 -61.63
C TYR A 75 -5.49 19.50 -62.27
N GLU A 76 -6.54 19.56 -63.08
CA GLU A 76 -7.04 18.39 -63.79
C GLU A 76 -6.10 17.99 -64.93
N ASP A 77 -5.44 18.97 -65.55
CA ASP A 77 -4.56 18.72 -66.69
C ASP A 77 -3.12 18.47 -66.27
N TYR A 78 -2.83 17.27 -65.79
CA TYR A 78 -1.48 16.99 -65.37
C TYR A 78 -0.44 16.87 -66.49
N ARG A 79 -0.88 16.66 -67.74
CA ARG A 79 0.06 16.60 -68.90
C ARG A 79 0.72 17.96 -69.21
N HIS A 80 -0.02 19.04 -69.01
CA HIS A 80 0.55 20.37 -69.28
C HIS A 80 1.11 21.01 -68.03
N PHE A 81 0.44 20.72 -66.91
CA PHE A 81 0.79 21.26 -65.60
C PHE A 81 1.29 20.15 -64.69
N SER A 82 2.58 19.87 -64.74
CA SER A 82 3.21 18.83 -63.93
C SER A 82 3.48 19.26 -62.48
N SER A 83 3.30 18.33 -61.55
CA SER A 83 3.52 18.57 -60.12
C SER A 83 5.00 18.43 -59.79
N GLU A 84 5.82 18.16 -60.79
CA GLU A 84 7.22 17.96 -60.55
C GLU A 84 7.98 19.11 -59.91
N CYS A 85 7.58 20.35 -60.17
CA CYS A 85 8.23 21.51 -59.57
C CYS A 85 6.99 22.27 -59.15
N PRO A 86 6.41 21.91 -57.99
CA PRO A 86 5.20 22.45 -57.37
C PRO A 86 5.36 23.60 -56.39
N TRP A 87 6.58 23.94 -56.08
CA TRP A 87 6.81 24.99 -55.13
C TRP A 87 7.49 26.21 -55.69
N ILE A 88 7.15 27.35 -55.10
CA ILE A 88 7.69 28.65 -55.50
C ILE A 88 8.50 29.14 -54.27
N PRO A 89 9.69 29.72 -54.48
CA PRO A 89 10.37 29.97 -55.75
C PRO A 89 10.86 28.69 -56.43
N ARG A 90 11.30 28.83 -57.67
CA ARG A 90 11.77 27.70 -58.47
C ARG A 90 12.77 26.76 -57.82
N GLU A 91 13.75 27.31 -57.08
CA GLU A 91 14.77 26.51 -56.39
C GLU A 91 14.18 25.54 -55.40
N ALA A 92 13.10 25.96 -54.77
CA ALA A 92 12.36 25.14 -53.80
C ALA A 92 11.63 24.07 -54.60
N GLY A 93 11.10 24.50 -55.74
CA GLY A 93 10.31 23.63 -56.58
C GLY A 93 11.14 22.51 -57.13
N GLU A 94 12.41 22.80 -57.45
CA GLU A 94 13.31 21.82 -57.97
C GLU A 94 13.83 20.83 -56.92
N ALA A 95 14.01 21.29 -55.71
CA ALA A 95 14.51 20.39 -54.66
C ALA A 95 13.33 19.64 -54.06
N PHE A 96 12.12 20.13 -54.32
CA PHE A 96 10.96 19.48 -53.69
C PHE A 96 10.80 18.13 -54.31
N ASP A 97 11.25 17.06 -53.64
CA ASP A 97 11.07 15.73 -54.24
C ASP A 97 10.24 14.76 -53.44
N PHE A 98 9.29 15.28 -52.66
CA PHE A 98 8.44 14.43 -51.84
C PHE A 98 7.56 13.54 -52.69
N ILE A 99 7.13 12.45 -52.07
CA ILE A 99 6.29 11.48 -52.73
C ILE A 99 5.04 11.38 -51.93
N PRO A 100 3.88 11.32 -52.60
CA PRO A 100 3.70 11.34 -54.06
C PRO A 100 3.50 12.72 -54.72
N THR A 101 3.45 13.75 -53.88
CA THR A 101 3.20 15.09 -54.34
C THR A 101 4.04 15.60 -55.50
N SER A 102 5.31 15.23 -55.57
CA SER A 102 6.12 15.72 -56.71
C SER A 102 5.99 14.84 -57.95
N MET A 103 5.04 13.91 -57.96
CA MET A 103 4.87 13.01 -59.10
C MET A 103 3.51 13.18 -59.79
N ASP A 104 3.44 12.81 -61.06
CA ASP A 104 2.22 12.91 -61.83
C ASP A 104 1.76 11.52 -62.17
N PRO A 105 0.46 11.35 -62.47
CA PRO A 105 0.02 10.01 -62.86
C PRO A 105 0.85 9.88 -64.17
N PRO A 106 1.11 8.66 -64.64
CA PRO A 106 0.66 7.42 -64.01
C PRO A 106 1.54 6.90 -62.86
N GLU A 107 2.81 7.30 -62.84
CA GLU A 107 3.71 6.82 -61.78
C GLU A 107 3.30 7.19 -60.36
N GLN A 108 2.66 8.35 -60.19
CA GLN A 108 2.23 8.80 -58.87
C GLN A 108 1.35 7.80 -58.12
N ARG A 109 0.40 7.23 -58.85
CA ARG A 109 -0.59 6.36 -58.23
C ARG A 109 -0.08 5.25 -57.31
N GLN A 110 0.81 4.40 -57.77
CA GLN A 110 1.29 3.32 -56.91
C GLN A 110 1.75 3.81 -55.54
N PHE A 111 2.35 5.00 -55.45
CA PHE A 111 2.77 5.48 -54.13
C PHE A 111 1.60 6.15 -53.37
N ARG A 112 0.71 6.82 -54.10
CA ARG A 112 -0.42 7.48 -53.47
C ARG A 112 -1.26 6.45 -52.74
N ALA A 113 -1.35 5.24 -53.29
CA ALA A 113 -2.13 4.20 -52.64
C ALA A 113 -1.51 3.83 -51.33
N LEU A 114 -0.19 3.67 -51.32
CA LEU A 114 0.46 3.29 -50.09
C LEU A 114 0.32 4.41 -49.07
N ALA A 115 0.47 5.65 -49.50
CA ALA A 115 0.32 6.70 -48.53
C ALA A 115 -1.14 6.67 -48.04
N ASN A 116 -2.07 6.41 -48.92
CA ASN A 116 -3.46 6.38 -48.47
C ASN A 116 -3.72 5.36 -47.36
N GLN A 117 -3.02 4.24 -47.41
CA GLN A 117 -3.22 3.22 -46.39
C GLN A 117 -2.83 3.71 -45.01
N VAL A 118 -1.88 4.64 -44.90
CA VAL A 118 -1.49 5.05 -43.56
C VAL A 118 -2.25 6.22 -42.91
N VAL A 119 -2.89 7.07 -43.73
CA VAL A 119 -3.59 8.21 -43.16
C VAL A 119 -5.06 8.34 -43.57
N GLY A 120 -5.58 7.33 -44.23
CA GLY A 120 -6.94 7.36 -44.71
C GLY A 120 -8.03 7.08 -43.71
N MET A 121 -9.24 7.39 -44.16
CA MET A 121 -10.40 7.19 -43.35
C MET A 121 -10.36 6.00 -42.42
N PRO A 122 -9.99 4.81 -42.91
CA PRO A 122 -9.98 3.69 -41.97
C PRO A 122 -9.04 3.96 -40.79
N VAL A 123 -7.89 4.54 -41.09
CA VAL A 123 -6.94 4.85 -40.04
C VAL A 123 -7.59 5.91 -39.16
N VAL A 124 -8.27 6.86 -39.78
CA VAL A 124 -8.91 7.89 -38.99
C VAL A 124 -9.93 7.32 -38.01
N ASP A 125 -10.80 6.44 -38.49
CA ASP A 125 -11.82 5.83 -37.65
C ASP A 125 -11.25 5.29 -36.36
N LYS A 126 -10.16 4.55 -36.46
CA LYS A 126 -9.51 3.97 -35.28
C LYS A 126 -8.96 5.06 -34.36
N LEU A 127 -8.39 6.12 -34.95
CA LEU A 127 -7.83 7.21 -34.17
C LEU A 127 -8.89 8.01 -33.45
N GLU A 128 -10.13 7.74 -33.83
CA GLU A 128 -11.27 8.45 -33.29
C GLU A 128 -11.25 8.76 -31.79
N ASN A 129 -11.44 7.74 -30.96
CA ASN A 129 -11.49 7.94 -29.51
C ASN A 129 -10.30 8.68 -28.94
N ARG A 130 -9.13 8.35 -29.45
CA ARG A 130 -7.90 9.00 -29.03
C ARG A 130 -7.91 10.52 -29.32
N ILE A 131 -8.48 10.92 -30.47
CA ILE A 131 -8.52 12.31 -30.87
C ILE A 131 -9.44 13.05 -29.93
N GLN A 132 -10.57 12.44 -29.68
CA GLN A 132 -11.51 13.06 -28.80
C GLN A 132 -10.91 13.22 -27.41
N GLU A 133 -10.26 12.18 -26.89
CA GLU A 133 -9.68 12.28 -25.56
C GLU A 133 -8.74 13.48 -25.43
N LEU A 134 -7.84 13.67 -26.39
CA LEU A 134 -6.89 14.77 -26.37
C LEU A 134 -7.56 16.16 -26.50
N ALA A 135 -8.64 16.24 -27.28
CA ALA A 135 -9.34 17.52 -27.44
C ALA A 135 -9.91 17.92 -26.07
N CYS A 136 -10.47 16.92 -25.39
CA CYS A 136 -11.07 17.12 -24.06
C CYS A 136 -10.01 17.39 -23.02
N SER A 137 -9.01 16.51 -22.97
CA SER A 137 -7.90 16.68 -22.05
C SER A 137 -7.38 18.12 -22.17
N LEU A 138 -7.22 18.58 -23.41
CA LEU A 138 -6.70 19.93 -23.69
C LEU A 138 -7.64 21.08 -23.38
N ILE A 139 -8.91 20.93 -23.71
CA ILE A 139 -9.90 21.97 -23.47
C ILE A 139 -10.27 22.16 -21.99
N GLU A 140 -10.54 21.06 -21.30
CA GLU A 140 -10.89 21.10 -19.88
C GLU A 140 -9.73 21.67 -19.09
N SER A 141 -8.52 21.24 -19.42
CA SER A 141 -7.37 21.73 -18.72
C SER A 141 -7.20 23.25 -18.91
N LEU A 142 -7.67 23.77 -20.04
CA LEU A 142 -7.59 25.20 -20.27
C LEU A 142 -8.81 25.93 -19.73
N ARG A 143 -9.92 25.21 -19.62
CA ARG A 143 -11.19 25.83 -19.21
C ARG A 143 -11.14 26.87 -18.09
N PRO A 144 -10.91 26.43 -16.84
CA PRO A 144 -10.85 27.36 -15.71
C PRO A 144 -9.82 28.48 -15.74
N GLN A 145 -8.93 28.50 -16.73
CA GLN A 145 -7.94 29.58 -16.74
C GLN A 145 -8.52 30.87 -17.28
N GLY A 146 -9.57 30.76 -18.08
CA GLY A 146 -10.17 31.93 -18.67
C GLY A 146 -9.28 32.62 -19.68
N GLN A 147 -8.31 31.90 -20.22
CA GLN A 147 -7.43 32.48 -21.24
C GLN A 147 -6.43 31.43 -21.69
N CYS A 148 -5.86 31.67 -22.86
CA CYS A 148 -4.87 30.77 -23.43
C CYS A 148 -4.36 31.44 -24.71
N ASN A 149 -3.16 31.06 -25.19
CA ASN A 149 -2.82 31.60 -26.49
C ASN A 149 -3.03 30.42 -27.40
N PHE A 150 -4.23 30.38 -27.94
CA PHE A 150 -4.70 29.32 -28.80
C PHE A 150 -3.72 28.61 -29.74
N THR A 151 -2.82 29.34 -30.38
CA THR A 151 -1.92 28.67 -31.30
C THR A 151 -0.99 27.68 -30.59
N GLU A 152 -0.45 28.07 -29.44
CA GLU A 152 0.42 27.13 -28.79
C GLU A 152 -0.24 26.27 -27.75
N ASP A 153 -1.39 26.70 -27.24
CA ASP A 153 -2.06 25.92 -26.22
C ASP A 153 -3.06 24.88 -26.79
N TYR A 154 -3.41 25.01 -28.08
CA TYR A 154 -4.34 24.05 -28.69
C TYR A 154 -4.08 23.71 -30.15
N ALA A 155 -4.07 24.73 -30.99
CA ALA A 155 -3.89 24.54 -32.42
C ALA A 155 -2.71 23.63 -32.78
N GLU A 156 -1.58 23.85 -32.12
CA GLU A 156 -0.41 23.07 -32.41
C GLU A 156 -0.37 21.69 -31.71
N PRO A 157 -0.52 21.65 -30.37
CA PRO A 157 -0.47 20.31 -29.76
C PRO A 157 -1.57 19.34 -30.09
N PHE A 158 -2.80 19.81 -30.31
CA PHE A 158 -3.87 18.87 -30.60
C PHE A 158 -3.57 18.13 -31.92
N PRO A 159 -3.42 18.85 -33.04
CA PRO A 159 -3.12 18.19 -34.32
C PRO A 159 -1.78 17.38 -34.32
N ILE A 160 -0.70 18.08 -34.04
CA ILE A 160 0.64 17.49 -34.06
C ILE A 160 0.80 16.25 -33.19
N ARG A 161 0.19 16.27 -32.01
CA ARG A 161 0.29 15.15 -31.11
C ARG A 161 -0.34 13.93 -31.71
N ILE A 162 -1.54 14.10 -32.24
CA ILE A 162 -2.23 13.01 -32.90
C ILE A 162 -1.36 12.51 -34.03
N PHE A 163 -0.79 13.41 -34.82
CA PHE A 163 0.09 12.93 -35.90
C PHE A 163 1.34 12.23 -35.39
N MET A 164 1.97 12.78 -34.34
CA MET A 164 3.18 12.17 -33.81
C MET A 164 2.87 10.77 -33.28
N LEU A 165 1.62 10.54 -32.92
CA LEU A 165 1.18 9.25 -32.43
C LEU A 165 0.99 8.29 -33.59
N LEU A 166 0.39 8.79 -34.65
CA LEU A 166 0.14 7.95 -35.80
C LEU A 166 1.49 7.52 -36.37
N ALA A 167 2.43 8.47 -36.34
CA ALA A 167 3.77 8.25 -36.86
C ALA A 167 4.60 7.53 -35.84
N GLY A 168 4.06 7.40 -34.63
CA GLY A 168 4.81 6.76 -33.58
C GLY A 168 6.14 7.46 -33.34
N LEU A 169 6.11 8.79 -33.22
CA LEU A 169 7.32 9.55 -32.96
C LEU A 169 7.17 10.18 -31.57
N PRO A 170 8.30 10.39 -30.86
CA PRO A 170 8.26 10.97 -29.52
C PRO A 170 8.00 12.48 -29.57
N GLU A 171 7.10 12.95 -28.71
CA GLU A 171 6.73 14.36 -28.73
C GLU A 171 7.87 15.34 -28.52
N GLU A 172 8.96 14.86 -27.94
CA GLU A 172 10.13 15.71 -27.68
C GLU A 172 10.68 16.32 -28.99
N ASP A 173 10.44 15.62 -30.10
CA ASP A 173 10.92 16.06 -31.41
C ASP A 173 10.04 17.11 -32.08
N ILE A 174 8.85 17.36 -31.55
CA ILE A 174 7.98 18.33 -32.20
C ILE A 174 8.58 19.69 -32.52
N PRO A 175 9.25 20.34 -31.55
CA PRO A 175 9.84 21.67 -31.80
C PRO A 175 10.78 21.71 -32.99
N HIS A 176 11.57 20.66 -33.15
CA HIS A 176 12.50 20.61 -34.26
C HIS A 176 11.78 20.38 -35.59
N LEU A 177 10.91 19.38 -35.62
CA LEU A 177 10.18 19.08 -36.84
C LEU A 177 9.30 20.25 -37.31
N LYS A 178 8.54 20.83 -36.39
CA LYS A 178 7.69 21.96 -36.74
C LYS A 178 8.51 23.15 -37.22
N TYR A 179 9.72 23.30 -36.69
CA TYR A 179 10.56 24.40 -37.14
C TYR A 179 10.95 24.18 -38.59
N LEU A 180 11.36 22.96 -38.90
CA LEU A 180 11.75 22.60 -40.25
C LEU A 180 10.55 22.72 -41.23
N THR A 181 9.40 22.20 -40.83
CA THR A 181 8.20 22.24 -41.66
C THR A 181 7.84 23.71 -42.01
N ASP A 182 7.85 24.58 -41.00
CA ASP A 182 7.51 25.99 -41.22
C ASP A 182 8.50 26.69 -42.15
N GLN A 183 9.76 26.23 -42.18
CA GLN A 183 10.75 26.88 -43.05
C GLN A 183 10.41 26.50 -44.46
N MET A 184 9.56 25.48 -44.58
CA MET A 184 9.15 25.04 -45.90
C MET A 184 7.93 25.79 -46.41
N THR A 185 6.98 26.05 -45.52
CA THR A 185 5.74 26.73 -45.87
C THR A 185 5.80 28.26 -45.83
N ARG A 186 6.47 28.76 -44.81
CA ARG A 186 6.62 30.19 -44.57
C ARG A 186 8.03 30.52 -44.12
N PRO A 187 9.01 30.32 -44.98
CA PRO A 187 10.38 30.61 -44.59
C PRO A 187 10.65 31.99 -44.00
N ASP A 188 11.34 32.00 -42.86
CA ASP A 188 11.71 33.22 -42.18
C ASP A 188 13.12 33.64 -42.57
N GLY A 189 13.78 32.84 -43.41
CA GLY A 189 15.14 33.19 -43.83
C GLY A 189 16.30 32.45 -43.16
N SER A 190 16.08 31.82 -42.02
CA SER A 190 17.15 31.09 -41.38
C SER A 190 17.54 29.88 -42.27
N MET A 191 16.61 29.38 -43.10
CA MET A 191 17.00 28.28 -43.99
C MET A 191 16.19 28.09 -45.28
N THR A 192 16.87 27.59 -46.30
CA THR A 192 16.27 27.36 -47.60
C THR A 192 15.44 26.10 -47.62
N PHE A 193 14.59 25.98 -48.63
CA PHE A 193 13.78 24.79 -48.72
C PHE A 193 14.73 23.62 -48.74
N ALA A 194 15.81 23.75 -49.52
CA ALA A 194 16.79 22.69 -49.68
C ALA A 194 17.39 22.25 -48.34
N GLU A 195 17.71 23.22 -47.49
CA GLU A 195 18.28 22.89 -46.19
C GLU A 195 17.26 22.28 -45.26
N ALA A 196 16.05 22.79 -45.31
CA ALA A 196 14.98 22.30 -44.47
C ALA A 196 14.69 20.82 -44.75
N LYS A 197 14.59 20.48 -46.02
CA LYS A 197 14.29 19.10 -46.45
C LYS A 197 15.45 18.16 -46.07
N GLU A 198 16.69 18.59 -46.31
CA GLU A 198 17.84 17.78 -45.95
C GLU A 198 17.76 17.43 -44.46
N ALA A 199 17.52 18.41 -43.62
CA ALA A 199 17.45 18.15 -42.20
C ALA A 199 16.27 17.23 -41.90
N LEU A 200 15.21 17.34 -42.68
CA LEU A 200 14.07 16.46 -42.41
C LEU A 200 14.42 15.10 -42.93
N TYR A 201 15.13 15.04 -44.05
CA TYR A 201 15.51 13.75 -44.56
C TYR A 201 16.56 13.15 -43.61
N ASP A 202 17.38 13.98 -42.98
CA ASP A 202 18.40 13.48 -42.04
C ASP A 202 17.79 12.91 -40.79
N TYR A 203 16.69 13.51 -40.34
CA TYR A 203 15.98 13.04 -39.19
C TYR A 203 15.41 11.65 -39.43
N LEU A 204 14.71 11.47 -40.56
CA LEU A 204 14.06 10.20 -40.86
C LEU A 204 14.94 8.96 -41.15
N ILE A 205 15.98 9.09 -41.95
CA ILE A 205 16.86 7.99 -42.30
C ILE A 205 17.08 6.91 -41.23
N PRO A 206 17.64 7.27 -40.07
CA PRO A 206 17.84 6.25 -39.04
C PRO A 206 16.55 5.61 -38.56
N ILE A 207 15.42 6.33 -38.66
CA ILE A 207 14.16 5.76 -38.20
C ILE A 207 13.67 4.73 -39.20
N ILE A 208 13.69 5.11 -40.47
CA ILE A 208 13.26 4.25 -41.52
C ILE A 208 14.09 2.96 -41.54
N GLU A 209 15.41 3.04 -41.35
CA GLU A 209 16.19 1.78 -41.33
C GLU A 209 15.83 0.97 -40.08
N GLN A 210 15.57 1.65 -38.99
CA GLN A 210 15.22 0.98 -37.74
C GLN A 210 13.84 0.27 -37.80
N ARG A 211 12.83 0.95 -38.32
CA ARG A 211 11.54 0.31 -38.40
C ARG A 211 11.50 -0.72 -39.51
N ARG A 212 12.57 -0.78 -40.29
CA ARG A 212 12.64 -1.73 -41.37
C ARG A 212 13.23 -3.06 -40.88
N GLN A 213 13.73 -3.05 -39.66
CA GLN A 213 14.32 -4.24 -39.08
C GLN A 213 13.45 -4.77 -37.96
N LYS A 214 12.72 -3.87 -37.29
CA LYS A 214 11.79 -4.27 -36.21
C LYS A 214 10.47 -3.55 -36.48
N PRO A 215 9.77 -3.98 -37.53
CA PRO A 215 8.50 -3.43 -37.97
C PRO A 215 7.39 -3.31 -36.93
N GLY A 216 7.05 -2.05 -36.61
CA GLY A 216 5.98 -1.77 -35.67
C GLY A 216 4.68 -1.58 -36.44
N THR A 217 3.72 -0.89 -35.84
CA THR A 217 2.46 -0.66 -36.51
C THR A 217 2.18 0.80 -36.86
N ASP A 218 3.13 1.67 -36.54
CA ASP A 218 3.04 3.12 -36.81
C ASP A 218 3.04 3.35 -38.31
N ALA A 219 2.69 4.55 -38.72
CA ALA A 219 2.65 4.91 -40.14
C ALA A 219 4.04 4.79 -40.77
N ILE A 220 5.06 5.19 -40.05
CA ILE A 220 6.42 5.13 -40.56
C ILE A 220 6.76 3.68 -40.90
N SER A 221 6.54 2.77 -39.96
CA SER A 221 6.86 1.37 -40.22
C SER A 221 6.08 0.85 -41.41
N ILE A 222 4.82 1.23 -41.48
CA ILE A 222 3.98 0.79 -42.57
C ILE A 222 4.43 1.30 -43.91
N VAL A 223 4.99 2.48 -43.98
CA VAL A 223 5.43 2.94 -45.27
C VAL A 223 6.78 2.29 -45.55
N ALA A 224 7.61 2.18 -44.52
CA ALA A 224 8.96 1.64 -44.66
C ALA A 224 9.02 0.18 -45.15
N ASN A 225 8.03 -0.61 -44.74
CA ASN A 225 7.95 -2.02 -45.13
C ASN A 225 6.87 -2.24 -46.19
N GLY A 226 6.34 -1.17 -46.77
CA GLY A 226 5.29 -1.30 -47.77
C GLY A 226 5.70 -1.73 -49.18
N GLN A 227 4.71 -1.88 -50.05
CA GLN A 227 4.97 -2.25 -51.43
C GLN A 227 4.22 -1.33 -52.34
N VAL A 228 4.82 -1.01 -53.49
CA VAL A 228 4.13 -0.17 -54.45
C VAL A 228 3.80 -1.10 -55.60
N ASN A 229 2.50 -1.24 -55.86
CA ASN A 229 1.91 -2.12 -56.87
C ASN A 229 2.69 -3.42 -56.88
N GLY A 230 2.87 -4.00 -55.70
CA GLY A 230 3.57 -5.27 -55.61
C GLY A 230 5.07 -5.34 -55.34
N ARG A 231 5.88 -4.39 -55.81
CA ARG A 231 7.31 -4.48 -55.52
C ARG A 231 7.68 -3.65 -54.27
N PRO A 232 8.77 -4.04 -53.56
CA PRO A 232 9.24 -3.38 -52.33
C PRO A 232 9.65 -1.93 -52.46
N ILE A 233 9.28 -1.13 -51.47
CA ILE A 233 9.61 0.28 -51.51
C ILE A 233 11.05 0.43 -51.05
N THR A 234 11.76 1.37 -51.67
CA THR A 234 13.14 1.60 -51.31
C THR A 234 13.18 2.40 -50.02
N SER A 235 14.33 2.40 -49.37
CA SER A 235 14.52 3.14 -48.13
C SER A 235 14.38 4.61 -48.50
N ASP A 236 14.92 4.97 -49.66
CA ASP A 236 14.84 6.33 -50.13
C ASP A 236 13.43 6.69 -50.52
N GLU A 237 12.72 5.76 -51.17
CA GLU A 237 11.35 6.06 -51.55
C GLU A 237 10.53 6.35 -50.32
N ALA A 238 10.76 5.55 -49.29
CA ALA A 238 10.04 5.67 -48.04
C ALA A 238 10.30 6.97 -47.29
N LYS A 239 11.52 7.48 -47.44
CA LYS A 239 11.94 8.71 -46.81
C LYS A 239 11.21 9.87 -47.45
N ARG A 240 11.26 9.91 -48.79
CA ARG A 240 10.58 10.97 -49.54
C ARG A 240 9.06 10.99 -49.26
N MET A 241 8.50 9.83 -48.96
CA MET A 241 7.09 9.69 -48.66
C MET A 241 6.84 10.09 -47.20
N CYS A 242 7.60 9.53 -46.26
CA CYS A 242 7.44 9.93 -44.85
C CYS A 242 7.68 11.45 -44.65
N GLY A 243 8.63 11.99 -45.39
CA GLY A 243 8.89 13.41 -45.21
C GLY A 243 7.67 14.24 -45.56
N LEU A 244 6.93 13.82 -46.59
CA LEU A 244 5.76 14.61 -46.97
C LEU A 244 4.67 14.47 -45.94
N LEU A 245 4.43 13.24 -45.49
CA LEU A 245 3.40 13.00 -44.52
C LEU A 245 3.63 13.89 -43.33
N LEU A 246 4.90 14.00 -42.96
CA LEU A 246 5.34 14.80 -41.82
C LEU A 246 4.94 16.26 -42.06
N LEU A 247 5.21 16.72 -43.27
CA LEU A 247 4.85 18.08 -43.65
C LEU A 247 3.32 18.21 -43.60
N GLY A 248 2.62 17.23 -44.13
CA GLY A 248 1.17 17.30 -44.08
C GLY A 248 0.60 17.20 -42.67
N GLY A 249 1.35 16.61 -41.74
CA GLY A 249 0.83 16.45 -40.40
C GLY A 249 1.03 17.58 -39.42
N LEU A 250 2.10 18.34 -39.61
CA LEU A 250 2.48 19.44 -38.76
C LEU A 250 2.08 20.88 -39.15
N ASP A 251 1.84 21.12 -40.42
CA ASP A 251 1.53 22.50 -40.83
C ASP A 251 0.26 22.67 -41.69
N THR A 252 -0.84 22.03 -41.30
CA THR A 252 -2.07 22.15 -42.07
C THR A 252 -3.17 22.59 -41.11
N VAL A 253 -3.73 21.61 -40.45
CA VAL A 253 -4.76 21.71 -39.44
C VAL A 253 -4.31 22.74 -38.36
N VAL A 254 -3.06 22.64 -37.90
CA VAL A 254 -2.57 23.56 -36.89
C VAL A 254 -3.08 24.95 -37.25
N ASN A 255 -2.69 25.43 -38.43
CA ASN A 255 -3.10 26.76 -38.87
C ASN A 255 -4.56 26.98 -39.13
N PHE A 256 -5.23 25.99 -39.71
CA PHE A 256 -6.65 26.16 -40.00
C PHE A 256 -7.49 26.34 -38.75
N LEU A 257 -7.20 25.57 -37.70
CA LEU A 257 -7.95 25.70 -36.47
C LEU A 257 -7.86 27.14 -35.98
N SER A 258 -6.67 27.73 -36.05
CA SER A 258 -6.52 29.10 -35.59
C SER A 258 -7.39 30.06 -36.38
N PHE A 259 -7.46 29.89 -37.70
CA PHE A 259 -8.32 30.78 -38.47
C PHE A 259 -9.77 30.64 -38.04
N SER A 260 -10.25 29.41 -37.90
CA SER A 260 -11.64 29.17 -37.51
C SER A 260 -11.95 29.73 -36.12
N MET A 261 -11.12 29.39 -35.14
CA MET A 261 -11.35 29.88 -33.80
C MET A 261 -11.25 31.43 -33.71
N GLU A 262 -10.39 32.04 -34.53
CA GLU A 262 -10.31 33.49 -34.52
C GLU A 262 -11.68 34.03 -34.98
N PHE A 263 -12.16 33.54 -36.13
CA PHE A 263 -13.48 33.95 -36.63
C PHE A 263 -14.58 33.73 -35.57
N LEU A 264 -14.58 32.56 -34.93
CA LEU A 264 -15.56 32.29 -33.89
C LEU A 264 -15.42 33.27 -32.70
N ALA A 265 -14.19 33.59 -32.30
CA ALA A 265 -14.02 34.55 -31.19
C ALA A 265 -14.62 35.92 -31.53
N LYS A 266 -14.59 36.27 -32.82
CA LYS A 266 -15.10 37.55 -33.28
C LYS A 266 -16.55 37.49 -33.73
N SER A 267 -17.19 36.33 -33.63
CA SER A 267 -18.59 36.28 -34.04
C SER A 267 -19.49 35.44 -33.17
N PRO A 268 -20.03 36.05 -32.10
CA PRO A 268 -20.92 35.42 -31.14
C PRO A 268 -22.12 34.78 -31.80
N GLU A 269 -22.65 35.46 -32.81
CA GLU A 269 -23.81 34.97 -33.56
C GLU A 269 -23.56 33.57 -34.09
N HIS A 270 -22.38 33.40 -34.69
CA HIS A 270 -22.02 32.11 -35.22
C HIS A 270 -21.85 31.08 -34.10
N ARG A 271 -21.12 31.49 -33.07
CA ARG A 271 -20.93 30.64 -31.92
C ARG A 271 -22.30 30.19 -31.43
N GLN A 272 -23.20 31.14 -31.19
CA GLN A 272 -24.54 30.77 -30.72
C GLN A 272 -25.25 29.80 -31.64
N GLU A 273 -25.13 29.99 -32.95
CA GLU A 273 -25.79 29.08 -33.86
C GLU A 273 -25.34 27.65 -33.60
N LEU A 274 -24.04 27.44 -33.42
CA LEU A 274 -23.51 26.10 -33.17
C LEU A 274 -23.80 25.58 -31.75
N ILE A 275 -24.02 26.49 -30.83
CA ILE A 275 -24.37 26.15 -29.46
C ILE A 275 -25.82 25.63 -29.44
N GLU A 276 -26.74 26.48 -29.91
CA GLU A 276 -28.15 26.13 -29.98
C GLU A 276 -28.40 25.01 -30.97
N ARG A 277 -27.68 24.99 -32.09
CA ARG A 277 -27.89 23.92 -33.07
C ARG A 277 -26.60 23.11 -33.37
N PRO A 278 -26.22 22.24 -32.43
CA PRO A 278 -25.02 21.41 -32.58
C PRO A 278 -24.91 20.57 -33.85
N GLU A 279 -26.03 20.11 -34.43
CA GLU A 279 -25.95 19.26 -35.63
C GLU A 279 -25.37 19.94 -36.85
N ARG A 280 -25.21 21.25 -36.76
CA ARG A 280 -24.65 22.01 -37.85
C ARG A 280 -23.13 22.06 -37.87
N ILE A 281 -22.51 21.62 -36.79
CA ILE A 281 -21.05 21.64 -36.74
C ILE A 281 -20.37 21.12 -38.04
N PRO A 282 -20.75 19.92 -38.53
CA PRO A 282 -20.08 19.48 -39.76
C PRO A 282 -20.20 20.51 -40.92
N ALA A 283 -21.42 20.84 -41.33
CA ALA A 283 -21.59 21.81 -42.41
C ALA A 283 -20.77 23.07 -42.15
N ALA A 284 -20.77 23.55 -40.91
CA ALA A 284 -20.03 24.76 -40.54
C ALA A 284 -18.55 24.52 -40.78
N CYS A 285 -18.16 23.27 -40.61
CA CYS A 285 -16.77 22.88 -40.81
C CYS A 285 -16.40 23.06 -42.29
N GLU A 286 -17.26 22.62 -43.22
CA GLU A 286 -16.97 22.79 -44.65
C GLU A 286 -16.96 24.26 -45.03
N GLU A 287 -17.92 25.00 -44.48
CA GLU A 287 -18.03 26.42 -44.78
C GLU A 287 -16.80 27.13 -44.25
N LEU A 288 -16.33 26.73 -43.08
CA LEU A 288 -15.12 27.34 -42.54
C LEU A 288 -13.91 26.96 -43.43
N LEU A 289 -13.86 25.73 -43.93
CA LEU A 289 -12.77 25.30 -44.82
C LEU A 289 -12.81 26.13 -46.15
N ARG A 290 -14.00 26.44 -46.61
CA ARG A 290 -14.08 27.25 -47.81
C ARG A 290 -13.54 28.62 -47.42
N ARG A 291 -14.24 29.28 -46.51
CA ARG A 291 -13.87 30.64 -46.11
C ARG A 291 -12.45 30.83 -45.67
N PHE A 292 -11.96 29.90 -44.86
CA PHE A 292 -10.60 30.04 -44.38
C PHE A 292 -9.61 29.10 -45.01
N SER A 293 -9.76 28.91 -46.31
CA SER A 293 -8.87 28.05 -47.11
C SER A 293 -7.45 28.63 -46.97
N LEU A 294 -6.42 27.81 -47.05
CA LEU A 294 -5.11 28.37 -46.77
C LEU A 294 -3.90 27.82 -47.53
N VAL A 295 -4.15 26.89 -48.44
CA VAL A 295 -3.06 26.32 -49.20
C VAL A 295 -3.01 26.88 -50.61
N ALA A 296 -1.79 27.13 -51.08
CA ALA A 296 -1.57 27.58 -52.44
C ALA A 296 -0.26 27.00 -53.00
N ASP A 297 -0.33 25.90 -53.73
CA ASP A 297 0.93 25.49 -54.34
C ASP A 297 0.79 25.58 -55.87
N GLY A 298 1.57 24.87 -56.67
CA GLY A 298 1.43 25.11 -58.10
C GLY A 298 1.97 24.03 -58.99
N ARG A 299 2.22 24.38 -60.26
CA ARG A 299 2.70 23.42 -61.22
C ARG A 299 3.66 24.08 -62.18
N ILE A 300 4.31 23.25 -62.99
CA ILE A 300 5.27 23.73 -63.96
C ILE A 300 4.84 23.16 -65.31
N LEU A 301 4.90 24.03 -66.32
CA LEU A 301 4.51 23.73 -67.68
C LEU A 301 5.48 22.74 -68.34
N THR A 302 4.93 21.62 -68.79
CA THR A 302 5.69 20.57 -69.45
C THR A 302 6.12 20.98 -70.85
N SER A 303 5.32 21.80 -71.53
CA SER A 303 5.65 22.26 -72.88
C SER A 303 5.00 23.62 -73.07
N ASP A 304 5.22 24.25 -74.22
CA ASP A 304 4.62 25.52 -74.52
C ASP A 304 3.14 25.21 -74.69
N TYR A 305 2.29 26.08 -74.17
CA TYR A 305 0.88 25.82 -74.25
C TYR A 305 0.07 27.07 -74.07
N GLU A 306 -0.93 27.22 -74.92
CA GLU A 306 -1.82 28.37 -74.89
C GLU A 306 -2.98 27.97 -73.98
N PHE A 307 -3.14 28.71 -72.90
CA PHE A 307 -4.16 28.47 -71.88
C PHE A 307 -5.00 29.72 -71.70
N HIS A 308 -6.29 29.59 -71.96
CA HIS A 308 -7.21 30.71 -71.84
C HIS A 308 -6.59 31.95 -72.46
N GLY A 309 -6.29 31.85 -73.75
CA GLY A 309 -5.74 32.97 -74.47
C GLY A 309 -4.37 33.43 -74.06
N VAL A 310 -3.69 32.68 -73.21
CA VAL A 310 -2.36 33.12 -72.82
C VAL A 310 -1.29 32.11 -73.19
N GLN A 311 -0.17 32.60 -73.74
CA GLN A 311 0.94 31.73 -74.13
C GLN A 311 1.87 31.35 -72.96
N LEU A 312 1.73 30.12 -72.50
CA LEU A 312 2.60 29.69 -71.43
C LEU A 312 3.76 29.00 -72.10
N LYS A 313 4.94 29.24 -71.57
CA LYS A 313 6.15 28.68 -72.11
C LYS A 313 6.65 27.51 -71.28
N LYS A 314 7.02 26.44 -71.97
CA LYS A 314 7.56 25.28 -71.31
C LYS A 314 8.50 25.73 -70.19
N GLY A 315 8.32 25.22 -68.98
CA GLY A 315 9.19 25.61 -67.89
C GLY A 315 8.67 26.69 -66.97
N ASP A 316 7.69 27.47 -67.43
CA ASP A 316 7.10 28.52 -66.61
C ASP A 316 6.43 27.85 -65.42
N GLN A 317 6.50 28.49 -64.28
CA GLN A 317 5.81 27.98 -63.11
C GLN A 317 4.46 28.71 -63.04
N ILE A 318 3.39 28.01 -62.63
CA ILE A 318 2.12 28.68 -62.44
C ILE A 318 1.59 28.27 -61.06
N LEU A 319 1.25 29.27 -60.23
CA LEU A 319 0.71 29.04 -58.89
C LEU A 319 -0.80 28.91 -59.07
N LEU A 320 -1.37 27.80 -58.59
CA LEU A 320 -2.82 27.51 -58.68
C LEU A 320 -3.37 27.46 -57.24
N PRO A 321 -3.64 28.64 -56.64
CA PRO A 321 -4.14 28.77 -55.26
C PRO A 321 -5.40 28.01 -54.90
N GLN A 322 -5.23 26.81 -54.36
CA GLN A 322 -6.37 26.05 -53.93
C GLN A 322 -7.27 27.04 -53.11
N MET A 323 -6.63 27.93 -52.34
CA MET A 323 -7.31 28.95 -51.51
C MET A 323 -8.33 29.82 -52.27
N LEU A 324 -7.97 30.23 -53.47
CA LEU A 324 -8.81 31.12 -54.28
C LEU A 324 -10.15 30.60 -54.84
N SER A 325 -10.22 29.33 -55.21
CA SER A 325 -11.45 28.78 -55.75
C SER A 325 -12.72 29.14 -54.96
N GLY A 326 -12.73 28.76 -53.69
CA GLY A 326 -13.87 29.02 -52.83
C GLY A 326 -14.11 30.48 -52.47
N LEU A 327 -13.11 31.32 -52.68
CA LEU A 327 -13.25 32.75 -52.42
C LEU A 327 -13.74 33.43 -53.69
N ASP A 328 -13.73 32.69 -54.77
CA ASP A 328 -14.19 33.21 -56.05
C ASP A 328 -15.71 33.51 -56.05
N GLU A 329 -16.11 34.76 -56.29
CA GLU A 329 -17.55 35.08 -56.29
C GLU A 329 -18.24 34.32 -57.42
N ARG A 330 -17.49 33.96 -58.45
CA ARG A 330 -18.03 33.18 -59.54
C ARG A 330 -18.23 31.72 -59.08
N GLU A 331 -18.02 31.45 -57.80
CA GLU A 331 -18.23 30.09 -57.34
C GLU A 331 -19.17 30.10 -56.18
N ASN A 332 -19.09 31.13 -55.35
CA ASN A 332 -19.94 31.30 -54.17
C ASN A 332 -20.33 32.77 -54.02
N ALA A 333 -21.62 33.06 -53.96
CA ALA A 333 -22.00 34.46 -53.83
C ALA A 333 -21.55 34.95 -52.45
N ALA A 334 -21.36 36.26 -52.28
CA ALA A 334 -20.91 36.81 -50.98
C ALA A 334 -19.87 35.86 -50.34
N PRO A 335 -18.81 35.52 -51.08
CA PRO A 335 -17.73 34.61 -50.66
C PRO A 335 -17.07 34.89 -49.31
N MET A 336 -16.89 36.16 -48.98
CA MET A 336 -16.25 36.56 -47.73
C MET A 336 -17.16 36.39 -46.53
N HIS A 337 -18.38 35.95 -46.79
CA HIS A 337 -19.37 35.77 -45.75
C HIS A 337 -19.52 34.33 -45.31
N VAL A 338 -19.27 34.09 -44.04
CA VAL A 338 -19.43 32.75 -43.49
C VAL A 338 -20.95 32.55 -43.27
N ASP A 339 -21.51 31.54 -43.93
CA ASP A 339 -22.93 31.19 -43.85
C ASP A 339 -22.99 29.69 -43.58
N PHE A 340 -23.21 29.27 -42.34
CA PHE A 340 -23.21 27.84 -42.05
C PHE A 340 -24.33 27.12 -42.79
N SER A 341 -25.26 27.87 -43.37
CA SER A 341 -26.37 27.23 -44.08
C SER A 341 -26.22 27.33 -45.60
N ARG A 342 -25.10 27.91 -46.05
CA ARG A 342 -24.79 28.05 -47.47
C ARG A 342 -25.17 26.71 -48.10
N GLN A 343 -26.07 26.72 -49.08
CA GLN A 343 -26.55 25.49 -49.70
C GLN A 343 -25.60 24.77 -50.62
N LYS A 344 -24.69 25.48 -51.26
CA LYS A 344 -23.74 24.77 -52.08
C LYS A 344 -22.36 25.33 -51.77
N VAL A 345 -21.74 24.77 -50.74
CA VAL A 345 -20.39 25.20 -50.35
C VAL A 345 -19.41 24.69 -51.42
N SER A 346 -18.87 25.57 -52.26
CA SER A 346 -17.99 25.11 -53.31
C SER A 346 -16.53 25.52 -53.12
N HIS A 347 -15.61 24.56 -53.09
CA HIS A 347 -14.19 24.90 -52.90
C HIS A 347 -13.19 23.86 -53.38
N THR A 348 -11.89 24.21 -53.29
CA THR A 348 -10.82 23.27 -53.65
C THR A 348 -9.83 23.35 -52.50
N THR A 349 -10.34 23.47 -51.29
CA THR A 349 -9.44 23.59 -50.14
C THR A 349 -8.49 22.41 -49.94
N PHE A 350 -8.94 21.19 -50.27
CA PHE A 350 -8.09 20.00 -50.16
C PHE A 350 -7.47 19.66 -51.50
N GLY A 351 -7.50 20.61 -52.41
CA GLY A 351 -6.90 20.39 -53.71
C GLY A 351 -7.92 19.99 -54.75
N HIS A 352 -7.40 19.67 -55.93
CA HIS A 352 -8.24 19.26 -57.03
C HIS A 352 -7.43 18.38 -57.98
N GLY A 353 -8.00 17.31 -58.52
CA GLY A 353 -7.23 16.48 -59.42
C GLY A 353 -6.72 15.16 -58.87
N SER A 354 -5.56 14.72 -59.34
CA SER A 354 -5.01 13.43 -58.89
C SER A 354 -4.33 13.49 -57.53
N HIS A 355 -4.09 14.70 -57.05
CA HIS A 355 -3.42 14.89 -55.78
C HIS A 355 -4.33 15.28 -54.60
N LEU A 356 -5.63 15.04 -54.73
CA LEU A 356 -6.57 15.39 -53.67
C LEU A 356 -5.97 14.96 -52.33
N CYS A 357 -6.12 15.80 -51.31
CA CYS A 357 -5.58 15.54 -49.98
C CYS A 357 -5.96 14.21 -49.30
N LEU A 358 -4.96 13.37 -49.10
CA LEU A 358 -5.20 12.09 -48.44
C LEU A 358 -5.57 12.31 -46.97
N GLY A 359 -5.24 13.48 -46.43
CA GLY A 359 -5.51 13.71 -45.02
C GLY A 359 -6.76 14.45 -44.65
N GLN A 360 -7.60 14.72 -45.64
CA GLN A 360 -8.83 15.47 -45.41
C GLN A 360 -9.79 14.79 -44.42
N HIS A 361 -9.81 13.45 -44.40
CA HIS A 361 -10.70 12.78 -43.47
C HIS A 361 -10.15 12.98 -42.05
N LEU A 362 -8.81 12.90 -41.90
CA LEU A 362 -8.18 13.17 -40.60
C LEU A 362 -8.39 14.63 -40.24
N ALA A 363 -8.21 15.53 -41.21
CA ALA A 363 -8.38 16.94 -40.92
C ALA A 363 -9.83 17.24 -40.49
N ARG A 364 -10.81 16.75 -41.25
CA ARG A 364 -12.23 16.98 -40.90
C ARG A 364 -12.59 16.52 -39.47
N ARG A 365 -12.19 15.30 -39.13
CA ARG A 365 -12.47 14.78 -37.78
C ARG A 365 -11.89 15.72 -36.70
N GLU A 366 -10.60 16.04 -36.85
CA GLU A 366 -9.93 16.92 -35.90
C GLU A 366 -10.69 18.22 -35.77
N ILE A 367 -11.05 18.79 -36.91
CA ILE A 367 -11.79 20.05 -36.89
C ILE A 367 -13.13 19.90 -36.20
N ILE A 368 -13.90 18.89 -36.59
CA ILE A 368 -15.22 18.71 -36.01
C ILE A 368 -15.24 18.38 -34.49
N VAL A 369 -14.23 17.63 -34.02
CA VAL A 369 -14.14 17.31 -32.59
C VAL A 369 -13.75 18.61 -31.87
N THR A 370 -12.89 19.42 -32.49
CA THR A 370 -12.52 20.68 -31.84
C THR A 370 -13.77 21.53 -31.62
N LEU A 371 -14.47 21.84 -32.69
CA LEU A 371 -15.69 22.64 -32.55
C LEU A 371 -16.64 22.09 -31.48
N LYS A 372 -16.97 20.82 -31.59
CA LYS A 372 -17.88 20.19 -30.64
C LYS A 372 -17.46 20.32 -29.17
N GLU A 373 -16.23 19.93 -28.85
CA GLU A 373 -15.73 19.95 -27.49
C GLU A 373 -15.40 21.32 -26.90
N TRP A 374 -15.02 22.29 -27.74
CA TRP A 374 -14.70 23.61 -27.25
C TRP A 374 -15.99 24.36 -26.92
N LEU A 375 -16.95 24.35 -27.85
CA LEU A 375 -18.21 25.05 -27.65
C LEU A 375 -19.02 24.51 -26.45
N THR A 376 -18.79 23.23 -26.16
CA THR A 376 -19.40 22.49 -25.06
C THR A 376 -18.87 22.97 -23.70
N ARG A 377 -17.60 23.35 -23.66
CA ARG A 377 -16.98 23.76 -22.40
C ARG A 377 -16.71 25.24 -22.34
N ILE A 378 -16.60 25.87 -23.50
CA ILE A 378 -16.29 27.29 -23.53
C ILE A 378 -17.09 28.01 -24.62
N PRO A 379 -18.44 28.01 -24.52
CA PRO A 379 -19.31 28.66 -25.51
C PRO A 379 -19.05 30.14 -25.71
N ASP A 380 -18.50 30.81 -24.72
CA ASP A 380 -18.28 32.24 -24.90
C ASP A 380 -16.85 32.63 -24.69
N PHE A 381 -16.26 33.18 -25.75
CA PHE A 381 -14.87 33.60 -25.68
C PHE A 381 -14.60 34.67 -26.70
N SER A 382 -13.63 35.50 -26.41
CA SER A 382 -13.31 36.55 -27.34
C SER A 382 -11.81 36.72 -27.44
N ILE A 383 -11.41 37.47 -28.45
CA ILE A 383 -10.01 37.77 -28.63
C ILE A 383 -9.58 38.68 -27.47
N ALA A 384 -8.36 38.51 -26.98
CA ALA A 384 -7.88 39.37 -25.93
C ALA A 384 -8.13 40.82 -26.34
N PRO A 385 -8.42 41.69 -25.36
CA PRO A 385 -8.69 43.12 -25.59
C PRO A 385 -7.61 43.91 -26.34
N GLY A 386 -7.98 44.50 -27.47
CA GLY A 386 -7.02 45.28 -28.24
C GLY A 386 -6.03 44.48 -29.06
N ALA A 387 -5.97 43.17 -28.85
CA ALA A 387 -5.06 42.33 -29.61
C ALA A 387 -5.18 42.51 -31.14
N GLN A 388 -4.06 42.78 -31.80
CA GLN A 388 -3.98 42.97 -33.26
C GLN A 388 -3.50 41.67 -33.97
N ILE A 389 -4.44 40.85 -34.40
CA ILE A 389 -4.08 39.58 -35.03
C ILE A 389 -3.36 39.68 -36.36
N GLN A 390 -2.23 39.00 -36.46
CA GLN A 390 -1.44 38.98 -37.67
C GLN A 390 -1.43 37.63 -38.33
N HIS A 391 -1.65 37.63 -39.64
CA HIS A 391 -1.60 36.40 -40.42
C HIS A 391 -0.22 36.37 -41.08
N LYS A 392 0.13 35.23 -41.66
CA LYS A 392 1.39 35.07 -42.36
C LYS A 392 1.07 34.30 -43.64
N SER A 393 1.64 34.76 -44.75
CA SER A 393 1.37 34.13 -46.03
C SER A 393 2.51 33.27 -46.56
N GLY A 394 2.16 32.21 -47.32
CA GLY A 394 3.15 31.35 -47.93
C GLY A 394 2.46 30.18 -48.64
N ILE A 395 3.15 29.05 -48.77
CA ILE A 395 2.54 27.88 -49.40
C ILE A 395 1.32 27.52 -48.55
N VAL A 396 1.45 27.67 -47.25
CA VAL A 396 0.34 27.43 -46.32
C VAL A 396 0.29 28.73 -45.54
N SER A 397 -0.87 29.38 -45.49
CA SER A 397 -0.90 30.60 -44.73
C SER A 397 -1.25 30.20 -43.30
N GLY A 398 -1.05 31.11 -42.34
CA GLY A 398 -1.32 30.78 -40.95
C GLY A 398 -1.49 31.98 -40.06
N VAL A 399 -1.68 31.72 -38.78
CA VAL A 399 -1.87 32.77 -37.78
C VAL A 399 -0.64 32.85 -36.85
N GLN A 400 -0.16 34.06 -36.59
CA GLN A 400 1.02 34.25 -35.74
C GLN A 400 0.75 33.91 -34.29
N ALA A 401 -0.35 34.45 -33.75
CA ALA A 401 -0.77 34.17 -32.38
C ALA A 401 -2.22 34.57 -32.27
N LEU A 402 -2.93 33.96 -31.33
CA LEU A 402 -4.35 34.24 -31.10
C LEU A 402 -4.60 34.24 -29.59
N PRO A 403 -4.48 35.41 -28.93
CA PRO A 403 -4.76 35.35 -27.50
C PRO A 403 -6.28 35.29 -27.24
N LEU A 404 -6.76 34.30 -26.51
CA LEU A 404 -8.18 34.22 -26.22
C LEU A 404 -8.41 34.40 -24.73
N VAL A 405 -9.56 34.99 -24.41
CA VAL A 405 -9.96 35.26 -23.03
C VAL A 405 -11.42 34.86 -22.84
N TRP A 406 -11.78 34.47 -21.63
CA TRP A 406 -13.16 34.15 -21.28
C TRP A 406 -13.30 34.15 -19.78
N ASP A 407 -14.55 34.21 -19.33
CA ASP A 407 -14.94 34.20 -17.92
C ASP A 407 -15.20 32.74 -17.52
N PRO A 408 -14.36 32.17 -16.63
CA PRO A 408 -14.48 30.79 -16.15
C PRO A 408 -15.87 30.39 -15.69
N ALA A 409 -16.58 31.38 -15.17
CA ALA A 409 -17.95 31.21 -14.68
C ALA A 409 -18.90 30.77 -15.81
N THR A 410 -18.62 31.19 -17.04
CA THR A 410 -19.46 30.82 -18.18
C THR A 410 -19.15 29.44 -18.72
N THR A 411 -18.12 28.80 -18.19
CA THR A 411 -17.72 27.50 -18.68
C THR A 411 -18.42 26.31 -18.03
N LYS A 412 -18.30 25.15 -18.66
CA LYS A 412 -18.93 23.94 -18.15
C LYS A 412 -18.02 22.74 -18.34
N ALA A 413 -17.62 22.11 -17.24
CA ALA A 413 -16.78 20.94 -17.37
C ALA A 413 -17.67 19.79 -17.84
N VAL A 414 -17.05 18.79 -18.44
CA VAL A 414 -17.77 17.60 -18.90
C VAL A 414 -17.47 16.46 -17.92
N ASN B 10 5.83 -0.12 -12.13
CA ASN B 10 6.25 -1.12 -13.14
C ASN B 10 5.10 -1.69 -14.00
N LEU B 11 4.98 -1.19 -15.22
CA LEU B 11 3.96 -1.67 -16.14
C LEU B 11 4.68 -1.98 -17.44
N ALA B 12 4.76 -3.24 -17.83
CA ALA B 12 5.46 -3.58 -19.07
C ALA B 12 5.01 -2.61 -20.14
N PRO B 13 5.90 -2.27 -21.07
CA PRO B 13 5.47 -1.32 -22.11
C PRO B 13 4.38 -1.95 -22.98
N LEU B 14 3.27 -1.25 -23.13
CA LEU B 14 2.17 -1.70 -23.96
C LEU B 14 2.75 -2.09 -25.31
N PRO B 15 2.62 -3.36 -25.72
CA PRO B 15 3.14 -3.85 -27.00
C PRO B 15 2.37 -3.21 -28.16
N PRO B 16 3.00 -3.14 -29.36
CA PRO B 16 2.41 -2.56 -30.56
C PRO B 16 0.94 -2.88 -30.86
N HIS B 17 0.56 -4.16 -30.86
CA HIS B 17 -0.81 -4.51 -31.17
C HIS B 17 -1.85 -4.23 -30.10
N VAL B 18 -1.47 -4.22 -28.83
CA VAL B 18 -2.49 -3.92 -27.83
C VAL B 18 -2.97 -2.47 -27.98
N PRO B 19 -4.28 -2.27 -28.20
CA PRO B 19 -4.95 -0.96 -28.37
C PRO B 19 -5.05 -0.29 -27.00
N GLU B 20 -4.84 1.03 -26.93
CA GLU B 20 -4.90 1.71 -25.64
C GLU B 20 -6.26 1.61 -24.96
N HIS B 21 -7.34 1.44 -25.73
CA HIS B 21 -8.65 1.36 -25.07
C HIS B 21 -8.95 0.02 -24.38
N LEU B 22 -8.01 -0.93 -24.44
CA LEU B 22 -8.24 -2.19 -23.76
C LEU B 22 -7.32 -2.36 -22.55
N VAL B 23 -6.46 -1.36 -22.31
CA VAL B 23 -5.55 -1.41 -21.19
C VAL B 23 -6.23 -1.16 -19.86
N PHE B 24 -6.14 -2.15 -18.97
CA PHE B 24 -6.72 -2.08 -17.65
C PHE B 24 -5.73 -2.78 -16.76
N ASP B 25 -4.81 -2.00 -16.21
CA ASP B 25 -3.74 -2.52 -15.36
C ASP B 25 -4.11 -3.26 -14.08
N PHE B 26 -4.81 -4.39 -14.19
CA PHE B 26 -5.15 -5.19 -13.01
C PHE B 26 -3.94 -6.06 -12.66
N ASP B 27 -3.57 -6.07 -11.39
CA ASP B 27 -2.41 -6.83 -10.92
C ASP B 27 -2.82 -8.09 -10.12
N MET B 28 -2.92 -9.23 -10.80
CA MET B 28 -3.32 -10.48 -10.16
C MET B 28 -2.67 -10.80 -8.81
N TYR B 29 -1.54 -10.19 -8.50
CA TYR B 29 -0.90 -10.53 -7.23
C TYR B 29 -1.05 -9.51 -6.13
N ASN B 30 -1.74 -8.43 -6.45
CA ASN B 30 -2.00 -7.37 -5.50
C ASN B 30 -3.09 -6.50 -6.08
N PRO B 31 -4.30 -7.05 -6.21
CA PRO B 31 -5.42 -6.30 -6.75
C PRO B 31 -5.76 -5.06 -5.92
N SER B 32 -6.26 -4.02 -6.60
CA SER B 32 -6.64 -2.74 -6.00
C SER B 32 -7.64 -2.85 -4.86
N ASN B 33 -8.83 -3.37 -5.14
CA ASN B 33 -9.82 -3.45 -4.06
C ASN B 33 -9.61 -4.58 -3.10
N LEU B 34 -8.37 -5.00 -2.92
CA LEU B 34 -8.08 -6.12 -2.04
C LEU B 34 -8.80 -6.12 -0.72
N SER B 35 -8.78 -5.00 -0.01
CA SER B 35 -9.45 -4.94 1.29
C SER B 35 -10.94 -5.21 1.29
N ALA B 36 -11.60 -5.12 0.12
CA ALA B 36 -13.04 -5.36 0.06
C ALA B 36 -13.38 -6.85 -0.03
N GLY B 37 -12.36 -7.63 -0.35
CA GLY B 37 -12.53 -9.06 -0.49
C GLY B 37 -11.74 -9.42 -1.72
N VAL B 38 -10.98 -10.52 -1.68
CA VAL B 38 -10.19 -10.86 -2.82
C VAL B 38 -11.11 -11.17 -3.99
N GLN B 39 -12.24 -11.82 -3.72
CA GLN B 39 -13.13 -12.10 -4.85
C GLN B 39 -13.67 -10.80 -5.43
N GLU B 40 -14.05 -9.88 -4.55
CA GLU B 40 -14.58 -8.58 -4.95
C GLU B 40 -13.55 -7.79 -5.82
N ALA B 41 -12.32 -7.69 -5.35
CA ALA B 41 -11.31 -6.97 -6.11
C ALA B 41 -11.17 -7.53 -7.53
N TRP B 42 -11.34 -8.83 -7.69
CA TRP B 42 -11.20 -9.38 -9.05
C TRP B 42 -12.46 -9.00 -9.84
N ALA B 43 -13.56 -8.86 -9.09
CA ALA B 43 -14.88 -8.53 -9.63
C ALA B 43 -14.96 -7.14 -10.31
N VAL B 44 -13.89 -6.37 -10.19
CA VAL B 44 -13.86 -5.05 -10.82
C VAL B 44 -13.64 -5.26 -12.32
N LEU B 45 -13.05 -6.40 -12.69
CA LEU B 45 -12.82 -6.70 -14.09
C LEU B 45 -14.17 -6.99 -14.73
N GLN B 46 -15.21 -7.07 -13.90
CA GLN B 46 -16.54 -7.36 -14.42
C GLN B 46 -17.48 -6.17 -14.43
N GLU B 47 -16.98 -5.02 -13.99
CA GLU B 47 -17.78 -3.81 -14.03
C GLU B 47 -18.30 -3.59 -15.49
N SER B 48 -19.49 -3.00 -15.58
CA SER B 48 -20.17 -2.72 -16.85
C SER B 48 -19.34 -1.83 -17.76
N ASN B 49 -18.34 -1.21 -17.17
CA ASN B 49 -17.43 -0.29 -17.86
C ASN B 49 -16.07 -0.94 -18.18
N VAL B 50 -16.06 -2.26 -18.33
CA VAL B 50 -14.84 -2.97 -18.62
C VAL B 50 -15.06 -3.95 -19.76
N PRO B 51 -14.15 -3.94 -20.75
CA PRO B 51 -14.20 -4.82 -21.92
C PRO B 51 -14.21 -6.29 -21.54
N ASP B 52 -14.72 -7.14 -22.42
CA ASP B 52 -14.71 -8.58 -22.15
C ASP B 52 -13.28 -9.06 -22.14
N LEU B 53 -12.44 -8.40 -22.92
CA LEU B 53 -11.05 -8.79 -23.04
C LEU B 53 -10.16 -7.54 -22.91
N VAL B 54 -9.44 -7.43 -21.80
CA VAL B 54 -8.56 -6.27 -21.53
C VAL B 54 -7.09 -6.65 -21.48
N TRP B 55 -6.20 -5.67 -21.55
CA TRP B 55 -4.79 -5.97 -21.46
C TRP B 55 -4.20 -5.39 -20.19
N THR B 56 -3.58 -6.23 -19.37
CA THR B 56 -2.97 -5.69 -18.18
C THR B 56 -1.51 -5.47 -18.47
N ARG B 57 -0.98 -4.38 -17.97
CA ARG B 57 0.41 -4.12 -18.23
C ARG B 57 1.24 -4.61 -17.08
N CYS B 58 0.58 -5.05 -16.01
CA CYS B 58 1.33 -5.56 -14.86
C CYS B 58 1.91 -6.93 -15.16
N ASN B 59 2.89 -7.33 -14.36
CA ASN B 59 3.51 -8.63 -14.50
C ASN B 59 3.92 -9.06 -15.91
N GLY B 60 4.64 -8.19 -16.62
CA GLY B 60 5.14 -8.53 -17.93
C GLY B 60 4.15 -8.27 -19.05
N GLY B 61 2.89 -8.07 -18.67
CA GLY B 61 1.85 -7.79 -19.63
C GLY B 61 1.14 -9.04 -20.08
N HIS B 62 -0.19 -9.03 -20.04
CA HIS B 62 -0.96 -10.22 -20.43
C HIS B 62 -2.42 -9.87 -20.64
N TRP B 63 -3.13 -10.68 -21.40
CA TRP B 63 -4.55 -10.44 -21.62
C TRP B 63 -5.30 -11.04 -20.45
N ILE B 64 -6.50 -10.56 -20.21
CA ILE B 64 -7.36 -11.04 -19.14
C ILE B 64 -8.79 -11.13 -19.64
N ALA B 65 -9.30 -12.36 -19.76
CA ALA B 65 -10.67 -12.62 -20.15
C ALA B 65 -11.46 -12.25 -18.90
N THR B 66 -12.47 -11.39 -19.04
CA THR B 66 -13.28 -10.95 -17.91
C THR B 66 -14.62 -11.62 -17.62
N ARG B 67 -15.20 -12.33 -18.58
CA ARG B 67 -16.51 -12.98 -18.37
C ARG B 67 -16.40 -14.46 -18.62
N GLY B 68 -17.30 -15.22 -18.02
CA GLY B 68 -17.24 -16.67 -18.15
C GLY B 68 -17.25 -17.21 -19.57
N GLN B 69 -18.10 -16.61 -20.37
CA GLN B 69 -18.26 -17.03 -21.73
C GLN B 69 -16.93 -17.09 -22.46
N LEU B 70 -16.14 -16.05 -22.30
CA LEU B 70 -14.85 -16.04 -22.97
C LEU B 70 -13.94 -17.05 -22.29
N ILE B 71 -13.91 -16.97 -20.96
CA ILE B 71 -13.08 -17.88 -20.18
C ILE B 71 -13.37 -19.32 -20.60
N ARG B 72 -14.64 -19.73 -20.62
CA ARG B 72 -14.97 -21.10 -21.05
C ARG B 72 -14.50 -21.36 -22.45
N GLU B 73 -14.88 -20.46 -23.34
CA GLU B 73 -14.53 -20.60 -24.74
C GLU B 73 -13.04 -20.83 -24.93
N ALA B 74 -12.21 -20.10 -24.20
CA ALA B 74 -10.78 -20.28 -24.33
C ALA B 74 -10.25 -21.60 -23.77
N TYR B 75 -10.66 -21.97 -22.56
CA TYR B 75 -10.14 -23.20 -21.96
C TYR B 75 -10.41 -24.36 -22.86
N GLU B 76 -11.51 -24.26 -23.59
CA GLU B 76 -11.95 -25.30 -24.51
C GLU B 76 -11.14 -25.38 -25.79
N ASP B 77 -10.62 -24.25 -26.26
CA ASP B 77 -9.87 -24.23 -27.52
C ASP B 77 -8.37 -24.33 -27.34
N TYR B 78 -7.91 -25.55 -27.14
CA TYR B 78 -6.51 -25.77 -26.91
C TYR B 78 -5.62 -25.60 -28.10
N ARG B 79 -6.17 -25.56 -29.30
CA ARG B 79 -5.31 -25.36 -30.47
C ARG B 79 -4.76 -23.92 -30.39
N HIS B 80 -5.63 -22.96 -30.11
CA HIS B 80 -5.24 -21.55 -30.00
C HIS B 80 -4.74 -21.13 -28.63
N PHE B 81 -5.30 -21.74 -27.57
CA PHE B 81 -4.93 -21.43 -26.19
C PHE B 81 -4.27 -22.59 -25.47
N SER B 82 -2.96 -22.70 -25.69
CA SER B 82 -2.13 -23.76 -25.15
C SER B 82 -1.76 -23.72 -23.67
N SER B 83 -1.66 -24.89 -23.08
CA SER B 83 -1.26 -25.05 -21.68
C SER B 83 0.25 -25.08 -21.55
N GLU B 84 0.98 -24.98 -22.66
CA GLU B 84 2.45 -25.01 -22.59
C GLU B 84 3.05 -24.01 -21.61
N CYS B 85 2.48 -22.80 -21.54
CA CYS B 85 2.92 -21.72 -20.63
C CYS B 85 1.64 -21.32 -19.94
N PRO B 86 1.28 -22.03 -18.87
CA PRO B 86 0.05 -21.72 -18.15
C PRO B 86 0.17 -20.73 -17.02
N TRP B 87 1.37 -20.28 -16.71
CA TRP B 87 1.56 -19.34 -15.60
C TRP B 87 2.12 -17.96 -15.87
N ILE B 88 1.65 -17.01 -15.08
CA ILE B 88 2.11 -15.65 -15.12
C ILE B 88 2.96 -15.51 -13.87
N PRO B 89 4.14 -14.88 -13.99
CA PRO B 89 4.67 -14.30 -15.24
C PRO B 89 5.25 -15.32 -16.20
N ARG B 90 5.57 -14.86 -17.40
CA ARG B 90 6.12 -15.69 -18.47
C ARG B 90 7.30 -16.56 -18.04
N GLU B 91 8.15 -16.02 -17.18
CA GLU B 91 9.30 -16.77 -16.75
C GLU B 91 8.85 -17.97 -15.95
N ALA B 92 7.79 -17.79 -15.15
CA ALA B 92 7.26 -18.88 -14.34
C ALA B 92 6.57 -19.78 -15.35
N GLY B 93 5.71 -19.16 -16.17
CA GLY B 93 4.97 -19.92 -17.16
C GLY B 93 5.89 -20.79 -18.00
N GLU B 94 7.09 -20.29 -18.26
CA GLU B 94 8.04 -21.02 -19.05
C GLU B 94 8.74 -22.10 -18.25
N ALA B 95 8.94 -21.87 -16.95
CA ALA B 95 9.58 -22.90 -16.15
C ALA B 95 8.58 -23.99 -15.76
N PHE B 96 7.30 -23.63 -15.76
CA PHE B 96 6.21 -24.54 -15.41
C PHE B 96 6.21 -25.74 -16.34
N ASP B 97 6.64 -26.90 -15.84
CA ASP B 97 6.66 -28.11 -16.70
C ASP B 97 5.92 -29.28 -16.05
N PHE B 98 5.08 -28.97 -15.06
CA PHE B 98 4.34 -30.03 -14.35
C PHE B 98 3.48 -30.80 -15.31
N ILE B 99 3.19 -32.04 -14.91
CA ILE B 99 2.37 -32.91 -15.73
C ILE B 99 1.13 -33.24 -14.97
N PRO B 100 -0.03 -33.32 -15.66
CA PRO B 100 -0.19 -33.09 -17.11
C PRO B 100 -0.57 -31.65 -17.48
N THR B 101 -0.64 -30.78 -16.48
CA THR B 101 -1.02 -29.40 -16.63
C THR B 101 -0.27 -28.61 -17.71
N SER B 102 1.02 -28.85 -17.90
CA SER B 102 1.74 -28.14 -18.92
C SER B 102 1.53 -28.76 -20.32
N MET B 103 0.75 -29.84 -20.39
CA MET B 103 0.47 -30.53 -21.66
C MET B 103 -0.94 -30.24 -22.26
N ASP B 104 -1.05 -30.27 -23.59
CA ASP B 104 -2.32 -30.04 -24.27
C ASP B 104 -2.72 -31.37 -24.86
N PRO B 105 -4.02 -31.56 -25.14
CA PRO B 105 -4.44 -32.83 -25.73
C PRO B 105 -3.65 -32.87 -27.05
N PRO B 106 -3.36 -34.05 -27.59
CA PRO B 106 -3.73 -35.37 -27.08
C PRO B 106 -2.68 -35.98 -26.18
N GLU B 107 -1.49 -35.39 -26.16
CA GLU B 107 -0.45 -35.97 -25.35
C GLU B 107 -0.78 -35.93 -23.86
N GLN B 108 -1.40 -34.83 -23.41
CA GLN B 108 -1.80 -34.66 -22.02
C GLN B 108 -2.66 -35.81 -21.54
N ARG B 109 -3.42 -36.42 -22.45
CA ARG B 109 -4.34 -37.48 -22.08
C ARG B 109 -3.78 -38.70 -21.35
N GLN B 110 -2.82 -39.43 -21.92
CA GLN B 110 -2.31 -40.61 -21.21
C GLN B 110 -1.84 -40.31 -19.80
N PHE B 111 -1.57 -39.05 -19.52
CA PHE B 111 -1.14 -38.70 -18.18
C PHE B 111 -2.26 -38.52 -17.16
N ARG B 112 -3.43 -38.02 -17.57
CA ARG B 112 -4.50 -37.84 -16.60
C ARG B 112 -4.95 -39.13 -15.97
N ALA B 113 -5.00 -40.20 -16.76
CA ALA B 113 -5.46 -41.47 -16.22
C ALA B 113 -4.62 -41.86 -15.01
N LEU B 114 -3.31 -41.90 -15.20
CA LEU B 114 -2.45 -42.28 -14.09
C LEU B 114 -2.69 -41.36 -12.91
N ALA B 115 -2.71 -40.05 -13.16
CA ALA B 115 -2.94 -39.12 -12.06
C ALA B 115 -4.30 -39.33 -11.41
N ASN B 116 -5.33 -39.59 -12.21
CA ASN B 116 -6.67 -39.77 -11.65
C ASN B 116 -6.73 -41.00 -10.78
N GLN B 117 -5.78 -41.88 -11.00
CA GLN B 117 -5.70 -43.11 -10.27
C GLN B 117 -5.18 -42.95 -8.85
N VAL B 118 -4.43 -41.89 -8.63
CA VAL B 118 -3.85 -41.65 -7.32
C VAL B 118 -4.51 -40.56 -6.46
N VAL B 119 -5.41 -39.76 -7.05
CA VAL B 119 -6.12 -38.70 -6.33
C VAL B 119 -7.58 -38.67 -6.71
N GLY B 120 -7.97 -39.63 -7.54
CA GLY B 120 -9.33 -39.73 -8.02
C GLY B 120 -10.28 -40.27 -6.99
N MET B 121 -11.50 -40.56 -7.43
CA MET B 121 -12.61 -41.01 -6.59
C MET B 121 -12.53 -42.31 -5.81
N PRO B 122 -11.72 -43.28 -6.28
CA PRO B 122 -11.64 -44.53 -5.52
C PRO B 122 -10.67 -44.34 -4.37
N VAL B 123 -9.72 -43.45 -4.59
CA VAL B 123 -8.73 -43.07 -3.59
C VAL B 123 -9.51 -42.32 -2.49
N VAL B 124 -10.48 -41.51 -2.88
CA VAL B 124 -11.30 -40.83 -1.89
C VAL B 124 -12.02 -41.92 -1.08
N ASP B 125 -12.52 -42.97 -1.75
CA ASP B 125 -13.20 -44.06 -1.01
C ASP B 125 -12.24 -44.60 0.03
N LYS B 126 -11.07 -45.01 -0.45
CA LYS B 126 -10.05 -45.55 0.42
C LYS B 126 -9.90 -44.68 1.65
N LEU B 127 -9.84 -43.38 1.41
CA LEU B 127 -9.63 -42.38 2.44
C LEU B 127 -10.81 -41.98 3.31
N GLU B 128 -12.00 -42.40 2.91
CA GLU B 128 -13.25 -42.11 3.63
C GLU B 128 -12.99 -41.99 5.15
N ASN B 129 -12.73 -43.11 5.79
CA ASN B 129 -12.44 -43.14 7.22
C ASN B 129 -11.42 -42.12 7.73
N ARG B 130 -10.21 -42.09 7.18
CA ARG B 130 -9.22 -41.13 7.69
C ARG B 130 -9.68 -39.67 7.62
N ILE B 131 -10.26 -39.27 6.49
CA ILE B 131 -10.76 -37.90 6.32
C ILE B 131 -11.74 -37.58 7.45
N GLN B 132 -12.73 -38.45 7.59
CA GLN B 132 -13.77 -38.35 8.62
C GLN B 132 -13.18 -38.32 10.03
N GLU B 133 -12.25 -39.22 10.31
CA GLU B 133 -11.68 -39.27 11.63
C GLU B 133 -10.80 -38.07 11.98
N LEU B 134 -9.98 -37.59 11.04
CA LEU B 134 -9.13 -36.45 11.32
C LEU B 134 -9.97 -35.19 11.53
N ALA B 135 -10.96 -35.01 10.66
CA ALA B 135 -11.90 -33.88 10.74
C ALA B 135 -12.53 -33.83 12.15
N CYS B 136 -13.18 -34.91 12.56
CA CYS B 136 -13.80 -34.94 13.88
C CYS B 136 -12.81 -34.65 14.98
N SER B 137 -11.69 -35.35 14.97
CA SER B 137 -10.65 -35.21 15.97
C SER B 137 -10.13 -33.79 16.09
N LEU B 138 -9.89 -33.16 14.96
CA LEU B 138 -9.37 -31.79 14.97
C LEU B 138 -10.43 -30.86 15.59
N ILE B 139 -11.67 -30.98 15.15
CA ILE B 139 -12.73 -30.13 15.69
C ILE B 139 -13.05 -30.41 17.19
N GLU B 140 -13.18 -31.66 17.58
CA GLU B 140 -13.49 -31.95 18.97
C GLU B 140 -12.39 -31.42 19.89
N SER B 141 -11.18 -31.31 19.35
CA SER B 141 -10.09 -30.84 20.17
C SER B 141 -10.13 -29.33 20.34
N LEU B 142 -10.85 -28.65 19.45
CA LEU B 142 -10.94 -27.20 19.50
C LEU B 142 -12.20 -26.77 20.21
N ARG B 143 -13.22 -27.60 20.09
CA ARG B 143 -14.54 -27.31 20.68
C ARG B 143 -14.53 -26.68 22.07
N PRO B 144 -13.91 -27.32 23.06
CA PRO B 144 -13.88 -26.75 24.43
C PRO B 144 -13.20 -25.38 24.60
N GLN B 145 -12.27 -25.05 23.71
CA GLN B 145 -11.52 -23.81 23.79
C GLN B 145 -12.31 -22.53 23.53
N GLY B 146 -13.40 -22.60 22.78
CA GLY B 146 -14.17 -21.40 22.52
C GLY B 146 -13.44 -20.46 21.55
N GLN B 147 -12.37 -20.92 20.92
CA GLN B 147 -11.58 -20.14 19.96
C GLN B 147 -10.53 -20.98 19.20
N CYS B 148 -9.94 -20.39 18.16
CA CYS B 148 -8.92 -21.05 17.36
C CYS B 148 -8.49 -20.12 16.23
N ASN B 149 -7.30 -20.34 15.65
CA ASN B 149 -6.88 -19.56 14.48
C ASN B 149 -7.09 -20.59 13.42
N PHE B 150 -8.27 -20.54 12.86
CA PHE B 150 -8.71 -21.48 11.87
C PHE B 150 -7.75 -21.85 10.76
N THR B 151 -6.94 -20.92 10.24
CA THR B 151 -6.06 -21.28 9.13
C THR B 151 -5.01 -22.26 9.56
N GLU B 152 -4.28 -21.89 10.61
CA GLU B 152 -3.23 -22.74 11.14
C GLU B 152 -3.77 -23.93 11.93
N ASP B 153 -4.92 -23.77 12.57
CA ASP B 153 -5.49 -24.84 13.41
C ASP B 153 -6.28 -25.96 12.75
N TYR B 154 -6.83 -25.68 11.57
CA TYR B 154 -7.63 -26.66 10.89
C TYR B 154 -7.48 -26.55 9.40
N ALA B 155 -7.72 -25.36 8.86
CA ALA B 155 -7.63 -25.16 7.39
C ALA B 155 -6.39 -25.79 6.76
N GLU B 156 -5.27 -25.69 7.46
CA GLU B 156 -4.04 -26.25 6.94
C GLU B 156 -3.79 -27.73 7.28
N PRO B 157 -3.87 -28.10 8.55
CA PRO B 157 -3.60 -29.51 8.85
C PRO B 157 -4.55 -30.57 8.37
N PHE B 158 -5.84 -30.27 8.33
CA PHE B 158 -6.79 -31.29 7.89
C PHE B 158 -6.50 -31.73 6.44
N PRO B 159 -6.44 -30.79 5.48
CA PRO B 159 -6.16 -31.16 4.09
C PRO B 159 -4.75 -31.71 3.86
N ILE B 160 -3.78 -31.06 4.49
CA ILE B 160 -2.39 -31.46 4.33
C ILE B 160 -1.97 -32.78 5.01
N ARG B 161 -2.42 -33.04 6.24
CA ARG B 161 -2.03 -34.28 6.90
C ARG B 161 -2.63 -35.41 6.10
N ILE B 162 -3.79 -35.15 5.51
CA ILE B 162 -4.49 -36.12 4.68
C ILE B 162 -3.71 -36.34 3.40
N PHE B 163 -3.22 -35.25 2.81
CA PHE B 163 -2.46 -35.41 1.60
C PHE B 163 -1.11 -36.06 1.86
N MET B 164 -0.50 -35.70 2.99
CA MET B 164 0.81 -36.24 3.38
C MET B 164 0.63 -37.71 3.74
N LEU B 165 -0.59 -38.08 4.10
CA LEU B 165 -0.84 -39.46 4.43
C LEU B 165 -0.93 -40.28 3.14
N LEU B 166 -1.67 -39.73 2.17
CA LEU B 166 -1.88 -40.36 0.88
C LEU B 166 -0.57 -40.51 0.12
N ALA B 167 0.34 -39.59 0.38
CA ALA B 167 1.63 -39.59 -0.29
C ALA B 167 2.69 -40.22 0.60
N GLY B 168 2.25 -40.74 1.74
CA GLY B 168 3.22 -41.33 2.64
C GLY B 168 4.45 -40.45 2.86
N LEU B 169 4.26 -39.16 3.11
CA LEU B 169 5.39 -38.31 3.35
C LEU B 169 5.30 -37.94 4.85
N PRO B 170 6.44 -37.81 5.55
CA PRO B 170 6.37 -37.45 6.98
C PRO B 170 5.79 -36.05 7.18
N GLU B 171 5.06 -35.87 8.28
CA GLU B 171 4.43 -34.58 8.55
C GLU B 171 5.44 -33.53 8.90
N GLU B 172 6.60 -33.99 9.37
CA GLU B 172 7.64 -33.09 9.74
C GLU B 172 8.16 -32.30 8.55
N ASP B 173 7.77 -32.72 7.34
CA ASP B 173 8.18 -32.08 6.08
C ASP B 173 7.17 -31.05 5.66
N ILE B 174 6.05 -30.99 6.35
CA ILE B 174 5.03 -30.02 5.94
C ILE B 174 5.47 -28.58 5.87
N PRO B 175 6.21 -28.08 6.87
CA PRO B 175 6.59 -26.66 6.75
C PRO B 175 7.39 -26.33 5.50
N HIS B 176 8.32 -27.19 5.16
CA HIS B 176 9.14 -26.97 3.99
C HIS B 176 8.33 -26.95 2.68
N LEU B 177 7.53 -27.98 2.51
CA LEU B 177 6.73 -28.14 1.32
C LEU B 177 5.68 -27.06 1.20
N LYS B 178 5.04 -26.68 2.31
CA LYS B 178 4.04 -25.62 2.25
C LYS B 178 4.66 -24.30 1.78
N TYR B 179 5.87 -24.04 2.25
CA TYR B 179 6.55 -22.81 1.87
C TYR B 179 6.84 -22.80 0.38
N LEU B 180 7.39 -23.90 -0.10
CA LEU B 180 7.70 -24.04 -1.52
C LEU B 180 6.43 -23.88 -2.34
N THR B 181 5.40 -24.57 -1.89
CA THR B 181 4.12 -24.55 -2.52
C THR B 181 3.57 -23.12 -2.62
N ASP B 182 3.63 -22.39 -1.51
CA ASP B 182 3.16 -21.02 -1.46
C ASP B 182 3.88 -20.09 -2.44
N GLN B 183 5.18 -20.31 -2.66
CA GLN B 183 5.95 -19.42 -3.52
C GLN B 183 5.42 -19.55 -4.93
N MET B 184 4.99 -20.75 -5.27
CA MET B 184 4.46 -20.95 -6.60
C MET B 184 3.12 -20.24 -6.76
N THR B 185 2.31 -20.10 -5.71
CA THR B 185 1.00 -19.44 -5.90
C THR B 185 0.90 -17.96 -5.53
N ARG B 186 1.60 -17.60 -4.44
CA ARG B 186 1.60 -16.25 -3.89
C ARG B 186 3.01 -15.94 -3.39
N PRO B 187 3.99 -15.86 -4.30
CA PRO B 187 5.38 -15.58 -3.88
C PRO B 187 5.52 -14.35 -2.99
N ASP B 188 6.32 -14.48 -1.93
CA ASP B 188 6.57 -13.34 -1.04
C ASP B 188 7.77 -12.54 -1.54
N GLY B 189 8.43 -13.04 -2.58
CA GLY B 189 9.59 -12.35 -3.12
C GLY B 189 10.84 -13.17 -2.91
N SER B 190 10.72 -14.16 -2.03
CA SER B 190 11.81 -15.07 -1.70
C SER B 190 12.44 -15.74 -2.90
N MET B 191 11.69 -16.64 -3.52
CA MET B 191 12.23 -17.33 -4.66
C MET B 191 11.33 -17.25 -5.87
N THR B 192 11.93 -17.42 -7.04
CA THR B 192 11.16 -17.41 -8.26
C THR B 192 10.44 -18.75 -8.37
N PHE B 193 9.47 -18.80 -9.26
CA PHE B 193 8.75 -20.02 -9.46
C PHE B 193 9.78 -21.12 -9.71
N ALA B 194 10.63 -20.89 -10.70
CA ALA B 194 11.67 -21.88 -11.05
C ALA B 194 12.45 -22.39 -9.84
N GLU B 195 12.75 -21.51 -8.89
CA GLU B 195 13.50 -21.91 -7.71
C GLU B 195 12.62 -22.77 -6.82
N ALA B 196 11.36 -22.39 -6.67
CA ALA B 196 10.47 -23.17 -5.85
C ALA B 196 10.30 -24.53 -6.50
N LYS B 197 10.10 -24.52 -7.82
CA LYS B 197 9.90 -25.78 -8.55
C LYS B 197 11.13 -26.69 -8.32
N GLU B 198 12.31 -26.14 -8.52
CA GLU B 198 13.52 -26.92 -8.32
C GLU B 198 13.70 -27.46 -6.92
N ALA B 199 13.28 -26.68 -5.93
CA ALA B 199 13.39 -27.12 -4.56
C ALA B 199 12.40 -28.26 -4.37
N LEU B 200 11.18 -28.14 -4.91
CA LEU B 200 10.22 -29.24 -4.75
C LEU B 200 10.78 -30.51 -5.42
N TYR B 201 11.29 -30.38 -6.64
CA TYR B 201 11.86 -31.54 -7.33
C TYR B 201 13.03 -32.19 -6.56
N ASP B 202 13.99 -31.39 -6.10
CA ASP B 202 15.12 -31.91 -5.36
C ASP B 202 14.60 -32.76 -4.18
N TYR B 203 13.44 -32.38 -3.66
CA TYR B 203 12.84 -33.09 -2.56
C TYR B 203 12.32 -34.41 -3.10
N LEU B 204 11.66 -34.37 -4.25
CA LEU B 204 11.11 -35.60 -4.80
C LEU B 204 12.08 -36.62 -5.41
N ILE B 205 13.17 -36.16 -6.00
CA ILE B 205 14.12 -37.07 -6.65
C ILE B 205 14.53 -38.33 -5.90
N PRO B 206 15.08 -38.17 -4.68
CA PRO B 206 15.49 -39.39 -3.95
C PRO B 206 14.32 -40.28 -3.61
N ILE B 207 13.21 -39.64 -3.29
CA ILE B 207 12.03 -40.37 -2.88
C ILE B 207 11.48 -41.22 -4.02
N ILE B 208 11.35 -40.62 -5.19
CA ILE B 208 10.83 -41.32 -6.36
C ILE B 208 11.70 -42.51 -6.67
N GLU B 209 13.01 -42.28 -6.71
CA GLU B 209 13.94 -43.35 -7.00
C GLU B 209 13.83 -44.47 -5.99
N GLN B 210 13.76 -44.18 -4.69
CA GLN B 210 13.67 -45.25 -3.72
C GLN B 210 12.33 -45.97 -3.87
N ARG B 211 11.31 -45.29 -4.38
CA ARG B 211 10.04 -45.95 -4.51
C ARG B 211 9.89 -46.76 -5.81
N ARG B 212 10.81 -46.54 -6.74
CA ARG B 212 10.82 -47.35 -7.95
C ARG B 212 11.47 -48.71 -7.58
N GLN B 213 12.61 -48.65 -6.90
CA GLN B 213 13.35 -49.85 -6.49
C GLN B 213 12.61 -50.67 -5.43
N LYS B 214 11.76 -50.01 -4.64
CA LYS B 214 10.98 -50.71 -3.60
C LYS B 214 9.58 -50.09 -3.56
N PRO B 215 8.66 -50.56 -4.42
CA PRO B 215 7.29 -50.05 -4.49
C PRO B 215 6.42 -50.16 -3.26
N GLY B 216 5.76 -49.06 -2.92
CA GLY B 216 4.89 -49.00 -1.77
C GLY B 216 3.43 -48.90 -2.16
N THR B 217 2.60 -48.36 -1.27
CA THR B 217 1.15 -48.23 -1.49
C THR B 217 0.71 -46.77 -1.73
N ASP B 218 1.59 -45.84 -1.36
CA ASP B 218 1.40 -44.38 -1.43
C ASP B 218 1.30 -43.80 -2.84
N ALA B 219 0.73 -42.62 -2.94
CA ALA B 219 0.58 -41.97 -4.22
C ALA B 219 1.91 -41.82 -5.01
N ILE B 220 3.03 -41.61 -4.32
CA ILE B 220 4.26 -41.46 -5.08
C ILE B 220 4.76 -42.75 -5.67
N SER B 221 4.56 -43.86 -4.96
CA SER B 221 4.95 -45.17 -5.49
C SER B 221 4.06 -45.45 -6.67
N ILE B 222 2.78 -45.16 -6.51
CA ILE B 222 1.83 -45.45 -7.56
C ILE B 222 2.17 -44.73 -8.84
N VAL B 223 2.66 -43.51 -8.74
CA VAL B 223 2.99 -42.78 -9.93
C VAL B 223 4.33 -43.23 -10.49
N ALA B 224 5.35 -43.31 -9.65
CA ALA B 224 6.68 -43.66 -10.15
C ALA B 224 6.79 -45.04 -10.75
N ASN B 225 5.89 -45.93 -10.38
CA ASN B 225 5.94 -47.28 -10.93
C ASN B 225 4.79 -47.52 -11.88
N GLY B 226 4.14 -46.44 -12.31
CA GLY B 226 2.96 -46.55 -13.16
C GLY B 226 3.16 -46.58 -14.66
N GLN B 227 2.05 -46.69 -15.38
CA GLN B 227 2.06 -46.72 -16.83
C GLN B 227 1.21 -45.63 -17.49
N VAL B 228 1.52 -45.35 -18.75
CA VAL B 228 0.80 -44.33 -19.55
C VAL B 228 0.65 -44.91 -20.98
N ASN B 229 -0.58 -45.25 -21.39
CA ASN B 229 -0.80 -45.86 -22.70
C ASN B 229 0.03 -47.12 -22.68
N GLY B 230 -0.20 -47.95 -21.67
CA GLY B 230 0.55 -49.19 -21.56
C GLY B 230 2.07 -49.10 -21.58
N ARG B 231 2.66 -47.94 -21.34
CA ARG B 231 4.11 -47.91 -21.33
C ARG B 231 4.65 -47.23 -20.07
N PRO B 232 5.76 -47.72 -19.52
CA PRO B 232 6.43 -47.21 -18.32
C PRO B 232 6.67 -45.70 -18.22
N ILE B 233 6.19 -45.10 -17.12
CA ILE B 233 6.42 -43.66 -16.89
C ILE B 233 7.91 -43.52 -16.61
N THR B 234 8.53 -42.42 -17.01
CA THR B 234 9.96 -42.29 -16.75
C THR B 234 10.12 -41.64 -15.39
N SER B 235 11.33 -41.65 -14.85
CA SER B 235 11.57 -41.02 -13.55
C SER B 235 11.25 -39.53 -13.65
N ASP B 236 11.70 -38.90 -14.74
CA ASP B 236 11.46 -37.48 -14.91
C ASP B 236 9.97 -37.16 -15.04
N GLU B 237 9.25 -37.97 -15.81
CA GLU B 237 7.83 -37.75 -15.95
C GLU B 237 7.23 -37.85 -14.53
N ALA B 238 7.61 -38.90 -13.81
CA ALA B 238 7.11 -39.15 -12.47
C ALA B 238 7.32 -37.93 -11.58
N LYS B 239 8.52 -37.37 -11.64
CA LYS B 239 8.84 -36.22 -10.80
C LYS B 239 7.97 -35.05 -11.16
N ARG B 240 7.79 -34.81 -12.46
CA ARG B 240 6.98 -33.68 -12.86
C ARG B 240 5.51 -33.87 -12.47
N MET B 241 5.06 -35.13 -12.37
CA MET B 241 3.69 -35.34 -11.96
C MET B 241 3.56 -35.24 -10.44
N CYS B 242 4.47 -35.86 -9.73
CA CYS B 242 4.39 -35.83 -8.30
C CYS B 242 4.41 -34.44 -7.76
N GLY B 243 5.20 -33.59 -8.39
CA GLY B 243 5.34 -32.23 -7.92
C GLY B 243 4.04 -31.50 -8.06
N LEU B 244 3.35 -31.75 -9.17
CA LEU B 244 2.07 -31.10 -9.42
C LEU B 244 1.07 -31.58 -8.40
N LEU B 245 1.09 -32.87 -8.07
CA LEU B 245 0.12 -33.36 -7.08
C LEU B 245 0.29 -32.62 -5.78
N LEU B 246 1.54 -32.44 -5.34
CA LEU B 246 1.80 -31.72 -4.07
C LEU B 246 1.27 -30.31 -4.14
N LEU B 247 1.68 -29.58 -5.17
CA LEU B 247 1.14 -28.23 -5.31
C LEU B 247 -0.25 -28.67 -5.59
N GLY B 248 -1.19 -28.41 -4.72
CA GLY B 248 -2.50 -28.95 -5.06
C GLY B 248 -3.00 -29.72 -3.87
N GLY B 249 -2.19 -30.65 -3.38
CA GLY B 249 -2.61 -31.36 -2.20
C GLY B 249 -2.51 -30.37 -1.04
N LEU B 250 -1.60 -29.42 -1.19
CA LEU B 250 -1.31 -28.45 -0.17
C LEU B 250 -1.89 -27.02 -0.19
N ASP B 251 -2.21 -26.49 -1.36
CA ASP B 251 -2.67 -25.11 -1.41
C ASP B 251 -3.92 -24.83 -2.22
N THR B 252 -4.96 -25.58 -1.93
CA THR B 252 -6.20 -25.37 -2.64
C THR B 252 -7.26 -25.42 -1.57
N VAL B 253 -7.62 -26.64 -1.21
CA VAL B 253 -8.61 -26.90 -0.19
C VAL B 253 -8.27 -25.99 1.00
N VAL B 254 -7.01 -25.99 1.39
CA VAL B 254 -6.63 -25.17 2.52
C VAL B 254 -7.22 -23.77 2.46
N ASN B 255 -6.88 -23.03 1.43
CA ASN B 255 -7.35 -21.67 1.29
C ASN B 255 -8.84 -21.59 1.12
N PHE B 256 -9.40 -22.49 0.30
CA PHE B 256 -10.85 -22.46 0.08
C PHE B 256 -11.60 -22.67 1.37
N LEU B 257 -11.08 -23.54 2.24
CA LEU B 257 -11.76 -23.79 3.49
C LEU B 257 -11.87 -22.51 4.30
N SER B 258 -10.82 -21.71 4.34
CA SER B 258 -10.90 -20.48 5.10
C SER B 258 -11.96 -19.55 4.55
N PHE B 259 -11.97 -19.34 3.24
CA PHE B 259 -12.98 -18.46 2.62
C PHE B 259 -14.37 -18.87 3.10
N SER B 260 -14.66 -20.16 3.09
CA SER B 260 -15.99 -20.63 3.52
C SER B 260 -16.25 -20.44 5.01
N MET B 261 -15.26 -20.66 5.85
CA MET B 261 -15.53 -20.51 7.27
C MET B 261 -15.67 -19.04 7.68
N GLU B 262 -15.00 -18.16 6.94
CA GLU B 262 -15.11 -16.74 7.22
C GLU B 262 -16.56 -16.33 6.97
N PHE B 263 -17.10 -16.74 5.82
CA PHE B 263 -18.48 -16.41 5.46
C PHE B 263 -19.47 -17.03 6.41
N LEU B 264 -19.23 -18.28 6.78
CA LEU B 264 -20.18 -18.92 7.67
C LEU B 264 -20.08 -18.26 9.02
N ALA B 265 -18.89 -17.79 9.38
CA ALA B 265 -18.72 -17.12 10.66
C ALA B 265 -19.41 -15.76 10.64
N LYS B 266 -19.69 -15.23 9.46
CA LYS B 266 -20.34 -13.93 9.36
C LYS B 266 -21.82 -14.00 9.06
N SER B 267 -22.41 -15.21 8.97
CA SER B 267 -23.84 -15.34 8.64
C SER B 267 -24.54 -16.50 9.34
N PRO B 268 -25.15 -16.23 10.49
CA PRO B 268 -25.87 -17.20 11.32
C PRO B 268 -27.02 -17.88 10.62
N GLU B 269 -27.71 -17.13 9.78
CA GLU B 269 -28.85 -17.62 9.03
C GLU B 269 -28.38 -18.73 8.07
N HIS B 270 -27.22 -18.54 7.44
CA HIS B 270 -26.72 -19.55 6.55
C HIS B 270 -26.28 -20.73 7.40
N ARG B 271 -25.85 -20.50 8.63
CA ARG B 271 -25.48 -21.64 9.45
C ARG B 271 -26.73 -22.43 9.84
N GLN B 272 -27.75 -21.76 10.37
CA GLN B 272 -28.97 -22.47 10.79
C GLN B 272 -29.51 -23.29 9.64
N GLU B 273 -29.44 -22.75 8.45
CA GLU B 273 -29.93 -23.46 7.29
C GLU B 273 -29.25 -24.85 7.20
N LEU B 274 -27.93 -24.92 7.37
CA LEU B 274 -27.24 -26.22 7.28
C LEU B 274 -27.35 -27.05 8.55
N ILE B 275 -27.57 -26.39 9.69
CA ILE B 275 -27.74 -27.08 10.95
C ILE B 275 -29.11 -27.78 10.98
N GLU B 276 -30.12 -27.14 10.39
CA GLU B 276 -31.46 -27.71 10.35
C GLU B 276 -31.56 -28.75 9.27
N ARG B 277 -30.84 -28.57 8.17
CA ARG B 277 -30.89 -29.53 7.09
C ARG B 277 -29.52 -29.94 6.56
N PRO B 278 -28.86 -30.82 7.29
CA PRO B 278 -27.54 -31.27 6.88
C PRO B 278 -27.49 -31.82 5.45
N GLU B 279 -28.62 -32.31 4.92
CA GLU B 279 -28.57 -32.93 3.60
C GLU B 279 -28.36 -31.95 2.49
N ARG B 280 -28.49 -30.67 2.84
CA ARG B 280 -28.32 -29.58 1.88
C ARG B 280 -26.87 -29.17 1.83
N ILE B 281 -26.06 -29.75 2.68
CA ILE B 281 -24.68 -29.36 2.68
C ILE B 281 -23.95 -29.49 1.36
N PRO B 282 -24.12 -30.62 0.62
CA PRO B 282 -23.42 -30.75 -0.68
C PRO B 282 -23.81 -29.61 -1.63
N ALA B 283 -25.09 -29.28 -1.68
CA ALA B 283 -25.53 -28.16 -2.53
C ALA B 283 -24.88 -26.87 -2.04
N ALA B 284 -24.87 -26.65 -0.72
CA ALA B 284 -24.26 -25.45 -0.17
C ALA B 284 -22.79 -25.40 -0.55
N CYS B 285 -22.16 -26.58 -0.60
CA CYS B 285 -20.75 -26.66 -0.96
C CYS B 285 -20.48 -26.09 -2.38
N GLU B 286 -21.26 -26.49 -3.38
CA GLU B 286 -21.03 -25.93 -4.73
C GLU B 286 -21.23 -24.42 -4.75
N GLU B 287 -22.36 -23.99 -4.20
CA GLU B 287 -22.66 -22.57 -4.17
C GLU B 287 -21.48 -21.85 -3.57
N LEU B 288 -20.91 -22.42 -2.52
CA LEU B 288 -19.76 -21.78 -1.86
C LEU B 288 -18.55 -21.80 -2.80
N LEU B 289 -18.35 -22.92 -3.50
CA LEU B 289 -17.25 -23.04 -4.44
C LEU B 289 -17.46 -22.05 -5.60
N ARG B 290 -18.68 -21.56 -5.79
CA ARG B 290 -18.93 -20.59 -6.83
C ARG B 290 -18.61 -19.21 -6.26
N ARG B 291 -19.22 -18.87 -5.12
CA ARG B 291 -19.00 -17.55 -4.55
C ARG B 291 -17.56 -17.31 -4.22
N PHE B 292 -16.89 -18.33 -3.67
CA PHE B 292 -15.52 -18.17 -3.23
C PHE B 292 -14.47 -18.89 -4.06
N SER B 293 -14.75 -19.03 -5.35
CA SER B 293 -13.81 -19.65 -6.28
C SER B 293 -12.51 -18.89 -6.00
N LEU B 294 -11.34 -19.52 -6.18
CA LEU B 294 -10.07 -18.87 -5.82
C LEU B 294 -8.82 -19.05 -6.70
N VAL B 295 -8.96 -19.75 -7.82
CA VAL B 295 -7.87 -20.03 -8.74
C VAL B 295 -7.90 -19.27 -10.10
N ALA B 296 -6.73 -18.93 -10.64
CA ALA B 296 -6.67 -18.27 -11.94
C ALA B 296 -5.31 -18.47 -12.57
N ASP B 297 -5.26 -19.35 -13.58
CA ASP B 297 -4.02 -19.56 -14.28
C ASP B 297 -4.32 -19.25 -15.74
N GLY B 298 -3.47 -19.64 -16.68
CA GLY B 298 -3.76 -19.24 -18.03
C GLY B 298 -3.31 -20.14 -19.15
N ARG B 299 -3.27 -19.55 -20.34
CA ARG B 299 -2.90 -20.28 -21.55
C ARG B 299 -1.97 -19.42 -22.36
N ILE B 300 -1.33 -19.97 -23.39
CA ILE B 300 -0.45 -19.13 -24.22
C ILE B 300 -0.89 -19.23 -25.69
N LEU B 301 -1.00 -18.09 -26.39
CA LEU B 301 -1.44 -18.15 -27.81
C LEU B 301 -0.44 -18.89 -28.72
N THR B 302 -0.95 -19.84 -29.49
CA THR B 302 -0.14 -20.64 -30.40
C THR B 302 0.09 -19.97 -31.75
N SER B 303 -0.62 -18.87 -32.02
CA SER B 303 -0.48 -18.19 -33.30
C SER B 303 -1.28 -16.92 -33.22
N ASP B 304 -1.13 -16.01 -34.18
CA ASP B 304 -1.94 -14.79 -34.14
C ASP B 304 -3.34 -15.35 -34.31
N TYR B 305 -4.29 -14.70 -33.66
CA TYR B 305 -5.63 -15.21 -33.70
C TYR B 305 -6.58 -14.13 -33.23
N GLU B 306 -7.61 -13.88 -34.02
CA GLU B 306 -8.57 -12.87 -33.69
C GLU B 306 -9.65 -13.50 -32.81
N PHE B 307 -9.74 -13.00 -31.58
CA PHE B 307 -10.66 -13.53 -30.60
C PHE B 307 -11.59 -12.46 -30.06
N HIS B 308 -12.87 -12.60 -30.36
CA HIS B 308 -13.88 -11.66 -29.90
C HIS B 308 -13.60 -10.21 -30.25
N GLY B 309 -13.36 -9.97 -31.54
CA GLY B 309 -13.11 -8.62 -32.01
C GLY B 309 -11.78 -8.09 -31.52
N VAL B 310 -10.98 -8.92 -30.86
CA VAL B 310 -9.66 -8.47 -30.38
C VAL B 310 -8.59 -9.29 -31.05
N GLN B 311 -7.47 -8.64 -31.35
CA GLN B 311 -6.38 -9.30 -32.02
C GLN B 311 -5.31 -9.73 -31.04
N LEU B 312 -5.14 -11.05 -30.88
CA LEU B 312 -4.15 -11.59 -29.95
C LEU B 312 -2.92 -11.95 -30.76
N LYS B 313 -1.72 -11.78 -30.19
CA LYS B 313 -0.52 -12.15 -30.95
C LYS B 313 0.09 -13.48 -30.53
N LYS B 314 0.63 -14.19 -31.51
CA LYS B 314 1.25 -15.46 -31.23
C LYS B 314 2.28 -15.24 -30.12
N GLY B 315 2.19 -16.04 -29.05
CA GLY B 315 3.12 -15.91 -27.95
C GLY B 315 2.57 -15.10 -26.79
N ASP B 316 1.47 -14.39 -27.03
CA ASP B 316 0.83 -13.59 -25.99
C ASP B 316 0.29 -14.51 -24.89
N GLN B 317 0.30 -14.01 -23.66
CA GLN B 317 -0.19 -14.76 -22.50
C GLN B 317 -1.53 -14.23 -22.04
N ILE B 318 -2.52 -15.10 -21.92
CA ILE B 318 -3.81 -14.66 -21.46
C ILE B 318 -4.23 -15.41 -20.20
N LEU B 319 -4.77 -14.66 -19.24
CA LEU B 319 -5.23 -15.22 -17.98
C LEU B 319 -6.69 -15.46 -18.21
N LEU B 320 -7.16 -16.61 -17.75
CA LEU B 320 -8.55 -16.97 -17.92
C LEU B 320 -8.87 -17.35 -16.50
N PRO B 321 -9.37 -16.39 -15.72
CA PRO B 321 -9.69 -16.64 -14.32
C PRO B 321 -10.85 -17.59 -14.03
N GLN B 322 -10.51 -18.81 -13.60
CA GLN B 322 -11.51 -19.82 -13.25
C GLN B 322 -12.56 -19.24 -12.31
N MET B 323 -12.03 -18.46 -11.38
CA MET B 323 -12.77 -17.75 -10.35
C MET B 323 -13.79 -16.75 -10.91
N LEU B 324 -13.50 -16.11 -12.03
CA LEU B 324 -14.44 -15.11 -12.56
C LEU B 324 -15.75 -15.60 -13.18
N SER B 325 -15.76 -16.79 -13.77
CA SER B 325 -16.95 -17.34 -14.45
C SER B 325 -18.26 -17.38 -13.67
N GLY B 326 -18.22 -17.85 -12.43
CA GLY B 326 -19.43 -17.96 -11.63
C GLY B 326 -19.74 -16.69 -10.86
N LEU B 327 -18.83 -15.73 -10.91
CA LEU B 327 -19.09 -14.48 -10.23
C LEU B 327 -19.73 -13.53 -11.22
N ASP B 328 -19.65 -13.92 -12.50
CA ASP B 328 -20.21 -13.17 -13.62
C ASP B 328 -21.74 -13.02 -13.48
N GLU B 329 -22.24 -11.79 -13.43
CA GLU B 329 -23.68 -11.62 -13.32
C GLU B 329 -24.35 -12.05 -14.61
N ARG B 330 -23.54 -12.44 -15.59
CA ARG B 330 -24.04 -12.91 -16.87
C ARG B 330 -24.33 -14.43 -16.82
N GLU B 331 -23.84 -15.11 -15.79
CA GLU B 331 -24.06 -16.56 -15.66
C GLU B 331 -24.86 -16.91 -14.41
N ASN B 332 -24.82 -16.04 -13.41
CA ASN B 332 -25.56 -16.27 -12.17
C ASN B 332 -26.09 -14.94 -11.66
N ALA B 333 -27.40 -14.83 -11.53
CA ALA B 333 -27.99 -13.59 -11.01
C ALA B 333 -27.50 -13.31 -9.59
N ALA B 334 -27.29 -12.04 -9.28
CA ALA B 334 -26.81 -11.64 -7.95
C ALA B 334 -25.66 -12.57 -7.67
N PRO B 335 -24.63 -12.54 -8.51
CA PRO B 335 -23.49 -13.44 -8.28
C PRO B 335 -22.83 -13.33 -6.90
N MET B 336 -22.80 -12.14 -6.31
CA MET B 336 -22.15 -11.96 -5.03
C MET B 336 -22.93 -12.42 -3.80
N HIS B 337 -24.21 -12.73 -3.99
CA HIS B 337 -25.07 -13.20 -2.91
C HIS B 337 -24.92 -14.74 -2.80
N VAL B 338 -24.75 -15.27 -1.60
CA VAL B 338 -24.64 -16.71 -1.43
C VAL B 338 -26.07 -17.26 -1.24
N ASP B 339 -26.50 -18.14 -2.14
CA ASP B 339 -27.85 -18.69 -1.99
C ASP B 339 -27.72 -20.18 -2.12
N PHE B 340 -27.92 -20.89 -1.01
CA PHE B 340 -27.80 -22.33 -1.02
C PHE B 340 -28.88 -22.99 -1.89
N SER B 341 -29.94 -22.25 -2.16
CA SER B 341 -31.01 -22.78 -3.04
C SER B 341 -30.89 -22.44 -4.53
N ARG B 342 -29.78 -21.82 -4.94
CA ARG B 342 -29.55 -21.42 -6.32
C ARG B 342 -29.91 -22.52 -7.30
N GLN B 343 -30.80 -22.22 -8.24
CA GLN B 343 -31.25 -23.22 -9.22
C GLN B 343 -30.09 -23.81 -10.03
N LYS B 344 -29.32 -22.97 -10.70
CA LYS B 344 -28.17 -23.47 -11.45
C LYS B 344 -26.93 -22.75 -10.96
N VAL B 345 -26.13 -23.44 -10.18
CA VAL B 345 -24.91 -22.87 -9.65
C VAL B 345 -23.91 -23.01 -10.79
N SER B 346 -23.72 -21.93 -11.55
CA SER B 346 -22.83 -21.98 -12.68
C SER B 346 -21.41 -21.55 -12.30
N HIS B 347 -20.41 -22.36 -12.64
CA HIS B 347 -19.04 -21.98 -12.34
C HIS B 347 -17.97 -22.82 -13.03
N THR B 348 -16.73 -22.37 -12.93
CA THR B 348 -15.59 -23.08 -13.49
C THR B 348 -14.48 -23.11 -12.42
N THR B 349 -14.91 -23.21 -11.16
CA THR B 349 -14.00 -23.26 -10.04
C THR B 349 -12.95 -24.38 -10.14
N PHE B 350 -13.32 -25.57 -10.64
CA PHE B 350 -12.37 -26.69 -10.77
C PHE B 350 -11.78 -26.82 -12.17
N GLY B 351 -11.79 -25.71 -12.91
CA GLY B 351 -11.27 -25.70 -14.26
C GLY B 351 -12.36 -25.95 -15.28
N HIS B 352 -11.97 -26.04 -16.55
CA HIS B 352 -12.94 -26.24 -17.63
C HIS B 352 -12.22 -26.74 -18.89
N GLY B 353 -12.87 -27.63 -19.62
CA GLY B 353 -12.25 -28.20 -20.81
C GLY B 353 -11.44 -29.43 -20.45
N SER B 354 -10.36 -29.68 -21.18
CA SER B 354 -9.51 -30.84 -20.96
C SER B 354 -8.73 -30.90 -19.62
N HIS B 355 -8.49 -29.77 -18.95
CA HIS B 355 -7.73 -29.84 -17.72
C HIS B 355 -8.57 -29.85 -16.41
N LEU B 356 -9.82 -30.30 -16.52
CA LEU B 356 -10.68 -30.37 -15.35
C LEU B 356 -9.88 -30.92 -14.18
N CYS B 357 -10.11 -30.36 -12.99
CA CYS B 357 -9.40 -30.75 -11.78
C CYS B 357 -9.56 -32.21 -11.37
N LEU B 358 -8.47 -32.98 -11.33
CA LEU B 358 -8.57 -34.39 -10.95
C LEU B 358 -8.81 -34.59 -9.42
N GLY B 359 -8.57 -33.53 -8.65
CA GLY B 359 -8.74 -33.64 -7.20
C GLY B 359 -10.05 -33.06 -6.73
N GLN B 360 -10.95 -32.80 -7.67
CA GLN B 360 -12.20 -32.19 -7.28
C GLN B 360 -12.99 -33.02 -6.32
N HIS B 361 -13.00 -34.33 -6.51
CA HIS B 361 -13.75 -35.18 -5.61
C HIS B 361 -13.12 -35.22 -4.24
N LEU B 362 -11.79 -35.13 -4.16
CA LEU B 362 -11.17 -35.12 -2.85
C LEU B 362 -11.42 -33.77 -2.19
N ALA B 363 -11.45 -32.70 -3.00
CA ALA B 363 -11.71 -31.36 -2.46
C ALA B 363 -13.11 -31.26 -1.87
N ARG B 364 -14.10 -31.77 -2.60
CA ARG B 364 -15.50 -31.71 -2.16
C ARG B 364 -15.78 -32.51 -0.92
N ARG B 365 -15.18 -33.70 -0.88
CA ARG B 365 -15.35 -34.60 0.25
C ARG B 365 -14.83 -33.90 1.51
N GLU B 366 -13.65 -33.30 1.41
CA GLU B 366 -13.06 -32.60 2.55
C GLU B 366 -13.89 -31.39 2.94
N ILE B 367 -14.47 -30.72 1.95
CA ILE B 367 -15.28 -29.56 2.26
C ILE B 367 -16.58 -29.98 2.97
N ILE B 368 -17.30 -30.90 2.34
CA ILE B 368 -18.55 -31.41 2.89
C ILE B 368 -18.34 -32.00 4.29
N VAL B 369 -17.29 -32.80 4.48
CA VAL B 369 -17.03 -33.38 5.77
C VAL B 369 -16.75 -32.28 6.79
N THR B 370 -15.96 -31.28 6.39
CA THR B 370 -15.63 -30.20 7.29
C THR B 370 -16.87 -29.46 7.75
N LEU B 371 -17.73 -29.12 6.80
CA LEU B 371 -18.94 -28.38 7.14
C LEU B 371 -19.86 -29.18 8.04
N LYS B 372 -20.01 -30.45 7.71
CA LYS B 372 -20.92 -31.31 8.47
C LYS B 372 -20.41 -31.50 9.88
N GLU B 373 -19.13 -31.83 9.99
CA GLU B 373 -18.53 -32.11 11.27
C GLU B 373 -18.26 -30.88 12.11
N TRP B 374 -18.11 -29.73 11.45
CA TRP B 374 -17.88 -28.51 12.21
C TRP B 374 -19.24 -28.02 12.79
N LEU B 375 -20.29 -28.00 11.96
CA LEU B 375 -21.58 -27.51 12.43
C LEU B 375 -22.27 -28.42 13.46
N THR B 376 -21.89 -29.69 13.47
CA THR B 376 -22.44 -30.66 14.40
C THR B 376 -21.92 -30.42 15.80
N ARG B 377 -20.70 -29.90 15.88
CA ARG B 377 -20.08 -29.69 17.17
C ARG B 377 -20.09 -28.24 17.64
N ILE B 378 -19.90 -27.33 16.70
CA ILE B 378 -19.87 -25.91 17.00
C ILE B 378 -20.80 -25.21 16.01
N PRO B 379 -22.11 -25.23 16.29
CA PRO B 379 -23.04 -24.57 15.37
C PRO B 379 -22.91 -23.06 15.35
N ASP B 380 -22.53 -22.48 16.48
CA ASP B 380 -22.45 -21.04 16.67
C ASP B 380 -21.04 -20.56 16.85
N PHE B 381 -20.57 -19.72 15.95
CA PHE B 381 -19.25 -19.11 16.08
C PHE B 381 -19.32 -17.82 15.27
N SER B 382 -18.32 -16.95 15.46
CA SER B 382 -18.23 -15.67 14.75
C SER B 382 -16.76 -15.29 14.68
N ILE B 383 -16.42 -14.23 13.96
CA ILE B 383 -15.01 -13.80 13.87
C ILE B 383 -14.64 -13.18 15.21
N ALA B 384 -13.38 -13.26 15.61
CA ALA B 384 -12.93 -12.65 16.85
C ALA B 384 -13.26 -11.16 16.75
N PRO B 385 -13.75 -10.56 17.85
CA PRO B 385 -14.09 -9.13 17.85
C PRO B 385 -12.88 -8.27 17.52
N GLY B 386 -13.02 -7.39 16.55
CA GLY B 386 -11.92 -6.51 16.19
C GLY B 386 -11.00 -6.98 15.07
N ALA B 387 -11.24 -8.17 14.56
CA ALA B 387 -10.39 -8.67 13.51
C ALA B 387 -10.82 -8.15 12.17
N GLN B 388 -9.84 -7.80 11.37
CA GLN B 388 -10.16 -7.38 10.02
C GLN B 388 -9.41 -8.44 9.20
N ILE B 389 -10.18 -9.32 8.56
CA ILE B 389 -9.63 -10.40 7.75
C ILE B 389 -8.97 -9.88 6.49
N GLN B 390 -7.72 -10.25 6.27
CA GLN B 390 -7.04 -9.83 5.06
C GLN B 390 -6.91 -11.07 4.17
N HIS B 391 -7.23 -10.86 2.90
CA HIS B 391 -7.12 -11.89 1.87
C HIS B 391 -5.80 -11.72 1.13
N LYS B 392 -5.42 -12.75 0.37
CA LYS B 392 -4.18 -12.75 -0.39
C LYS B 392 -4.59 -13.14 -1.80
N SER B 393 -3.97 -12.52 -2.80
CA SER B 393 -4.32 -12.81 -4.18
C SER B 393 -3.15 -13.35 -4.97
N GLY B 394 -3.46 -14.11 -6.02
CA GLY B 394 -2.44 -14.69 -6.88
C GLY B 394 -3.02 -15.81 -7.75
N ILE B 395 -2.19 -16.77 -8.15
CA ILE B 395 -2.67 -17.89 -8.96
C ILE B 395 -3.78 -18.61 -8.16
N VAL B 396 -3.54 -18.78 -6.86
CA VAL B 396 -4.52 -19.37 -5.96
C VAL B 396 -4.63 -18.30 -4.86
N SER B 397 -5.82 -17.77 -4.60
CA SER B 397 -5.92 -16.76 -3.56
C SER B 397 -6.18 -17.39 -2.19
N GLY B 398 -6.06 -16.57 -1.14
CA GLY B 398 -6.24 -17.10 0.20
C GLY B 398 -6.60 -16.13 1.30
N VAL B 399 -6.63 -16.65 2.51
CA VAL B 399 -6.98 -15.87 3.67
C VAL B 399 -5.81 -15.92 4.61
N GLN B 400 -5.22 -14.78 4.94
CA GLN B 400 -4.07 -14.78 5.83
C GLN B 400 -4.30 -15.38 7.20
N ALA B 401 -5.48 -15.21 7.76
CA ALA B 401 -5.74 -15.75 9.10
C ALA B 401 -7.19 -15.60 9.42
N LEU B 402 -7.72 -16.51 10.22
CA LEU B 402 -9.12 -16.42 10.56
C LEU B 402 -9.27 -16.75 12.04
N PRO B 403 -9.30 -15.72 12.89
CA PRO B 403 -9.46 -15.94 14.33
C PRO B 403 -10.95 -16.00 14.63
N LEU B 404 -11.42 -17.13 15.12
CA LEU B 404 -12.83 -17.31 15.42
C LEU B 404 -12.99 -17.52 16.90
N VAL B 405 -14.20 -17.28 17.39
CA VAL B 405 -14.53 -17.47 18.81
C VAL B 405 -15.96 -18.02 18.91
N TRP B 406 -16.24 -18.67 20.03
CA TRP B 406 -17.55 -19.24 20.32
C TRP B 406 -17.63 -19.55 21.81
N ASP B 407 -18.86 -19.74 22.29
CA ASP B 407 -19.13 -20.10 23.68
C ASP B 407 -19.20 -21.62 23.76
N PRO B 408 -18.29 -22.25 24.52
CA PRO B 408 -18.32 -23.71 24.62
C PRO B 408 -19.71 -24.15 24.99
N ALA B 409 -20.31 -23.39 25.92
CA ALA B 409 -21.67 -23.66 26.40
C ALA B 409 -22.62 -23.98 25.25
N THR B 410 -22.35 -23.47 24.07
CA THR B 410 -23.27 -23.78 22.98
C THR B 410 -22.78 -24.90 22.10
N THR B 411 -21.70 -25.56 22.49
CA THR B 411 -21.20 -26.62 21.64
C THR B 411 -21.75 -27.97 22.06
N LYS B 412 -21.23 -29.05 21.48
CA LYS B 412 -21.72 -30.36 21.83
C LYS B 412 -20.72 -31.40 21.36
N ALA B 413 -20.34 -32.28 22.29
CA ALA B 413 -19.42 -33.36 21.99
C ALA B 413 -20.27 -34.47 21.36
N VAL B 414 -19.86 -34.94 20.18
CA VAL B 414 -20.57 -35.97 19.44
C VAL B 414 -19.77 -37.26 19.36
N ASN C 10 13.88 -31.43 70.71
CA ASN C 10 13.54 -32.49 69.73
C ASN C 10 12.01 -32.63 69.55
N LEU C 11 11.40 -33.43 70.41
CA LEU C 11 9.98 -33.69 70.38
C LEU C 11 9.26 -33.00 71.56
N ALA C 12 8.08 -32.44 71.33
CA ALA C 12 7.32 -31.82 72.42
C ALA C 12 6.49 -32.91 73.15
N PRO C 13 6.37 -32.83 74.47
CA PRO C 13 5.60 -33.86 75.18
C PRO C 13 4.20 -33.96 74.59
N LEU C 14 3.73 -35.18 74.38
CA LEU C 14 2.42 -35.45 73.81
C LEU C 14 1.22 -34.93 74.63
N PRO C 15 0.47 -33.98 74.05
CA PRO C 15 -0.69 -33.50 74.83
C PRO C 15 -1.55 -34.67 75.34
N PRO C 16 -2.03 -34.55 76.57
CA PRO C 16 -2.87 -35.60 77.13
C PRO C 16 -3.95 -36.12 76.19
N HIS C 17 -4.54 -35.23 75.40
CA HIS C 17 -5.64 -35.64 74.53
C HIS C 17 -5.26 -36.31 73.20
N VAL C 18 -3.98 -36.36 72.87
CA VAL C 18 -3.57 -36.98 71.60
C VAL C 18 -3.23 -38.47 71.82
N PRO C 19 -3.94 -39.38 71.14
CA PRO C 19 -3.73 -40.83 71.25
C PRO C 19 -2.27 -41.22 70.95
N GLU C 20 -1.72 -42.10 71.77
CA GLU C 20 -0.35 -42.54 71.59
C GLU C 20 -0.16 -43.24 70.25
N HIS C 21 -1.12 -44.06 69.87
CA HIS C 21 -1.04 -44.81 68.62
C HIS C 21 -1.12 -43.97 67.35
N LEU C 22 -1.34 -42.67 67.49
CA LEU C 22 -1.41 -41.80 66.29
C LEU C 22 -0.19 -40.89 66.13
N VAL C 23 0.78 -41.03 67.02
CA VAL C 23 1.98 -40.22 66.93
C VAL C 23 2.86 -40.68 65.79
N PHE C 24 3.23 -39.74 64.93
CA PHE C 24 4.12 -40.03 63.82
C PHE C 24 4.93 -38.76 63.73
N ASP C 25 6.10 -38.77 64.36
CA ASP C 25 6.95 -37.60 64.41
C ASP C 25 7.54 -37.13 63.10
N PHE C 26 6.71 -36.64 62.22
CA PHE C 26 7.20 -36.13 60.96
C PHE C 26 7.74 -34.70 61.19
N ASP C 27 8.89 -34.40 60.63
CA ASP C 27 9.47 -33.06 60.75
C ASP C 27 9.33 -32.37 59.40
N MET C 28 8.39 -31.44 59.29
CA MET C 28 8.20 -30.76 58.02
C MET C 28 9.40 -29.92 57.52
N TYR C 29 10.38 -29.59 58.36
CA TYR C 29 11.49 -28.81 57.82
C TYR C 29 12.77 -29.63 57.62
N ASN C 30 12.72 -30.90 57.93
CA ASN C 30 13.89 -31.76 57.78
C ASN C 30 13.29 -33.14 57.78
N PRO C 31 12.55 -33.50 56.71
CA PRO C 31 11.99 -34.85 56.75
C PRO C 31 13.05 -35.95 56.61
N SER C 32 12.86 -37.03 57.37
CA SER C 32 13.76 -38.17 57.36
C SER C 32 14.22 -38.64 55.98
N ASN C 33 13.27 -38.82 55.11
CA ASN C 33 13.57 -39.34 53.80
C ASN C 33 13.99 -38.30 52.74
N LEU C 34 14.45 -37.13 53.17
CA LEU C 34 14.81 -36.04 52.23
C LEU C 34 15.65 -36.36 51.00
N SER C 35 16.77 -37.02 51.20
CA SER C 35 17.69 -37.41 50.13
C SER C 35 16.98 -38.18 49.01
N ALA C 36 15.85 -38.80 49.30
CA ALA C 36 15.14 -39.53 48.28
C ALA C 36 14.33 -38.56 47.45
N GLY C 37 14.12 -37.37 47.99
CA GLY C 37 13.37 -36.35 47.28
C GLY C 37 12.28 -35.82 48.17
N VAL C 38 12.04 -34.51 48.16
CA VAL C 38 10.99 -33.98 49.04
C VAL C 38 9.66 -34.65 48.95
N GLN C 39 9.15 -34.77 47.73
CA GLN C 39 7.84 -35.39 47.60
C GLN C 39 7.93 -36.80 48.14
N GLU C 40 9.04 -37.49 47.86
CA GLU C 40 9.24 -38.84 48.37
C GLU C 40 9.31 -38.85 49.90
N ALA C 41 9.95 -37.84 50.49
CA ALA C 41 10.03 -37.78 51.94
C ALA C 41 8.65 -37.57 52.56
N TRP C 42 7.83 -36.71 51.96
CA TRP C 42 6.51 -36.47 52.53
C TRP C 42 5.62 -37.68 52.27
N ALA C 43 5.85 -38.35 51.13
CA ALA C 43 5.07 -39.53 50.76
C ALA C 43 5.17 -40.64 51.83
N VAL C 44 6.18 -40.59 52.69
CA VAL C 44 6.26 -41.64 53.69
C VAL C 44 5.02 -41.58 54.61
N LEU C 45 4.34 -40.45 54.63
CA LEU C 45 3.14 -40.34 55.45
C LEU C 45 2.01 -41.17 54.83
N GLN C 46 2.21 -41.60 53.59
CA GLN C 46 1.16 -42.39 52.95
C GLN C 46 1.53 -43.85 52.82
N GLU C 47 2.56 -44.28 53.54
CA GLU C 47 2.93 -45.69 53.46
C GLU C 47 1.75 -46.51 54.04
N SER C 48 1.75 -47.82 53.84
CA SER C 48 0.62 -48.64 54.26
C SER C 48 0.14 -48.70 55.70
N ASN C 49 0.96 -48.42 56.69
CA ASN C 49 0.36 -48.50 58.00
C ASN C 49 0.24 -47.13 58.69
N VAL C 50 0.34 -46.05 57.92
CA VAL C 50 0.20 -44.75 58.49
C VAL C 50 -1.31 -44.45 58.41
N PRO C 51 -1.87 -43.84 59.46
CA PRO C 51 -3.28 -43.44 59.61
C PRO C 51 -3.62 -42.24 58.70
N ASP C 52 -4.91 -41.93 58.59
CA ASP C 52 -5.35 -40.79 57.79
C ASP C 52 -4.97 -39.47 58.46
N LEU C 53 -4.83 -39.53 59.78
CA LEU C 53 -4.52 -38.35 60.57
C LEU C 53 -3.55 -38.74 61.67
N VAL C 54 -2.39 -38.07 61.75
CA VAL C 54 -1.36 -38.35 62.77
C VAL C 54 -1.00 -37.10 63.55
N TRP C 55 -0.28 -37.29 64.66
CA TRP C 55 0.19 -36.17 65.48
C TRP C 55 1.70 -36.29 65.46
N THR C 56 2.41 -35.17 65.26
CA THR C 56 3.86 -35.18 65.28
C THR C 56 4.29 -34.33 66.42
N ARG C 57 5.32 -34.77 67.10
CA ARG C 57 5.81 -34.04 68.24
C ARG C 57 6.83 -32.99 67.86
N CYS C 58 7.22 -32.95 66.59
CA CYS C 58 8.19 -32.00 66.11
C CYS C 58 7.58 -30.62 65.96
N ASN C 59 8.44 -29.61 65.88
CA ASN C 59 8.02 -28.24 65.66
C ASN C 59 6.93 -27.81 66.64
N GLY C 60 7.01 -28.30 67.87
CA GLY C 60 6.04 -27.91 68.88
C GLY C 60 4.80 -28.76 68.96
N GLY C 61 4.65 -29.68 68.02
CA GLY C 61 3.49 -30.57 68.00
C GLY C 61 2.26 -30.08 67.24
N HIS C 62 1.70 -30.96 66.39
CA HIS C 62 0.50 -30.66 65.58
C HIS C 62 -0.01 -31.87 64.78
N TRP C 63 -1.26 -31.80 64.38
CA TRP C 63 -1.86 -32.85 63.59
C TRP C 63 -1.31 -32.76 62.16
N ILE C 64 -1.59 -33.78 61.37
CA ILE C 64 -1.17 -33.78 59.97
C ILE C 64 -2.17 -34.68 59.26
N ALA C 65 -2.90 -34.11 58.30
CA ALA C 65 -3.85 -34.86 57.51
C ALA C 65 -3.00 -35.46 56.39
N THR C 66 -2.93 -36.78 56.31
CA THR C 66 -2.06 -37.42 55.30
C THR C 66 -2.71 -37.82 53.95
N ARG C 67 -4.01 -37.68 53.84
CA ARG C 67 -4.73 -38.09 52.65
C ARG C 67 -5.54 -36.94 52.08
N GLY C 68 -5.71 -36.98 50.77
CA GLY C 68 -6.47 -35.96 50.05
C GLY C 68 -7.89 -35.80 50.52
N GLN C 69 -8.55 -36.91 50.82
CA GLN C 69 -9.93 -36.78 51.27
C GLN C 69 -10.06 -35.83 52.47
N LEU C 70 -9.26 -36.04 53.52
CA LEU C 70 -9.31 -35.19 54.72
C LEU C 70 -8.76 -33.79 54.46
N ILE C 71 -7.67 -33.72 53.68
CA ILE C 71 -7.06 -32.46 53.35
C ILE C 71 -8.10 -31.60 52.67
N ARG C 72 -8.76 -32.13 51.65
CA ARG C 72 -9.77 -31.35 50.96
C ARG C 72 -10.85 -30.93 51.95
N GLU C 73 -11.33 -31.91 52.71
CA GLU C 73 -12.37 -31.69 53.68
C GLU C 73 -12.03 -30.55 54.66
N ALA C 74 -10.84 -30.57 55.21
CA ALA C 74 -10.45 -29.55 56.17
C ALA C 74 -10.39 -28.17 55.53
N TYR C 75 -9.83 -28.07 54.34
CA TYR C 75 -9.76 -26.76 53.68
C TYR C 75 -11.15 -26.17 53.36
N GLU C 76 -12.14 -27.05 53.18
CA GLU C 76 -13.53 -26.63 52.93
C GLU C 76 -14.20 -26.11 54.23
N ASP C 77 -13.97 -26.82 55.33
CA ASP C 77 -14.56 -26.42 56.59
C ASP C 77 -13.77 -25.34 57.31
N TYR C 78 -13.94 -24.10 56.88
CA TYR C 78 -13.23 -22.99 57.49
C TYR C 78 -13.85 -22.65 58.88
N ARG C 79 -15.06 -23.11 59.18
CA ARG C 79 -15.69 -22.84 60.50
C ARG C 79 -14.97 -23.61 61.60
N HIS C 80 -14.44 -24.76 61.26
CA HIS C 80 -13.69 -25.56 62.23
C HIS C 80 -12.18 -25.38 62.07
N PHE C 81 -11.75 -25.15 60.83
CA PHE C 81 -10.34 -24.99 60.51
C PHE C 81 -10.03 -23.59 59.96
N SER C 82 -9.73 -22.67 60.87
CA SER C 82 -9.42 -21.27 60.55
C SER C 82 -8.02 -21.03 60.02
N SER C 83 -7.92 -20.07 59.10
CA SER C 83 -6.64 -19.69 58.49
C SER C 83 -5.92 -18.68 59.39
N GLU C 84 -6.57 -18.33 60.50
CA GLU C 84 -6.02 -17.38 61.47
C GLU C 84 -4.58 -17.67 61.81
N CYS C 85 -4.29 -18.94 62.07
CA CYS C 85 -2.92 -19.34 62.43
C CYS C 85 -2.65 -20.54 61.51
N PRO C 86 -2.24 -20.25 60.25
CA PRO C 86 -1.93 -21.15 59.14
C PRO C 86 -0.52 -21.65 59.02
N TRP C 87 0.36 -21.10 59.83
CA TRP C 87 1.74 -21.49 59.75
C TRP C 87 2.29 -22.18 60.98
N ILE C 88 3.17 -23.16 60.72
CA ILE C 88 3.83 -23.95 61.74
C ILE C 88 5.30 -23.53 61.68
N PRO C 89 5.97 -23.35 62.84
CA PRO C 89 5.49 -23.53 64.21
C PRO C 89 4.46 -22.47 64.70
N ARG C 90 3.83 -22.72 65.84
CA ARG C 90 2.82 -21.80 66.37
C ARG C 90 3.24 -20.32 66.39
N GLU C 91 4.46 -20.03 66.85
CA GLU C 91 4.97 -18.64 66.90
C GLU C 91 4.75 -17.94 65.59
N ALA C 92 5.13 -18.64 64.53
CA ALA C 92 5.04 -18.13 63.17
C ALA C 92 3.60 -17.95 62.71
N GLY C 93 2.74 -18.90 63.03
CA GLY C 93 1.35 -18.79 62.64
C GLY C 93 0.63 -17.72 63.42
N GLU C 94 1.17 -17.33 64.57
CA GLU C 94 0.55 -16.30 65.34
C GLU C 94 0.97 -14.94 64.82
N ALA C 95 2.20 -14.82 64.39
CA ALA C 95 2.65 -13.54 63.87
C ALA C 95 2.15 -13.42 62.44
N PHE C 96 1.75 -14.53 61.84
CA PHE C 96 1.34 -14.50 60.44
C PHE C 96 0.02 -13.76 60.24
N ASP C 97 0.09 -12.48 59.91
CA ASP C 97 -1.13 -11.70 59.69
C ASP C 97 -1.37 -11.22 58.26
N PHE C 98 -0.77 -11.90 57.28
CA PHE C 98 -0.98 -11.51 55.87
C PHE C 98 -2.43 -11.53 55.44
N ILE C 99 -2.71 -10.68 54.47
CA ILE C 99 -4.06 -10.60 53.95
C ILE C 99 -3.97 -10.99 52.50
N PRO C 100 -4.93 -11.80 52.03
CA PRO C 100 -6.03 -12.30 52.87
C PRO C 100 -5.89 -13.67 53.47
N THR C 101 -4.73 -14.25 53.30
CA THR C 101 -4.46 -15.58 53.75
C THR C 101 -4.69 -15.88 55.23
N SER C 102 -4.54 -14.90 56.10
CA SER C 102 -4.80 -15.20 57.52
C SER C 102 -6.25 -14.99 57.94
N MET C 103 -7.16 -14.74 56.98
CA MET C 103 -8.57 -14.50 57.33
C MET C 103 -9.49 -15.55 56.76
N ASP C 104 -10.62 -15.79 57.41
CA ASP C 104 -11.57 -16.76 56.89
C ASP C 104 -12.77 -16.04 56.37
N PRO C 105 -13.56 -16.74 55.54
CA PRO C 105 -14.78 -16.14 55.01
C PRO C 105 -15.51 -15.89 56.34
N PRO C 106 -16.37 -14.90 56.41
CA PRO C 106 -16.74 -13.98 55.35
C PRO C 106 -15.89 -12.73 55.15
N GLU C 107 -15.17 -12.25 56.18
CA GLU C 107 -14.37 -11.02 56.01
C GLU C 107 -13.27 -11.16 54.97
N GLN C 108 -12.80 -12.39 54.75
CA GLN C 108 -11.77 -12.65 53.77
C GLN C 108 -12.05 -12.11 52.36
N ARG C 109 -13.27 -12.30 51.89
CA ARG C 109 -13.66 -11.95 50.52
C ARG C 109 -13.35 -10.58 50.01
N GLN C 110 -13.84 -9.57 50.71
CA GLN C 110 -13.61 -8.20 50.30
C GLN C 110 -12.15 -7.95 50.00
N PHE C 111 -11.25 -8.65 50.68
CA PHE C 111 -9.83 -8.43 50.40
C PHE C 111 -9.35 -9.33 49.25
N ARG C 112 -9.97 -10.51 49.14
CA ARG C 112 -9.58 -11.46 48.10
C ARG C 112 -9.89 -10.86 46.73
N ALA C 113 -11.04 -10.20 46.64
CA ALA C 113 -11.42 -9.57 45.38
C ALA C 113 -10.36 -8.57 44.95
N LEU C 114 -9.97 -7.70 45.87
CA LEU C 114 -8.98 -6.69 45.52
C LEU C 114 -7.68 -7.35 45.05
N ALA C 115 -7.21 -8.30 45.83
CA ALA C 115 -5.98 -8.97 45.45
C ALA C 115 -6.15 -9.66 44.10
N ASN C 116 -7.32 -10.21 43.81
CA ASN C 116 -7.49 -10.88 42.53
C ASN C 116 -7.40 -9.85 41.40
N GLN C 117 -7.71 -8.61 41.70
CA GLN C 117 -7.63 -7.60 40.67
C GLN C 117 -6.19 -7.34 40.24
N VAL C 118 -5.21 -7.60 41.10
CA VAL C 118 -3.82 -7.32 40.71
C VAL C 118 -3.00 -8.49 40.15
N VAL C 119 -3.47 -9.72 40.31
CA VAL C 119 -2.69 -10.86 39.82
C VAL C 119 -3.47 -11.91 39.00
N GLY C 120 -4.73 -11.63 38.68
CA GLY C 120 -5.52 -12.58 37.94
C GLY C 120 -5.37 -12.56 36.43
N MET C 121 -6.04 -13.52 35.79
CA MET C 121 -6.00 -13.67 34.34
C MET C 121 -5.85 -12.35 33.55
N PRO C 122 -6.73 -11.38 33.78
CA PRO C 122 -6.64 -10.11 33.05
C PRO C 122 -5.26 -9.44 33.10
N VAL C 123 -4.55 -9.64 34.21
CA VAL C 123 -3.24 -9.03 34.35
C VAL C 123 -2.21 -9.97 33.70
N VAL C 124 -2.54 -11.24 33.70
CA VAL C 124 -1.66 -12.23 33.13
C VAL C 124 -1.69 -12.07 31.60
N ASP C 125 -2.84 -11.70 31.03
CA ASP C 125 -2.92 -11.59 29.57
C ASP C 125 -2.12 -10.45 29.03
N LYS C 126 -2.15 -9.34 29.76
CA LYS C 126 -1.42 -8.10 29.43
C LYS C 126 0.05 -8.24 29.80
N LEU C 127 0.40 -9.37 30.40
CA LEU C 127 1.77 -9.58 30.80
C LEU C 127 2.39 -10.64 29.93
N GLU C 128 1.56 -11.31 29.15
CA GLU C 128 2.02 -12.40 28.30
C GLU C 128 3.19 -12.17 27.38
N ASN C 129 3.05 -11.25 26.43
CA ASN C 129 4.13 -11.03 25.48
C ASN C 129 5.36 -10.57 26.28
N ARG C 130 5.12 -9.77 27.30
CA ARG C 130 6.18 -9.29 28.17
C ARG C 130 6.86 -10.52 28.92
N ILE C 131 6.10 -11.59 29.21
CA ILE C 131 6.63 -12.79 29.85
C ILE C 131 7.46 -13.68 28.90
N GLN C 132 7.00 -13.82 27.66
CA GLN C 132 7.74 -14.63 26.73
C GLN C 132 9.08 -13.97 26.39
N GLU C 133 9.07 -12.65 26.23
CA GLU C 133 10.31 -11.96 25.91
C GLU C 133 11.41 -12.33 26.90
N LEU C 134 11.11 -12.22 28.20
CA LEU C 134 12.09 -12.53 29.23
C LEU C 134 12.53 -14.00 29.18
N ALA C 135 11.57 -14.90 29.04
CA ALA C 135 11.92 -16.31 28.95
C ALA C 135 12.84 -16.54 27.73
N CYS C 136 12.49 -15.94 26.59
CA CYS C 136 13.30 -16.11 25.38
C CYS C 136 14.67 -15.47 25.52
N SER C 137 14.70 -14.26 26.05
CA SER C 137 15.93 -13.54 26.32
C SER C 137 16.89 -14.42 27.19
N LEU C 138 16.38 -14.94 28.32
CA LEU C 138 17.17 -15.78 29.23
C LEU C 138 17.77 -17.05 28.67
N ILE C 139 16.94 -17.79 27.94
CA ILE C 139 17.34 -19.08 27.40
C ILE C 139 18.36 -18.99 26.29
N GLU C 140 18.13 -18.04 25.38
CA GLU C 140 19.05 -17.84 24.26
C GLU C 140 20.41 -17.38 24.79
N SER C 141 20.40 -16.49 25.77
CA SER C 141 21.68 -16.05 26.32
C SER C 141 22.39 -17.29 26.89
N LEU C 142 21.62 -18.23 27.44
CA LEU C 142 22.24 -19.42 28.00
C LEU C 142 22.57 -20.50 26.98
N ARG C 143 21.82 -20.52 25.88
CA ARG C 143 21.99 -21.59 24.88
C ARG C 143 23.40 -22.04 24.54
N PRO C 144 24.22 -21.12 23.99
CA PRO C 144 25.60 -21.47 23.62
C PRO C 144 26.63 -21.70 24.73
N GLN C 145 26.27 -21.50 25.99
CA GLN C 145 27.23 -21.73 27.07
C GLN C 145 27.28 -23.22 27.39
N GLY C 146 26.23 -23.93 26.99
CA GLY C 146 26.20 -25.36 27.23
C GLY C 146 26.14 -25.82 28.67
N GLN C 147 25.89 -24.91 29.58
CA GLN C 147 25.77 -25.25 31.01
C GLN C 147 25.14 -24.06 31.71
N CYS C 148 24.51 -24.32 32.84
CA CYS C 148 23.93 -23.24 33.61
C CYS C 148 23.57 -23.86 34.95
N ASN C 149 23.35 -23.06 35.99
CA ASN C 149 22.86 -23.70 37.21
C ASN C 149 21.49 -23.12 37.26
N PHE C 150 20.55 -23.95 36.83
CA PHE C 150 19.17 -23.56 36.71
C PHE C 150 18.56 -22.64 37.74
N THR C 151 18.75 -22.93 39.03
CA THR C 151 18.14 -22.11 40.07
C THR C 151 18.42 -20.63 39.91
N GLU C 152 19.70 -20.25 39.86
CA GLU C 152 20.04 -18.83 39.76
C GLU C 152 19.95 -18.21 38.37
N ASP C 153 20.19 -19.01 37.34
CA ASP C 153 20.17 -18.48 35.99
C ASP C 153 18.81 -18.40 35.28
N TYR C 154 17.79 -19.07 35.82
CA TYR C 154 16.45 -19.03 35.20
C TYR C 154 15.29 -19.08 36.19
N ALA C 155 15.29 -20.17 36.97
CA ALA C 155 14.23 -20.40 37.92
C ALA C 155 13.90 -19.17 38.77
N GLU C 156 14.93 -18.49 39.26
CA GLU C 156 14.72 -17.32 40.09
C GLU C 156 14.50 -16.03 39.28
N PRO C 157 15.42 -15.67 38.37
CA PRO C 157 15.22 -14.43 37.60
C PRO C 157 13.96 -14.32 36.77
N PHE C 158 13.55 -15.40 36.13
CA PHE C 158 12.37 -15.35 35.29
C PHE C 158 11.08 -15.06 36.07
N PRO C 159 10.72 -15.89 37.04
CA PRO C 159 9.46 -15.48 37.69
C PRO C 159 9.58 -14.17 38.53
N ILE C 160 10.67 -14.09 39.28
CA ILE C 160 10.88 -12.93 40.15
C ILE C 160 10.84 -11.60 39.40
N ARG C 161 11.58 -11.51 38.31
CA ARG C 161 11.60 -10.27 37.55
C ARG C 161 10.22 -9.90 37.06
N ILE C 162 9.51 -10.90 36.57
CA ILE C 162 8.17 -10.66 36.10
C ILE C 162 7.34 -10.15 37.26
N PHE C 163 7.47 -10.76 38.43
CA PHE C 163 6.71 -10.22 39.56
C PHE C 163 7.13 -8.78 39.97
N MET C 164 8.43 -8.47 39.93
CA MET C 164 8.93 -7.15 40.32
C MET C 164 8.47 -6.11 39.30
N LEU C 165 8.24 -6.56 38.07
CA LEU C 165 7.75 -5.69 37.04
C LEU C 165 6.27 -5.45 37.36
N LEU C 166 5.50 -6.51 37.58
CA LEU C 166 4.10 -6.27 37.88
C LEU C 166 4.00 -5.33 39.10
N ALA C 167 4.82 -5.60 40.11
CA ALA C 167 4.82 -4.84 41.34
C ALA C 167 5.44 -3.46 41.23
N GLY C 168 6.18 -3.22 40.15
CA GLY C 168 6.82 -1.94 39.99
C GLY C 168 7.98 -1.75 40.97
N LEU C 169 8.73 -2.81 41.26
CA LEU C 169 9.87 -2.70 42.17
C LEU C 169 11.15 -2.91 41.41
N PRO C 170 12.21 -2.17 41.80
CA PRO C 170 13.51 -2.29 41.14
C PRO C 170 14.10 -3.70 41.41
N GLU C 171 14.62 -4.32 40.35
CA GLU C 171 15.18 -5.67 40.44
C GLU C 171 16.32 -5.71 41.44
N GLU C 172 16.90 -4.54 41.71
CA GLU C 172 18.01 -4.41 42.66
C GLU C 172 17.66 -4.94 44.06
N ASP C 173 16.38 -4.77 44.41
CA ASP C 173 15.90 -5.17 45.73
C ASP C 173 15.74 -6.69 45.85
N ILE C 174 15.71 -7.38 44.71
CA ILE C 174 15.48 -8.80 44.75
C ILE C 174 16.22 -9.61 45.80
N PRO C 175 17.56 -9.51 45.87
CA PRO C 175 18.35 -10.27 46.85
C PRO C 175 17.81 -10.15 48.26
N HIS C 176 17.45 -8.92 48.66
CA HIS C 176 16.97 -8.67 50.02
C HIS C 176 15.58 -9.29 50.22
N LEU C 177 14.69 -9.06 49.29
CA LEU C 177 13.35 -9.62 49.42
C LEU C 177 13.30 -11.16 49.39
N LYS C 178 14.06 -11.75 48.49
CA LYS C 178 14.13 -13.21 48.32
C LYS C 178 14.70 -13.85 49.59
N TYR C 179 15.70 -13.21 50.17
CA TYR C 179 16.29 -13.74 51.39
C TYR C 179 15.25 -13.73 52.54
N LEU C 180 14.44 -12.68 52.60
CA LEU C 180 13.39 -12.55 53.63
C LEU C 180 12.26 -13.59 53.42
N THR C 181 11.83 -13.74 52.17
CA THR C 181 10.77 -14.68 51.80
C THR C 181 11.15 -16.14 52.18
N ASP C 182 12.42 -16.47 51.91
CA ASP C 182 12.95 -17.80 52.19
C ASP C 182 12.96 -18.09 53.70
N GLN C 183 13.28 -17.07 54.50
CA GLN C 183 13.31 -17.26 55.95
C GLN C 183 11.90 -17.50 56.41
N MET C 184 10.96 -17.25 55.50
CA MET C 184 9.58 -17.45 55.85
C MET C 184 9.09 -18.83 55.46
N THR C 185 9.66 -19.39 54.41
CA THR C 185 9.25 -20.69 53.93
C THR C 185 10.16 -21.81 54.37
N ARG C 186 11.45 -21.51 54.39
CA ARG C 186 12.46 -22.48 54.76
C ARG C 186 13.55 -21.85 55.61
N PRO C 187 13.19 -21.33 56.78
CA PRO C 187 14.20 -20.70 57.64
C PRO C 187 15.49 -21.49 57.84
N ASP C 188 16.61 -20.81 57.63
CA ASP C 188 17.91 -21.41 57.81
C ASP C 188 18.37 -21.16 59.21
N GLY C 189 17.60 -20.39 59.98
CA GLY C 189 17.97 -20.08 61.35
C GLY C 189 18.41 -18.63 61.60
N SER C 190 18.79 -17.90 60.56
CA SER C 190 19.20 -16.51 60.75
C SER C 190 18.05 -15.65 61.26
N MET C 191 16.81 -15.98 60.94
CA MET C 191 15.74 -15.20 61.51
C MET C 191 14.39 -15.86 61.65
N THR C 192 13.64 -15.36 62.64
CA THR C 192 12.31 -15.88 62.93
C THR C 192 11.34 -15.32 61.93
N PHE C 193 10.18 -15.94 61.85
CA PHE C 193 9.16 -15.51 60.96
C PHE C 193 8.81 -14.09 61.30
N ALA C 194 8.66 -13.82 62.59
CA ALA C 194 8.29 -12.50 63.09
C ALA C 194 9.28 -11.43 62.59
N GLU C 195 10.57 -11.74 62.68
CA GLU C 195 11.63 -10.84 62.24
C GLU C 195 11.62 -10.67 60.72
N ALA C 196 11.39 -11.76 60.02
CA ALA C 196 11.36 -11.68 58.57
C ALA C 196 10.19 -10.80 58.10
N LYS C 197 9.03 -10.96 58.76
CA LYS C 197 7.86 -10.19 58.39
C LYS C 197 8.01 -8.70 58.71
N GLU C 198 8.57 -8.37 59.88
CA GLU C 198 8.75 -6.97 60.20
C GLU C 198 9.57 -6.34 59.08
N ALA C 199 10.70 -6.94 58.74
CA ALA C 199 11.55 -6.38 57.69
C ALA C 199 10.80 -6.23 56.38
N LEU C 200 9.93 -7.20 56.08
CA LEU C 200 9.15 -7.11 54.84
C LEU C 200 8.16 -5.96 55.01
N TYR C 201 7.57 -5.83 56.18
CA TYR C 201 6.66 -4.72 56.39
C TYR C 201 7.44 -3.40 56.33
N ASP C 202 8.63 -3.35 56.94
CA ASP C 202 9.48 -2.14 56.91
C ASP C 202 9.87 -1.72 55.48
N TYR C 203 10.10 -2.68 54.60
CA TYR C 203 10.44 -2.34 53.22
C TYR C 203 9.23 -1.72 52.51
N LEU C 204 8.06 -2.32 52.65
CA LEU C 204 6.85 -1.84 52.00
C LEU C 204 6.24 -0.52 52.52
N ILE C 205 6.43 -0.23 53.80
CA ILE C 205 5.84 0.95 54.38
C ILE C 205 6.05 2.27 53.66
N PRO C 206 7.29 2.61 53.31
CA PRO C 206 7.44 3.90 52.62
C PRO C 206 6.91 3.87 51.18
N ILE C 207 6.87 2.68 50.60
CA ILE C 207 6.43 2.50 49.23
C ILE C 207 4.92 2.65 49.12
N ILE C 208 4.21 2.16 50.12
CA ILE C 208 2.77 2.26 50.15
C ILE C 208 2.37 3.74 50.34
N GLU C 209 2.96 4.48 51.31
CA GLU C 209 2.58 5.93 51.43
C GLU C 209 2.94 6.66 50.16
N GLN C 210 4.10 6.36 49.59
CA GLN C 210 4.52 7.01 48.35
C GLN C 210 3.56 6.66 47.18
N ARG C 211 3.15 5.40 47.10
CA ARG C 211 2.27 4.94 46.03
C ARG C 211 0.87 5.53 46.13
N ARG C 212 0.52 5.96 47.35
CA ARG C 212 -0.77 6.57 47.65
C ARG C 212 -0.86 8.07 47.42
N GLN C 213 0.29 8.76 47.41
CA GLN C 213 0.34 10.20 47.20
C GLN C 213 0.68 10.49 45.73
N LYS C 214 0.91 9.42 44.98
CA LYS C 214 1.22 9.47 43.54
C LYS C 214 0.95 8.06 43.00
N PRO C 215 -0.33 7.77 42.72
CA PRO C 215 -0.75 6.47 42.21
C PRO C 215 -0.26 6.08 40.83
N GLY C 216 0.64 5.10 40.79
CA GLY C 216 1.12 4.61 39.51
C GLY C 216 0.09 3.58 39.09
N THR C 217 0.48 2.60 38.29
CA THR C 217 -0.48 1.59 37.88
C THR C 217 -0.01 0.16 38.15
N ASP C 218 0.97 0.03 39.02
CA ASP C 218 1.53 -1.27 39.41
C ASP C 218 0.63 -1.91 40.43
N ALA C 219 0.87 -3.18 40.69
CA ALA C 219 0.12 -3.95 41.65
C ALA C 219 0.01 -3.26 43.00
N ILE C 220 1.15 -2.75 43.44
CA ILE C 220 1.21 -2.07 44.73
C ILE C 220 0.33 -0.82 44.78
N SER C 221 0.39 0.03 43.75
CA SER C 221 -0.43 1.24 43.77
C SER C 221 -1.93 0.90 43.74
N ILE C 222 -2.28 -0.09 42.91
CA ILE C 222 -3.66 -0.50 42.79
C ILE C 222 -4.18 -1.03 44.12
N VAL C 223 -3.36 -1.75 44.85
CA VAL C 223 -3.84 -2.26 46.13
C VAL C 223 -3.89 -1.10 47.11
N ALA C 224 -2.82 -0.32 47.13
CA ALA C 224 -2.69 0.81 48.05
C ALA C 224 -3.80 1.85 47.95
N ASN C 225 -4.27 2.07 46.72
CA ASN C 225 -5.35 3.03 46.46
C ASN C 225 -6.63 2.28 46.18
N GLY C 226 -6.83 1.10 46.77
CA GLY C 226 -8.03 0.35 46.49
C GLY C 226 -9.15 0.39 47.51
N GLN C 227 -10.26 -0.22 47.13
CA GLN C 227 -11.44 -0.30 47.98
C GLN C 227 -11.80 -1.74 48.27
N VAL C 228 -12.27 -2.00 49.50
CA VAL C 228 -12.72 -3.36 49.83
C VAL C 228 -14.23 -3.23 50.12
N ASN C 229 -15.04 -3.93 49.34
CA ASN C 229 -16.50 -3.86 49.49
C ASN C 229 -16.87 -2.38 49.60
N GLY C 230 -16.38 -1.61 48.62
CA GLY C 230 -16.68 -0.20 48.59
C GLY C 230 -15.94 0.81 49.47
N ARG C 231 -15.42 0.43 50.64
CA ARG C 231 -14.70 1.40 51.48
C ARG C 231 -13.16 1.43 51.23
N PRO C 232 -12.50 2.56 51.52
CA PRO C 232 -11.05 2.71 51.32
C PRO C 232 -10.16 1.79 52.12
N ILE C 233 -9.16 1.21 51.45
CA ILE C 233 -8.25 0.32 52.15
C ILE C 233 -7.32 1.16 53.04
N THR C 234 -7.02 0.68 54.25
CA THR C 234 -6.13 1.41 55.15
C THR C 234 -4.74 1.13 54.65
N SER C 235 -3.79 1.99 55.04
CA SER C 235 -2.38 1.87 54.67
C SER C 235 -1.90 0.54 55.25
N ASP C 236 -2.39 0.21 56.43
CA ASP C 236 -1.95 -1.03 57.06
C ASP C 236 -2.45 -2.28 56.36
N GLU C 237 -3.74 -2.27 56.02
CA GLU C 237 -4.30 -3.42 55.33
C GLU C 237 -3.58 -3.64 54.01
N ALA C 238 -3.25 -2.54 53.37
CA ALA C 238 -2.56 -2.61 52.10
C ALA C 238 -1.17 -3.28 52.28
N LYS C 239 -0.52 -2.98 53.39
CA LYS C 239 0.79 -3.51 53.71
C LYS C 239 0.71 -5.01 53.90
N ARG C 240 -0.24 -5.45 54.71
CA ARG C 240 -0.43 -6.87 54.98
C ARG C 240 -0.81 -7.63 53.71
N MET C 241 -1.49 -6.96 52.79
CA MET C 241 -1.86 -7.61 51.54
C MET C 241 -0.64 -7.61 50.60
N CYS C 242 0.05 -6.47 50.47
CA CYS C 242 1.24 -6.39 49.63
C CYS C 242 2.33 -7.37 50.07
N GLY C 243 2.45 -7.57 51.37
CA GLY C 243 3.46 -8.51 51.82
C GLY C 243 3.16 -9.93 51.36
N LEU C 244 1.90 -10.35 51.41
CA LEU C 244 1.55 -11.70 50.98
C LEU C 244 1.85 -11.82 49.51
N LEU C 245 1.45 -10.80 48.75
CA LEU C 245 1.67 -10.82 47.31
C LEU C 245 3.11 -11.06 46.96
N LEU C 246 4.01 -10.45 47.72
CA LEU C 246 5.44 -10.60 47.49
C LEU C 246 5.88 -12.04 47.83
N LEU C 247 5.29 -12.59 48.87
CA LEU C 247 5.63 -13.95 49.28
C LEU C 247 5.26 -14.90 48.13
N GLY C 248 4.05 -14.74 47.60
CA GLY C 248 3.64 -15.60 46.50
C GLY C 248 4.42 -15.34 45.22
N GLY C 249 4.97 -14.15 45.04
CA GLY C 249 5.67 -13.90 43.80
C GLY C 249 7.12 -14.30 43.79
N LEU C 250 7.73 -14.37 44.96
CA LEU C 250 9.13 -14.70 45.05
C LEU C 250 9.50 -16.13 45.42
N ASP C 251 8.57 -16.87 46.00
CA ASP C 251 8.92 -18.22 46.42
C ASP C 251 7.96 -19.36 46.11
N THR C 252 7.53 -19.50 44.86
CA THR C 252 6.65 -20.60 44.51
C THR C 252 7.09 -21.18 43.18
N VAL C 253 6.78 -20.45 42.12
CA VAL C 253 7.12 -20.78 40.73
C VAL C 253 8.63 -20.99 40.63
N VAL C 254 9.40 -20.14 41.32
CA VAL C 254 10.85 -20.26 41.32
C VAL C 254 11.22 -21.69 41.68
N ASN C 255 10.66 -22.19 42.76
CA ASN C 255 10.98 -23.54 43.19
C ASN C 255 10.39 -24.68 42.33
N PHE C 256 9.18 -24.47 41.80
CA PHE C 256 8.50 -25.50 40.98
C PHE C 256 9.18 -25.70 39.63
N LEU C 257 9.67 -24.62 39.04
CA LEU C 257 10.37 -24.72 37.77
C LEU C 257 11.57 -25.63 38.03
N SER C 258 12.24 -25.45 39.17
CA SER C 258 13.38 -26.30 39.46
C SER C 258 13.03 -27.78 39.57
N PHE C 259 11.95 -28.13 40.26
CA PHE C 259 11.56 -29.53 40.36
C PHE C 259 11.27 -30.08 38.95
N SER C 260 10.56 -29.29 38.14
CA SER C 260 10.18 -29.71 36.78
C SER C 260 11.39 -29.95 35.90
N MET C 261 12.26 -28.95 35.80
CA MET C 261 13.43 -29.05 34.96
C MET C 261 14.42 -30.15 35.43
N GLU C 262 14.46 -30.42 36.72
CA GLU C 262 15.35 -31.47 37.21
C GLU C 262 14.82 -32.79 36.65
N PHE C 263 13.51 -32.96 36.77
CA PHE C 263 12.85 -34.15 36.28
C PHE C 263 13.08 -34.32 34.78
N LEU C 264 12.85 -33.26 34.01
CA LEU C 264 13.06 -33.31 32.58
C LEU C 264 14.52 -33.63 32.23
N ALA C 265 15.45 -33.13 33.03
CA ALA C 265 16.87 -33.42 32.78
C ALA C 265 17.21 -34.88 32.97
N LYS C 266 16.41 -35.59 33.76
CA LYS C 266 16.70 -36.99 34.02
C LYS C 266 15.72 -37.83 33.24
N SER C 267 14.95 -37.20 32.36
CA SER C 267 13.97 -37.96 31.61
C SER C 267 13.86 -37.64 30.14
N PRO C 268 14.82 -38.16 29.35
CA PRO C 268 14.94 -38.00 27.90
C PRO C 268 13.63 -38.24 27.18
N GLU C 269 12.99 -39.36 27.51
CA GLU C 269 11.72 -39.74 26.89
C GLU C 269 10.57 -38.74 27.07
N HIS C 270 10.42 -38.19 28.27
CA HIS C 270 9.37 -37.21 28.50
C HIS C 270 9.68 -36.01 27.60
N ARG C 271 10.96 -35.68 27.58
CA ARG C 271 11.48 -34.60 26.77
C ARG C 271 11.06 -34.78 25.30
N GLN C 272 11.38 -35.93 24.72
CA GLN C 272 11.03 -36.20 23.33
C GLN C 272 9.54 -36.03 23.11
N GLU C 273 8.77 -36.56 24.05
CA GLU C 273 7.33 -36.47 23.98
C GLU C 273 6.87 -35.02 23.80
N LEU C 274 7.48 -34.11 24.53
CA LEU C 274 7.07 -32.70 24.42
C LEU C 274 7.58 -32.00 23.15
N ILE C 275 8.74 -32.43 22.65
CA ILE C 275 9.30 -31.89 21.41
C ILE C 275 8.50 -32.47 20.23
N GLU C 276 8.35 -33.79 20.21
CA GLU C 276 7.61 -34.39 19.13
C GLU C 276 6.16 -33.98 19.19
N ARG C 277 5.61 -33.76 20.38
CA ARG C 277 4.20 -33.34 20.48
C ARG C 277 4.07 -32.12 21.40
N PRO C 278 4.49 -30.96 20.90
CA PRO C 278 4.43 -29.73 21.69
C PRO C 278 3.03 -29.40 22.17
N GLU C 279 1.99 -29.95 21.53
CA GLU C 279 0.63 -29.60 21.96
C GLU C 279 0.25 -30.11 23.35
N ARG C 280 1.06 -30.99 23.89
CA ARG C 280 0.78 -31.56 25.19
C ARG C 280 1.47 -30.81 26.34
N ILE C 281 2.21 -29.74 26.01
CA ILE C 281 2.88 -28.96 27.04
C ILE C 281 1.92 -28.50 28.18
N PRO C 282 0.70 -28.00 27.85
CA PRO C 282 -0.17 -27.60 28.96
C PRO C 282 -0.52 -28.82 29.87
N ALA C 283 -0.88 -29.94 29.26
CA ALA C 283 -1.23 -31.13 30.04
C ALA C 283 -0.04 -31.58 30.89
N ALA C 284 1.15 -31.53 30.31
CA ALA C 284 2.33 -31.95 31.05
C ALA C 284 2.49 -30.96 32.18
N CYS C 285 2.08 -29.73 31.95
CA CYS C 285 2.18 -28.72 33.01
C CYS C 285 1.34 -29.15 34.25
N GLU C 286 0.08 -29.52 34.06
CA GLU C 286 -0.72 -29.92 35.21
C GLU C 286 -0.19 -31.18 35.89
N GLU C 287 0.28 -32.14 35.08
CA GLU C 287 0.78 -33.42 35.63
C GLU C 287 2.04 -33.15 36.47
N LEU C 288 2.90 -32.27 35.97
CA LEU C 288 4.10 -31.87 36.70
C LEU C 288 3.68 -31.11 38.00
N LEU C 289 2.61 -30.33 37.91
CA LEU C 289 2.12 -29.60 39.09
C LEU C 289 1.63 -30.59 40.16
N ARG C 290 1.01 -31.68 39.69
CA ARG C 290 0.55 -32.73 40.58
C ARG C 290 1.76 -33.43 41.18
N ARG C 291 2.62 -33.96 40.31
CA ARG C 291 3.78 -34.72 40.79
C ARG C 291 4.75 -33.96 41.66
N PHE C 292 5.02 -32.72 41.28
CA PHE C 292 6.00 -31.94 42.02
C PHE C 292 5.38 -30.83 42.82
N SER C 293 4.24 -31.16 43.41
CA SER C 293 3.50 -30.24 44.26
C SER C 293 4.44 -29.82 45.41
N LEU C 294 4.39 -28.57 45.85
CA LEU C 294 5.35 -28.22 46.85
C LEU C 294 4.94 -27.34 48.05
N VAL C 295 3.68 -26.96 48.12
CA VAL C 295 3.25 -26.15 49.23
C VAL C 295 2.61 -27.02 50.29
N ALA C 296 2.75 -26.57 51.53
CA ALA C 296 2.15 -27.27 52.66
C ALA C 296 1.90 -26.32 53.84
N ASP C 297 0.70 -25.75 53.94
CA ASP C 297 0.45 -24.98 55.15
C ASP C 297 -0.70 -25.65 55.94
N GLY C 298 -1.36 -24.93 56.85
CA GLY C 298 -2.38 -25.57 57.66
C GLY C 298 -3.38 -24.60 58.26
N ARG C 299 -4.11 -25.07 59.28
CA ARG C 299 -5.15 -24.28 59.90
C ARG C 299 -5.13 -24.57 61.39
N ILE C 300 -5.94 -23.83 62.14
CA ILE C 300 -5.98 -24.03 63.59
C ILE C 300 -7.44 -24.25 63.96
N LEU C 301 -7.65 -25.18 64.88
CA LEU C 301 -8.98 -25.53 65.33
C LEU C 301 -9.66 -24.42 66.13
N THR C 302 -10.86 -24.06 65.70
CA THR C 302 -11.58 -23.01 66.38
C THR C 302 -12.33 -23.51 67.63
N SER C 303 -12.75 -24.77 67.67
CA SER C 303 -13.46 -25.30 68.83
C SER C 303 -13.06 -26.75 69.00
N ASP C 304 -13.57 -27.43 70.00
CA ASP C 304 -13.20 -28.83 70.10
C ASP C 304 -13.99 -29.45 68.96
N TYR C 305 -13.42 -30.45 68.28
CA TYR C 305 -14.13 -31.04 67.16
C TYR C 305 -13.63 -32.43 66.85
N GLU C 306 -14.58 -33.36 66.74
CA GLU C 306 -14.25 -34.75 66.41
C GLU C 306 -14.16 -34.88 64.87
N PHE C 307 -12.98 -35.23 64.35
CA PHE C 307 -12.75 -35.34 62.92
C PHE C 307 -12.24 -36.72 62.48
N HIS C 308 -13.03 -37.39 61.67
CA HIS C 308 -12.65 -38.72 61.22
C HIS C 308 -12.19 -39.54 62.41
N GLY C 309 -13.04 -39.59 63.44
CA GLY C 309 -12.76 -40.37 64.63
C GLY C 309 -11.66 -39.89 65.53
N VAL C 310 -11.12 -38.71 65.27
CA VAL C 310 -10.07 -38.19 66.15
C VAL C 310 -10.54 -36.91 66.82
N GLN C 311 -10.36 -36.82 68.14
CA GLN C 311 -10.75 -35.63 68.91
C GLN C 311 -9.73 -34.49 68.75
N LEU C 312 -10.11 -33.45 68.03
CA LEU C 312 -9.18 -32.33 67.89
C LEU C 312 -9.56 -31.30 68.95
N LYS C 313 -8.57 -30.68 69.57
CA LYS C 313 -8.87 -29.71 70.60
C LYS C 313 -8.72 -28.29 70.13
N LYS C 314 -9.62 -27.41 70.55
CA LYS C 314 -9.54 -26.02 70.18
C LYS C 314 -8.09 -25.54 70.34
N GLY C 315 -7.59 -24.76 69.39
CA GLY C 315 -6.22 -24.28 69.47
C GLY C 315 -5.22 -25.22 68.86
N ASP C 316 -5.63 -26.46 68.64
CA ASP C 316 -4.72 -27.44 68.01
C ASP C 316 -4.42 -26.95 66.60
N GLN C 317 -3.20 -27.16 66.14
CA GLN C 317 -2.85 -26.79 64.78
C GLN C 317 -2.89 -28.08 63.97
N ILE C 318 -3.22 -27.97 62.69
CA ILE C 318 -3.20 -29.13 61.84
C ILE C 318 -2.63 -28.75 60.48
N LEU C 319 -1.56 -29.43 60.10
CA LEU C 319 -0.93 -29.23 58.81
C LEU C 319 -1.76 -30.01 57.76
N LEU C 320 -2.19 -29.33 56.70
CA LEU C 320 -3.00 -29.91 55.64
C LEU C 320 -2.19 -29.76 54.36
N PRO C 321 -1.31 -30.72 54.08
CA PRO C 321 -0.46 -30.62 52.89
C PRO C 321 -1.09 -30.58 51.49
N GLN C 322 -1.18 -29.40 50.92
CA GLN C 322 -1.73 -29.30 49.57
C GLN C 322 -0.96 -30.33 48.70
N MET C 323 0.35 -30.40 48.92
CA MET C 323 1.29 -31.30 48.23
C MET C 323 0.86 -32.75 48.22
N LEU C 324 0.40 -33.23 49.35
CA LEU C 324 0.03 -34.64 49.50
C LEU C 324 -1.18 -35.15 48.73
N SER C 325 -2.13 -34.27 48.50
CA SER C 325 -3.34 -34.66 47.79
C SER C 325 -3.09 -35.42 46.50
N GLY C 326 -2.29 -34.82 45.64
CA GLY C 326 -2.01 -35.41 44.35
C GLY C 326 -1.07 -36.59 44.36
N LEU C 327 -0.38 -36.79 45.47
CA LEU C 327 0.54 -37.90 45.59
C LEU C 327 -0.17 -39.06 46.20
N ASP C 328 -1.40 -38.80 46.66
CA ASP C 328 -2.27 -39.81 47.29
C ASP C 328 -2.67 -40.91 46.27
N GLU C 329 -2.37 -42.19 46.56
CA GLU C 329 -2.74 -43.28 45.64
C GLU C 329 -4.26 -43.34 45.55
N ARG C 330 -4.95 -42.91 46.59
CA ARG C 330 -6.42 -42.87 46.57
C ARG C 330 -6.91 -41.70 45.71
N GLU C 331 -6.00 -40.94 45.11
CA GLU C 331 -6.50 -39.89 44.25
C GLU C 331 -6.01 -40.14 42.84
N ASN C 332 -4.79 -40.67 42.69
CA ASN C 332 -4.16 -40.96 41.39
C ASN C 332 -3.34 -42.26 41.45
N ALA C 333 -3.58 -43.18 40.54
CA ALA C 333 -2.82 -44.44 40.61
C ALA C 333 -1.40 -44.18 40.14
N ALA C 334 -0.46 -45.02 40.57
CA ALA C 334 0.95 -44.83 40.19
C ALA C 334 1.33 -43.37 40.36
N PRO C 335 0.96 -42.75 41.50
CA PRO C 335 1.19 -41.35 41.91
C PRO C 335 2.57 -40.77 41.72
N MET C 336 3.58 -41.60 41.91
CA MET C 336 4.92 -41.08 41.77
C MET C 336 5.37 -41.11 40.32
N HIS C 337 4.51 -41.62 39.43
CA HIS C 337 4.82 -41.69 38.00
C HIS C 337 4.29 -40.52 37.21
N VAL C 338 5.16 -39.95 36.39
CA VAL C 338 4.79 -38.84 35.55
C VAL C 338 4.30 -39.38 34.21
N ASP C 339 3.01 -39.18 33.96
CA ASP C 339 2.33 -39.59 32.76
C ASP C 339 1.66 -38.33 32.23
N PHE C 340 2.20 -37.77 31.15
CA PHE C 340 1.65 -36.57 30.57
C PHE C 340 0.27 -36.81 30.00
N SER C 341 -0.07 -38.08 29.78
CA SER C 341 -1.38 -38.41 29.21
C SER C 341 -2.35 -38.88 30.29
N ARG C 342 -1.91 -38.81 31.54
CA ARG C 342 -2.73 -39.21 32.68
C ARG C 342 -4.11 -38.60 32.39
N GLN C 343 -5.15 -39.43 32.49
CA GLN C 343 -6.50 -38.99 32.17
C GLN C 343 -7.19 -38.03 33.12
N LYS C 344 -7.05 -38.26 34.42
CA LYS C 344 -7.66 -37.38 35.39
C LYS C 344 -6.54 -36.96 36.34
N VAL C 345 -6.02 -35.75 36.13
CA VAL C 345 -4.95 -35.27 36.98
C VAL C 345 -5.58 -34.67 38.24
N SER C 346 -5.62 -35.42 39.32
CA SER C 346 -6.27 -34.89 40.50
C SER C 346 -5.27 -34.28 41.46
N HIS C 347 -5.47 -33.00 41.82
CA HIS C 347 -4.54 -32.37 42.76
C HIS C 347 -5.05 -31.15 43.54
N THR C 348 -4.24 -30.65 44.48
CA THR C 348 -4.61 -29.45 45.25
C THR C 348 -3.36 -28.63 45.46
N THR C 349 -2.56 -28.63 44.41
CA THR C 349 -1.29 -27.93 44.40
C THR C 349 -1.43 -26.43 44.59
N PHE C 350 -2.55 -25.88 44.13
CA PHE C 350 -2.82 -24.45 44.32
C PHE C 350 -3.80 -24.20 45.48
N GLY C 351 -3.94 -25.17 46.36
CA GLY C 351 -4.84 -25.02 47.49
C GLY C 351 -6.22 -25.61 47.20
N HIS C 352 -7.13 -25.49 48.17
CA HIS C 352 -8.48 -26.00 48.03
C HIS C 352 -9.35 -25.16 48.95
N GLY C 353 -10.61 -24.94 48.59
CA GLY C 353 -11.46 -24.13 49.45
C GLY C 353 -11.49 -22.64 49.10
N SER C 354 -11.75 -21.80 50.09
CA SER C 354 -11.87 -20.37 49.83
C SER C 354 -10.57 -19.60 49.59
N HIS C 355 -9.43 -20.22 49.86
CA HIS C 355 -8.16 -19.54 49.63
C HIS C 355 -7.39 -20.00 48.37
N LEU C 356 -8.12 -20.50 47.39
CA LEU C 356 -7.48 -20.98 46.16
C LEU C 356 -6.50 -19.96 45.64
N CYS C 357 -5.33 -20.42 45.24
CA CYS C 357 -4.29 -19.54 44.76
C CYS C 357 -4.68 -18.54 43.64
N LEU C 358 -4.66 -17.26 44.00
CA LEU C 358 -4.99 -16.21 43.05
C LEU C 358 -3.92 -16.14 41.96
N GLY C 359 -2.71 -16.59 42.26
CA GLY C 359 -1.63 -16.52 41.30
C GLY C 359 -1.44 -17.71 40.38
N GLN C 360 -2.40 -18.63 40.37
CA GLN C 360 -2.28 -19.84 39.55
C GLN C 360 -2.31 -19.57 38.04
N HIS C 361 -3.02 -18.53 37.61
CA HIS C 361 -3.05 -18.22 36.18
C HIS C 361 -1.69 -17.67 35.79
N LEU C 362 -1.09 -16.85 36.65
CA LEU C 362 0.25 -16.34 36.36
C LEU C 362 1.23 -17.51 36.38
N ALA C 363 1.15 -18.35 37.41
CA ALA C 363 2.05 -19.49 37.52
C ALA C 363 1.97 -20.38 36.26
N ARG C 364 0.76 -20.74 35.85
CA ARG C 364 0.61 -21.57 34.68
C ARG C 364 1.25 -20.97 33.42
N ARG C 365 1.00 -19.69 33.18
CA ARG C 365 1.59 -19.06 31.99
C ARG C 365 3.12 -19.16 32.04
N GLU C 366 3.69 -18.85 33.19
CA GLU C 366 5.14 -18.91 33.33
C GLU C 366 5.64 -20.31 33.11
N ILE C 367 4.93 -21.30 33.63
CA ILE C 367 5.37 -22.67 33.46
C ILE C 367 5.28 -23.12 32.00
N ILE C 368 4.18 -22.79 31.32
CA ILE C 368 4.03 -23.24 29.92
C ILE C 368 4.98 -22.58 28.91
N VAL C 369 5.26 -21.30 29.11
CA VAL C 369 6.18 -20.56 28.26
C VAL C 369 7.58 -21.13 28.53
N THR C 370 7.87 -21.40 29.79
CA THR C 370 9.17 -21.94 30.13
C THR C 370 9.31 -23.29 29.39
N LEU C 371 8.31 -24.17 29.47
CA LEU C 371 8.47 -25.45 28.77
C LEU C 371 8.60 -25.30 27.24
N LYS C 372 7.70 -24.55 26.64
CA LYS C 372 7.72 -24.33 25.18
C LYS C 372 9.04 -23.71 24.69
N GLU C 373 9.47 -22.63 25.33
CA GLU C 373 10.66 -21.92 24.89
C GLU C 373 12.00 -22.55 25.22
N TRP C 374 12.05 -23.40 26.26
CA TRP C 374 13.30 -24.06 26.59
C TRP C 374 13.53 -25.25 25.63
N LEU C 375 12.55 -26.14 25.52
CA LEU C 375 12.62 -27.32 24.68
C LEU C 375 12.82 -26.97 23.17
N THR C 376 12.33 -25.78 22.82
CA THR C 376 12.42 -25.16 21.48
C THR C 376 13.87 -24.80 21.16
N ARG C 377 14.66 -24.41 22.17
CA ARG C 377 16.06 -24.01 21.93
C ARG C 377 17.10 -24.94 22.52
N ILE C 378 16.68 -25.76 23.49
CA ILE C 378 17.61 -26.67 24.13
C ILE C 378 16.95 -28.01 24.42
N PRO C 379 16.53 -28.74 23.37
CA PRO C 379 15.87 -30.04 23.49
C PRO C 379 16.62 -31.08 24.31
N ASP C 380 17.94 -31.10 24.20
CA ASP C 380 18.69 -32.07 24.97
C ASP C 380 19.58 -31.44 26.01
N PHE C 381 19.35 -31.87 27.25
CA PHE C 381 20.12 -31.39 28.38
C PHE C 381 20.00 -32.43 29.46
N SER C 382 21.03 -32.53 30.28
CA SER C 382 21.02 -33.47 31.37
C SER C 382 21.58 -32.76 32.61
N ILE C 383 21.67 -33.50 33.70
CA ILE C 383 22.20 -32.95 34.94
C ILE C 383 23.73 -33.05 34.91
N ALA C 384 24.41 -32.14 35.57
CA ALA C 384 25.87 -32.19 35.62
C ALA C 384 26.31 -33.59 36.11
N PRO C 385 27.33 -34.19 35.46
CA PRO C 385 27.77 -35.52 35.88
C PRO C 385 28.19 -35.62 37.34
N GLY C 386 27.61 -36.60 38.03
CA GLY C 386 27.91 -36.80 39.43
C GLY C 386 27.06 -35.96 40.38
N ALA C 387 26.60 -34.79 39.91
CA ALA C 387 25.78 -33.90 40.74
C ALA C 387 24.74 -34.61 41.59
N GLN C 388 24.82 -34.37 42.91
CA GLN C 388 23.92 -34.96 43.89
C GLN C 388 22.82 -33.94 44.29
N ILE C 389 21.72 -33.88 43.53
CA ILE C 389 20.66 -32.91 43.82
C ILE C 389 20.00 -33.00 45.19
N GLN C 390 19.98 -31.86 45.87
CA GLN C 390 19.39 -31.79 47.19
C GLN C 390 18.15 -30.92 47.23
N HIS C 391 17.13 -31.43 47.90
CA HIS C 391 15.91 -30.69 48.08
C HIS C 391 15.92 -30.07 49.49
N LYS C 392 14.95 -29.20 49.75
CA LYS C 392 14.85 -28.53 51.04
C LYS C 392 13.34 -28.49 51.33
N SER C 393 12.96 -28.95 52.50
CA SER C 393 11.57 -29.00 52.87
C SER C 393 11.17 -27.83 53.75
N GLY C 394 9.93 -27.37 53.58
CA GLY C 394 9.39 -26.26 54.37
C GLY C 394 7.92 -25.99 54.05
N ILE C 395 7.43 -24.80 54.35
CA ILE C 395 6.05 -24.49 53.99
C ILE C 395 6.04 -24.61 52.45
N VAL C 396 7.14 -24.22 51.82
CA VAL C 396 7.27 -24.35 50.38
C VAL C 396 8.54 -25.12 50.16
N SER C 397 8.45 -26.29 49.49
CA SER C 397 9.66 -27.06 49.28
C SER C 397 10.42 -26.59 48.03
N GLY C 398 11.74 -26.74 48.04
CA GLY C 398 12.53 -26.26 46.91
C GLY C 398 13.74 -27.13 46.61
N VAL C 399 14.53 -26.69 45.64
CA VAL C 399 15.74 -27.39 45.20
C VAL C 399 16.91 -26.47 45.58
N GLN C 400 18.00 -27.02 46.09
CA GLN C 400 19.12 -26.17 46.46
C GLN C 400 19.88 -25.66 45.26
N ALA C 401 20.10 -26.51 44.25
CA ALA C 401 20.82 -26.12 43.04
C ALA C 401 20.61 -27.12 41.91
N LEU C 402 20.58 -26.66 40.67
CA LEU C 402 20.41 -27.58 39.56
C LEU C 402 21.44 -27.33 38.49
N PRO C 403 22.56 -28.07 38.55
CA PRO C 403 23.58 -27.86 37.52
C PRO C 403 23.27 -28.60 36.22
N LEU C 404 22.95 -27.85 35.18
CA LEU C 404 22.61 -28.44 33.90
C LEU C 404 23.73 -28.27 32.89
N VAL C 405 23.88 -29.28 32.03
CA VAL C 405 24.87 -29.25 30.99
C VAL C 405 24.21 -29.69 29.68
N TRP C 406 24.83 -29.31 28.58
CA TRP C 406 24.32 -29.73 27.28
C TRP C 406 25.33 -29.32 26.25
N ASP C 407 25.25 -29.96 25.09
CA ASP C 407 26.13 -29.67 23.96
C ASP C 407 25.44 -28.62 23.09
N PRO C 408 26.03 -27.43 22.95
CA PRO C 408 25.55 -26.27 22.17
C PRO C 408 25.20 -26.61 20.73
N ALA C 409 26.02 -27.46 20.13
CA ALA C 409 25.82 -27.90 18.76
C ALA C 409 24.38 -28.44 18.58
N THR C 410 23.89 -29.15 19.61
CA THR C 410 22.55 -29.71 19.53
C THR C 410 21.44 -28.69 19.77
N THR C 411 21.81 -27.46 20.09
CA THR C 411 20.78 -26.47 20.36
C THR C 411 20.24 -25.82 19.10
N LYS C 412 19.13 -25.11 19.25
CA LYS C 412 18.46 -24.43 18.13
C LYS C 412 18.27 -22.96 18.51
N ALA C 413 18.55 -22.08 17.57
CA ALA C 413 18.38 -20.66 17.84
C ALA C 413 17.04 -20.22 17.24
N VAL C 414 16.43 -19.19 17.83
CA VAL C 414 15.16 -18.70 17.31
C VAL C 414 15.25 -17.22 16.94
N ASN D 10 19.10 10.63 25.39
CA ASN D 10 18.10 11.70 25.67
C ASN D 10 16.73 11.10 25.45
N LEU D 11 16.34 10.10 26.22
CA LEU D 11 15.01 9.49 26.09
C LEU D 11 14.26 9.71 27.39
N ALA D 12 13.04 10.24 27.30
CA ALA D 12 12.25 10.51 28.50
C ALA D 12 11.68 9.22 29.08
N PRO D 13 11.63 9.13 30.42
CA PRO D 13 11.08 7.92 31.02
C PRO D 13 9.64 7.62 30.57
N LEU D 14 9.43 6.38 30.18
CA LEU D 14 8.14 5.88 29.70
C LEU D 14 7.06 5.99 30.78
N PRO D 15 6.14 6.96 30.64
CA PRO D 15 5.05 7.16 31.60
C PRO D 15 4.26 5.87 31.93
N PRO D 16 3.71 5.78 33.14
CA PRO D 16 2.95 4.61 33.57
C PRO D 16 2.01 3.97 32.54
N HIS D 17 1.22 4.77 31.83
CA HIS D 17 0.28 4.22 30.85
C HIS D 17 0.80 3.81 29.48
N VAL D 18 1.87 4.41 28.98
CA VAL D 18 2.33 3.95 27.67
C VAL D 18 2.79 2.47 27.72
N PRO D 19 2.10 1.59 26.99
CA PRO D 19 2.50 0.17 27.01
C PRO D 19 3.90 0.05 26.43
N GLU D 20 4.66 -0.96 26.84
CA GLU D 20 6.01 -1.07 26.31
C GLU D 20 6.02 -1.63 24.89
N HIS D 21 4.97 -2.33 24.49
CA HIS D 21 4.98 -2.85 23.14
C HIS D 21 4.67 -1.75 22.11
N LEU D 22 4.42 -0.51 22.57
CA LEU D 22 4.15 0.58 21.65
C LEU D 22 5.25 1.62 21.57
N VAL D 23 6.39 1.35 22.21
CA VAL D 23 7.48 2.30 22.15
C VAL D 23 8.29 2.13 20.88
N PHE D 24 8.48 3.24 20.18
CA PHE D 24 9.22 3.25 18.94
C PHE D 24 9.91 4.61 18.94
N ASP D 25 11.06 4.68 19.59
CA ASP D 25 11.81 5.94 19.71
C ASP D 25 12.22 6.64 18.42
N PHE D 26 11.23 7.04 17.62
CA PHE D 26 11.50 7.77 16.38
C PHE D 26 11.79 9.25 16.78
N ASP D 27 12.92 9.78 16.31
CA ASP D 27 13.32 11.15 16.62
C ASP D 27 12.98 12.06 15.44
N MET D 28 11.96 12.91 15.62
CA MET D 28 11.49 13.77 14.55
C MET D 28 12.39 14.86 14.04
N TYR D 29 13.47 15.14 14.77
CA TYR D 29 14.41 16.16 14.33
C TYR D 29 15.69 15.53 13.80
N ASN D 30 15.82 14.23 14.03
CA ASN D 30 16.94 13.49 13.50
C ASN D 30 16.53 12.05 13.36
N PRO D 31 15.77 11.75 12.30
CA PRO D 31 15.30 10.38 12.10
C PRO D 31 16.43 9.44 11.71
N SER D 32 16.31 8.19 12.19
CA SER D 32 17.28 7.10 11.97
C SER D 32 17.88 6.90 10.58
N ASN D 33 17.08 6.68 9.55
CA ASN D 33 17.72 6.50 8.24
C ASN D 33 17.59 7.74 7.38
N LEU D 34 17.75 8.89 8.03
CA LEU D 34 17.66 10.18 7.36
C LEU D 34 18.45 10.18 6.06
N SER D 35 19.68 9.67 6.16
CA SER D 35 20.57 9.64 5.01
C SER D 35 19.99 8.93 3.79
N ALA D 36 18.83 8.31 3.92
CA ALA D 36 18.23 7.63 2.77
C ALA D 36 17.19 8.51 2.13
N GLY D 37 17.00 9.70 2.71
CA GLY D 37 16.02 10.65 2.22
C GLY D 37 15.11 10.89 3.41
N VAL D 38 14.81 12.14 3.74
CA VAL D 38 13.97 12.36 4.90
C VAL D 38 12.61 11.69 4.78
N GLN D 39 11.95 11.74 3.63
CA GLN D 39 10.65 11.10 3.62
C GLN D 39 10.83 9.61 3.93
N GLU D 40 11.74 8.95 3.22
CA GLU D 40 12.00 7.54 3.48
C GLU D 40 12.16 7.30 5.01
N ALA D 41 12.98 8.13 5.67
CA ALA D 41 13.20 7.98 7.11
C ALA D 41 11.94 8.05 7.97
N TRP D 42 10.92 8.78 7.54
CA TRP D 42 9.70 8.83 8.35
C TRP D 42 8.93 7.58 7.99
N ALA D 43 9.16 7.11 6.76
CA ALA D 43 8.51 5.94 6.21
C ALA D 43 8.82 4.62 6.96
N VAL D 44 9.82 4.63 7.83
CA VAL D 44 10.10 3.42 8.58
C VAL D 44 8.93 3.21 9.54
N LEU D 45 8.22 4.30 9.85
CA LEU D 45 7.09 4.24 10.78
C LEU D 45 5.96 3.50 10.12
N GLN D 46 6.19 3.07 8.89
CA GLN D 46 5.16 2.35 8.19
C GLN D 46 5.53 0.93 7.83
N GLU D 47 6.65 0.44 8.33
CA GLU D 47 6.98 -0.96 8.01
C GLU D 47 5.76 -1.73 8.59
N SER D 48 5.43 -2.86 8.00
CA SER D 48 4.30 -3.64 8.45
C SER D 48 4.46 -4.10 9.90
N ASN D 49 5.66 -3.92 10.45
CA ASN D 49 5.97 -4.33 11.82
C ASN D 49 5.92 -3.17 12.84
N VAL D 50 5.18 -2.13 12.49
CA VAL D 50 5.03 -1.01 13.36
C VAL D 50 3.52 -0.86 13.49
N PRO D 51 3.04 -0.50 14.68
CA PRO D 51 1.60 -0.31 14.95
C PRO D 51 0.96 0.73 14.05
N ASP D 52 -0.11 1.33 14.56
CA ASP D 52 -0.78 2.39 13.85
C ASP D 52 -0.60 3.62 14.70
N LEU D 53 -0.40 3.38 15.98
CA LEU D 53 -0.24 4.45 16.95
C LEU D 53 0.83 4.01 17.94
N VAL D 54 2.03 4.53 17.76
CA VAL D 54 3.16 4.16 18.60
C VAL D 54 3.50 5.29 19.53
N TRP D 55 4.41 5.05 20.47
CA TRP D 55 4.85 6.08 21.41
C TRP D 55 6.36 6.26 21.36
N THR D 56 6.81 7.49 21.27
CA THR D 56 8.24 7.74 21.28
C THR D 56 8.65 8.49 22.53
N ARG D 57 9.82 8.15 23.05
CA ARG D 57 10.34 8.78 24.24
C ARG D 57 11.35 9.82 23.86
N CYS D 58 11.49 10.06 22.56
CA CYS D 58 12.42 11.10 22.13
C CYS D 58 11.70 12.44 22.30
N ASN D 59 12.48 13.50 22.47
CA ASN D 59 11.90 14.83 22.59
C ASN D 59 10.78 14.96 23.65
N GLY D 60 11.04 14.46 24.85
CA GLY D 60 10.07 14.58 25.91
C GLY D 60 9.01 13.51 25.91
N GLY D 61 8.93 12.75 24.82
CA GLY D 61 7.94 11.70 24.77
C GLY D 61 6.62 12.17 24.23
N HIS D 62 6.15 11.49 23.18
CA HIS D 62 4.89 11.86 22.55
C HIS D 62 4.37 10.69 21.69
N TRP D 63 3.08 10.71 21.38
CA TRP D 63 2.48 9.68 20.56
C TRP D 63 2.76 10.02 19.10
N ILE D 64 2.54 9.05 18.20
CA ILE D 64 2.72 9.22 16.77
C ILE D 64 1.76 8.31 16.00
N ALA D 65 0.80 8.94 15.31
CA ALA D 65 -0.13 8.24 14.46
C ALA D 65 0.76 7.90 13.30
N THR D 66 0.79 6.63 12.86
CA THR D 66 1.65 6.23 11.73
C THR D 66 0.97 6.09 10.39
N ARG D 67 -0.36 6.01 10.39
CA ARG D 67 -1.13 5.84 9.16
C ARG D 67 -2.09 6.97 8.87
N GLY D 68 -2.38 7.17 7.59
CA GLY D 68 -3.27 8.24 7.16
C GLY D 68 -4.62 8.31 7.85
N GLN D 69 -5.29 7.17 7.96
CA GLN D 69 -6.59 7.09 8.59
C GLN D 69 -6.61 7.76 9.96
N LEU D 70 -5.69 7.37 10.83
CA LEU D 70 -5.61 7.92 12.18
C LEU D 70 -5.34 9.43 12.16
N ILE D 71 -4.39 9.80 11.31
CA ILE D 71 -4.01 11.19 11.13
C ILE D 71 -5.24 12.01 10.73
N ARG D 72 -5.97 11.55 9.71
CA ARG D 72 -7.18 12.27 9.27
C ARG D 72 -8.17 12.31 10.41
N GLU D 73 -8.48 11.15 10.96
CA GLU D 73 -9.43 11.03 12.05
C GLU D 73 -9.12 11.99 13.20
N ALA D 74 -7.85 12.12 13.54
CA ALA D 74 -7.44 12.99 14.63
C ALA D 74 -7.58 14.48 14.26
N TYR D 75 -7.15 14.85 13.05
CA TYR D 75 -7.27 16.25 12.67
C TYR D 75 -8.73 16.70 12.65
N GLU D 76 -9.65 15.80 12.32
CA GLU D 76 -11.09 16.08 12.30
C GLU D 76 -11.68 16.26 13.70
N ASP D 77 -11.22 15.46 14.65
CA ASP D 77 -11.78 15.51 16.01
C ASP D 77 -11.04 16.46 16.94
N TYR D 78 -11.38 17.75 16.85
CA TYR D 78 -10.74 18.76 17.66
C TYR D 78 -11.25 18.86 19.08
N ARG D 79 -12.30 18.11 19.40
CA ARG D 79 -12.80 18.13 20.77
C ARG D 79 -11.79 17.37 21.62
N HIS D 80 -11.29 16.26 21.09
CA HIS D 80 -10.29 15.40 21.75
C HIS D 80 -8.83 15.78 21.42
N PHE D 81 -8.58 16.17 20.17
CA PHE D 81 -7.22 16.53 19.74
C PHE D 81 -7.10 18.02 19.44
N SER D 82 -6.84 18.78 20.50
CA SER D 82 -6.72 20.23 20.47
C SER D 82 -5.44 20.78 19.85
N SER D 83 -5.59 21.93 19.21
CA SER D 83 -4.48 22.62 18.58
C SER D 83 -3.92 23.63 19.55
N GLU D 84 -4.27 23.51 20.84
CA GLU D 84 -3.77 24.48 21.80
C GLU D 84 -2.27 24.36 21.99
N CYS D 85 -1.73 23.14 21.98
CA CYS D 85 -0.30 22.90 22.12
C CYS D 85 0.01 22.03 20.91
N PRO D 86 0.20 22.63 19.71
CA PRO D 86 0.48 21.95 18.45
C PRO D 86 1.90 21.53 18.16
N TRP D 87 2.85 21.97 18.98
CA TRP D 87 4.22 21.57 18.70
C TRP D 87 4.95 20.75 19.74
N ILE D 88 6.04 20.17 19.28
CA ILE D 88 6.90 19.34 20.06
C ILE D 88 8.24 19.97 19.81
N PRO D 89 9.08 20.06 20.85
CA PRO D 89 8.82 19.59 22.22
C PRO D 89 7.69 20.35 22.93
N ARG D 90 7.25 19.81 24.07
CA ARG D 90 6.14 20.40 24.84
C ARG D 90 6.37 21.86 25.19
N GLU D 91 7.64 22.22 25.41
CA GLU D 91 8.04 23.58 25.76
C GLU D 91 7.63 24.49 24.61
N ALA D 92 7.91 23.99 23.40
CA ALA D 92 7.60 24.69 22.16
C ALA D 92 6.09 24.76 22.05
N GLY D 93 5.46 23.60 22.25
CA GLY D 93 4.00 23.51 22.16
C GLY D 93 3.28 24.52 23.02
N GLU D 94 3.73 24.66 24.26
CA GLU D 94 3.09 25.58 25.16
C GLU D 94 3.45 27.00 24.78
N ALA D 95 4.65 27.21 24.25
CA ALA D 95 5.03 28.57 23.86
C ALA D 95 4.30 29.03 22.60
N PHE D 96 3.93 28.07 21.75
CA PHE D 96 3.27 28.36 20.47
C PHE D 96 1.91 29.04 20.65
N ASP D 97 1.81 30.32 20.31
CA ASP D 97 0.53 31.00 20.46
C ASP D 97 0.07 31.66 19.18
N PHE D 98 0.61 31.22 18.05
CA PHE D 98 0.22 31.83 16.80
C PHE D 98 -1.24 31.68 16.51
N ILE D 99 -1.73 32.62 15.71
CA ILE D 99 -3.13 32.65 15.33
C ILE D 99 -3.26 32.46 13.84
N PRO D 100 -4.22 31.61 13.42
CA PRO D 100 -5.13 30.88 14.29
C PRO D 100 -4.72 29.43 14.54
N THR D 101 -3.50 29.08 14.19
CA THR D 101 -3.06 27.71 14.33
C THR D 101 -3.15 27.14 15.76
N SER D 102 -2.96 27.96 16.79
CA SER D 102 -3.00 27.47 18.15
C SER D 102 -4.42 27.44 18.70
N MET D 103 -5.39 27.93 17.93
CA MET D 103 -6.78 27.91 18.40
C MET D 103 -7.61 26.75 17.82
N ASP D 104 -8.70 26.40 18.51
CA ASP D 104 -9.59 25.32 18.04
C ASP D 104 -10.92 25.96 17.61
N PRO D 105 -11.71 25.26 16.79
CA PRO D 105 -13.01 25.82 16.39
C PRO D 105 -13.76 25.79 17.74
N PRO D 106 -14.75 26.67 17.95
CA PRO D 106 -15.28 27.69 17.06
C PRO D 106 -14.50 28.97 17.06
N GLU D 107 -13.72 29.16 18.11
CA GLU D 107 -12.93 30.38 18.24
C GLU D 107 -11.96 30.63 17.09
N GLN D 108 -11.31 29.58 16.59
CA GLN D 108 -10.33 29.71 15.50
C GLN D 108 -10.89 30.36 14.24
N ARG D 109 -12.10 29.93 13.87
CA ARG D 109 -12.79 30.38 12.67
C ARG D 109 -12.69 31.87 12.34
N GLN D 110 -13.30 32.77 13.14
CA GLN D 110 -13.23 34.20 12.82
C GLN D 110 -11.83 34.66 12.40
N PHE D 111 -10.78 33.98 12.84
CA PHE D 111 -9.45 34.40 12.42
C PHE D 111 -8.97 33.95 11.05
N ARG D 112 -9.52 32.87 10.50
CA ARG D 112 -9.10 32.39 9.19
C ARG D 112 -9.52 33.29 8.06
N ALA D 113 -10.63 34.00 8.24
CA ALA D 113 -11.13 34.89 7.20
C ALA D 113 -10.16 36.01 7.02
N LEU D 114 -9.80 36.68 8.12
CA LEU D 114 -8.86 37.78 8.01
C LEU D 114 -7.59 37.22 7.41
N ALA D 115 -7.14 36.08 7.91
CA ALA D 115 -5.91 35.51 7.37
C ALA D 115 -6.07 35.09 5.91
N ASN D 116 -7.24 34.57 5.53
CA ASN D 116 -7.47 34.14 4.14
C ASN D 116 -7.40 35.36 3.26
N GLN D 117 -7.86 36.47 3.81
CA GLN D 117 -7.90 37.73 3.09
C GLN D 117 -6.54 38.26 2.68
N VAL D 118 -5.51 37.86 3.40
CA VAL D 118 -4.19 38.35 3.09
C VAL D 118 -3.28 37.37 2.33
N VAL D 119 -3.54 36.06 2.44
CA VAL D 119 -2.73 35.05 1.74
C VAL D 119 -3.60 34.18 0.79
N GLY D 120 -4.90 34.38 0.81
CA GLY D 120 -5.82 33.61 -0.01
C GLY D 120 -5.78 33.76 -1.53
N MET D 121 -6.72 33.09 -2.20
CA MET D 121 -6.77 33.08 -3.65
C MET D 121 -6.82 34.42 -4.41
N PRO D 122 -7.42 35.47 -3.80
CA PRO D 122 -7.52 36.81 -4.45
C PRO D 122 -6.19 37.59 -4.49
N VAL D 123 -5.40 37.39 -3.44
CA VAL D 123 -4.07 37.96 -3.29
C VAL D 123 -3.16 37.20 -4.29
N VAL D 124 -3.39 35.91 -4.45
CA VAL D 124 -2.60 35.16 -5.42
C VAL D 124 -2.87 35.84 -6.76
N ASP D 125 -4.14 36.19 -7.00
CA ASP D 125 -4.52 36.84 -8.25
C ASP D 125 -3.88 38.19 -8.36
N LYS D 126 -3.69 38.86 -7.23
CA LYS D 126 -3.06 40.16 -7.26
C LYS D 126 -1.59 40.08 -7.70
N LEU D 127 -0.89 39.06 -7.18
CA LEU D 127 0.54 38.82 -7.41
C LEU D 127 0.96 38.06 -8.66
N GLU D 128 -0.02 37.48 -9.34
CA GLU D 128 0.13 36.72 -10.60
C GLU D 128 1.37 37.23 -11.32
N ASN D 129 1.29 38.44 -11.84
CA ASN D 129 2.42 39.07 -12.53
C ASN D 129 3.77 39.01 -11.84
N ARG D 130 3.86 39.47 -10.59
CA ARG D 130 5.14 39.45 -9.88
C ARG D 130 5.73 38.02 -9.75
N ILE D 131 4.92 37.03 -9.40
CA ILE D 131 5.39 35.65 -9.28
C ILE D 131 5.96 35.19 -10.62
N GLN D 132 5.20 35.46 -11.67
CA GLN D 132 5.59 35.12 -13.02
C GLN D 132 6.88 35.84 -13.35
N GLU D 133 6.89 37.14 -13.17
CA GLU D 133 8.05 37.93 -13.51
C GLU D 133 9.30 37.59 -12.73
N LEU D 134 9.16 37.29 -11.45
CA LEU D 134 10.35 37.00 -10.67
C LEU D 134 10.90 35.61 -11.03
N ALA D 135 10.01 34.65 -11.22
CA ALA D 135 10.47 33.29 -11.57
C ALA D 135 11.28 33.34 -12.86
N CYS D 136 10.77 34.04 -13.86
CA CYS D 136 11.47 34.13 -15.14
C CYS D 136 12.80 34.83 -15.05
N SER D 137 12.86 35.94 -14.29
CA SER D 137 14.09 36.72 -14.16
C SER D 137 15.16 35.93 -13.46
N LEU D 138 14.75 35.24 -12.42
CA LEU D 138 15.65 34.42 -11.65
C LEU D 138 16.27 33.31 -12.55
N ILE D 139 15.41 32.48 -13.14
CA ILE D 139 15.89 31.39 -14.02
C ILE D 139 16.64 31.83 -15.27
N GLU D 140 16.20 32.92 -15.90
CA GLU D 140 16.93 33.36 -17.11
C GLU D 140 18.34 33.79 -16.74
N SER D 141 18.49 34.28 -15.53
CA SER D 141 19.80 34.77 -15.11
C SER D 141 20.73 33.63 -14.77
N LEU D 142 20.15 32.46 -14.50
CA LEU D 142 20.91 31.27 -14.15
C LEU D 142 21.25 30.42 -15.40
N ARG D 143 20.30 30.36 -16.34
CA ARG D 143 20.44 29.61 -17.57
C ARG D 143 21.84 29.59 -18.22
N PRO D 144 22.44 30.76 -18.50
CA PRO D 144 23.78 30.79 -19.10
C PRO D 144 24.93 30.18 -18.31
N GLN D 145 24.78 30.11 -16.99
CA GLN D 145 25.82 29.60 -16.14
C GLN D 145 26.07 28.11 -16.18
N GLY D 146 25.03 27.32 -16.44
CA GLY D 146 25.24 25.89 -16.48
C GLY D 146 25.32 25.28 -15.08
N GLN D 147 25.05 26.08 -14.06
CA GLN D 147 25.09 25.60 -12.66
C GLN D 147 24.46 26.60 -11.67
N CYS D 148 24.18 26.14 -10.44
CA CYS D 148 23.63 26.97 -9.38
C CYS D 148 23.44 26.13 -8.13
N ASN D 149 23.36 26.76 -6.96
CA ASN D 149 23.02 25.99 -5.77
C ASN D 149 21.57 26.39 -5.72
N PHE D 150 20.73 25.46 -6.11
CA PHE D 150 19.32 25.71 -6.18
C PHE D 150 18.68 26.29 -4.92
N THR D 151 19.08 25.82 -3.74
CA THR D 151 18.44 26.30 -2.51
C THR D 151 18.59 27.80 -2.31
N GLU D 152 19.82 28.29 -2.30
CA GLU D 152 20.02 29.71 -2.10
C GLU D 152 19.83 30.56 -3.35
N ASP D 153 19.99 29.96 -4.52
CA ASP D 153 19.85 30.74 -5.75
C ASP D 153 18.40 30.90 -6.27
N TYR D 154 17.48 30.06 -5.81
CA TYR D 154 16.12 30.16 -6.31
C TYR D 154 15.12 29.71 -5.28
N ALA D 155 15.26 28.49 -4.79
CA ALA D 155 14.33 27.96 -3.79
C ALA D 155 14.07 28.94 -2.66
N GLU D 156 15.08 29.68 -2.27
CA GLU D 156 14.87 30.64 -1.19
C GLU D 156 14.41 32.02 -1.67
N PRO D 157 15.18 32.68 -2.53
CA PRO D 157 14.77 34.00 -2.98
C PRO D 157 13.47 34.16 -3.73
N PHE D 158 13.01 33.09 -4.42
CA PHE D 158 11.76 33.17 -5.19
C PHE D 158 10.56 33.23 -4.24
N PRO D 159 10.38 32.23 -3.35
CA PRO D 159 9.23 32.30 -2.45
C PRO D 159 9.34 33.44 -1.40
N ILE D 160 10.56 33.66 -0.91
CA ILE D 160 10.73 34.67 0.12
C ILE D 160 10.66 36.12 -0.36
N ARG D 161 11.16 36.43 -1.56
CA ARG D 161 11.08 37.82 -2.02
C ARG D 161 9.63 38.21 -2.30
N ILE D 162 8.82 37.23 -2.71
CA ILE D 162 7.42 37.46 -3.02
C ILE D 162 6.67 37.68 -1.74
N PHE D 163 7.00 36.88 -0.75
CA PHE D 163 6.33 37.04 0.52
C PHE D 163 6.75 38.37 1.14
N MET D 164 8.02 38.73 1.01
CA MET D 164 8.53 39.99 1.59
C MET D 164 7.90 41.13 0.82
N LEU D 165 7.54 40.84 -0.43
CA LEU D 165 6.88 41.84 -1.26
C LEU D 165 5.45 42.05 -0.80
N LEU D 166 4.74 40.97 -0.55
CA LEU D 166 3.35 41.05 -0.11
C LEU D 166 3.25 41.63 1.30
N ALA D 167 4.26 41.37 2.14
CA ALA D 167 4.25 41.85 3.51
C ALA D 167 4.77 43.27 3.56
N GLY D 168 5.34 43.74 2.46
CA GLY D 168 5.90 45.08 2.45
C GLY D 168 7.10 45.15 3.39
N LEU D 169 7.88 44.08 3.47
CA LEU D 169 9.04 44.11 4.33
C LEU D 169 10.28 44.18 3.44
N PRO D 170 11.32 44.94 3.86
CA PRO D 170 12.56 45.07 3.08
C PRO D 170 13.24 43.70 2.88
N GLU D 171 13.95 43.52 1.77
CA GLU D 171 14.58 42.20 1.59
C GLU D 171 15.80 42.03 2.50
N GLU D 172 16.42 43.15 2.81
CA GLU D 172 17.57 43.19 3.68
C GLU D 172 17.24 42.53 5.02
N ASP D 173 15.96 42.27 5.26
CA ASP D 173 15.54 41.68 6.52
C ASP D 173 15.49 40.17 6.46
N ILE D 174 15.54 39.62 5.26
CA ILE D 174 15.44 38.18 5.11
C ILE D 174 16.42 37.32 5.88
N PRO D 175 17.71 37.69 5.92
CA PRO D 175 18.55 36.76 6.69
C PRO D 175 18.13 36.65 8.16
N HIS D 176 17.73 37.77 8.75
CA HIS D 176 17.31 37.72 10.14
C HIS D 176 16.04 36.92 10.31
N LEU D 177 15.00 37.28 9.54
CA LEU D 177 13.74 36.57 9.65
C LEU D 177 13.85 35.07 9.28
N LYS D 178 14.61 34.73 8.24
CA LYS D 178 14.76 33.33 7.85
C LYS D 178 15.41 32.49 8.95
N TYR D 179 16.38 33.08 9.64
CA TYR D 179 17.08 32.40 10.72
C TYR D 179 16.12 32.05 11.88
N LEU D 180 15.32 33.03 12.29
CA LEU D 180 14.37 32.82 13.36
C LEU D 180 13.40 31.71 12.94
N THR D 181 12.88 31.89 11.73
CA THR D 181 11.90 30.98 11.15
C THR D 181 12.43 29.56 11.23
N ASP D 182 13.68 29.40 10.80
CA ASP D 182 14.28 28.07 10.83
C ASP D 182 14.44 27.50 12.22
N GLN D 183 14.55 28.35 13.24
CA GLN D 183 14.74 27.85 14.60
C GLN D 183 13.47 27.23 15.08
N MET D 184 12.37 27.68 14.51
CA MET D 184 11.08 27.15 14.90
C MET D 184 10.80 25.81 14.28
N THR D 185 11.38 25.50 13.11
CA THR D 185 11.08 24.22 12.46
C THR D 185 12.15 23.13 12.51
N ARG D 186 13.40 23.56 12.46
CA ARG D 186 14.56 22.69 12.47
C ARG D 186 15.66 23.37 13.31
N PRO D 187 15.39 23.67 14.58
CA PRO D 187 16.36 24.33 15.48
C PRO D 187 17.76 23.71 15.49
N ASP D 188 18.79 24.54 15.38
CA ASP D 188 20.17 24.05 15.38
C ASP D 188 20.72 23.95 16.82
N GLY D 189 19.90 24.36 17.78
CA GLY D 189 20.29 24.31 19.17
C GLY D 189 20.51 25.71 19.71
N SER D 190 20.89 26.63 18.83
CA SER D 190 21.18 28.01 19.26
C SER D 190 20.01 28.80 19.87
N MET D 191 18.78 28.39 19.61
CA MET D 191 17.65 29.15 20.12
C MET D 191 16.46 28.23 20.38
N THR D 192 15.78 28.40 21.52
CA THR D 192 14.59 27.58 21.79
C THR D 192 13.46 28.17 20.96
N PHE D 193 12.35 27.45 20.88
CA PHE D 193 11.23 27.94 20.13
C PHE D 193 10.76 29.32 20.67
N ALA D 194 10.54 29.40 21.97
CA ALA D 194 10.07 30.65 22.57
C ALA D 194 10.98 31.84 22.20
N GLU D 195 12.29 31.66 22.36
CA GLU D 195 13.23 32.70 22.04
C GLU D 195 13.01 33.15 20.61
N ALA D 196 12.99 32.19 19.69
CA ALA D 196 12.81 32.55 18.28
C ALA D 196 11.48 33.25 18.13
N LYS D 197 10.45 32.71 18.78
CA LYS D 197 9.14 33.34 18.69
C LYS D 197 9.23 34.81 19.12
N GLU D 198 9.73 35.03 20.33
CA GLU D 198 9.83 36.38 20.87
C GLU D 198 10.68 37.27 20.03
N ALA D 199 11.66 36.67 19.38
CA ALA D 199 12.53 37.43 18.53
C ALA D 199 11.74 37.87 17.28
N LEU D 200 10.82 37.02 16.80
CA LEU D 200 10.00 37.40 15.64
C LEU D 200 8.99 38.47 16.09
N TYR D 201 8.40 38.30 17.28
CA TYR D 201 7.46 39.32 17.74
C TYR D 201 8.13 40.72 17.93
N ASP D 202 9.29 40.73 18.58
CA ASP D 202 10.04 41.97 18.79
C ASP D 202 10.20 42.73 17.45
N TYR D 203 10.25 41.98 16.36
CA TYR D 203 10.40 42.54 15.03
C TYR D 203 9.12 43.17 14.55
N LEU D 204 8.02 42.44 14.71
CA LEU D 204 6.73 42.92 14.22
C LEU D 204 6.05 44.04 15.01
N ILE D 205 6.27 44.04 16.32
CA ILE D 205 5.66 45.03 17.20
C ILE D 205 5.68 46.47 16.71
N PRO D 206 6.86 46.99 16.35
CA PRO D 206 6.92 48.38 15.86
C PRO D 206 6.17 48.55 14.52
N ILE D 207 6.38 47.57 13.65
CA ILE D 207 5.77 47.56 12.32
C ILE D 207 4.23 47.62 12.41
N ILE D 208 3.66 46.70 13.19
CA ILE D 208 2.19 46.65 13.38
C ILE D 208 1.65 47.98 13.88
N GLU D 209 2.39 48.56 14.81
CA GLU D 209 1.99 49.83 15.37
C GLU D 209 1.99 50.91 14.30
N GLN D 210 3.06 50.98 13.50
CA GLN D 210 3.13 51.99 12.43
C GLN D 210 1.98 51.77 11.43
N ARG D 211 1.75 50.51 11.09
CA ARG D 211 0.72 50.09 10.14
C ARG D 211 -0.71 50.44 10.60
N ARG D 212 -0.87 50.59 11.91
CA ARG D 212 -2.17 50.92 12.47
C ARG D 212 -2.31 52.44 12.48
N GLN D 213 -1.18 53.12 12.49
CA GLN D 213 -1.19 54.57 12.50
C GLN D 213 -1.48 55.03 11.08
N LYS D 214 -0.88 54.32 10.13
CA LYS D 214 -1.02 54.64 8.70
C LYS D 214 -1.29 53.37 7.93
N PRO D 215 -2.55 52.96 7.82
CA PRO D 215 -2.78 51.73 7.06
C PRO D 215 -2.24 51.81 5.65
N GLY D 216 -1.65 50.71 5.22
CA GLY D 216 -1.09 50.65 3.89
C GLY D 216 -1.79 49.58 3.10
N THR D 217 -1.12 49.06 2.08
CA THR D 217 -1.64 48.04 1.18
C THR D 217 -1.23 46.61 1.52
N ASP D 218 -0.05 46.47 2.12
CA ASP D 218 0.59 45.20 2.49
C ASP D 218 -0.14 44.27 3.45
N ALA D 219 0.25 43.02 3.41
CA ALA D 219 -0.34 42.01 4.27
C ALA D 219 -0.36 42.37 5.77
N ILE D 220 0.64 43.09 6.25
CA ILE D 220 0.67 43.44 7.66
C ILE D 220 -0.35 44.51 8.02
N SER D 221 -0.48 45.53 7.18
CA SER D 221 -1.45 46.58 7.46
C SER D 221 -2.84 45.96 7.42
N ILE D 222 -3.05 45.04 6.47
CA ILE D 222 -4.37 44.44 6.32
C ILE D 222 -4.76 43.66 7.54
N VAL D 223 -3.81 42.97 8.14
CA VAL D 223 -4.11 42.20 9.32
C VAL D 223 -4.26 43.13 10.53
N ALA D 224 -3.28 43.99 10.78
CA ALA D 224 -3.31 44.92 11.94
C ALA D 224 -4.44 45.91 11.97
N ASN D 225 -5.12 46.09 10.85
CA ASN D 225 -6.23 47.02 10.79
C ASN D 225 -7.52 46.28 10.52
N GLY D 226 -7.39 44.96 10.34
CA GLY D 226 -8.55 44.16 10.02
C GLY D 226 -9.58 43.93 11.11
N GLN D 227 -10.63 43.22 10.73
CA GLN D 227 -11.72 42.90 11.64
C GLN D 227 -11.94 41.40 11.72
N VAL D 228 -12.42 40.94 12.87
CA VAL D 228 -12.71 39.53 13.12
C VAL D 228 -14.10 39.45 13.77
N ASN D 229 -15.10 38.93 13.04
CA ASN D 229 -16.46 38.84 13.58
C ASN D 229 -16.95 40.30 13.70
N GLY D 230 -16.65 41.10 12.70
CA GLY D 230 -17.07 42.49 12.72
C GLY D 230 -16.53 43.29 13.89
N ARG D 231 -15.48 42.80 14.54
CA ARG D 231 -14.93 43.57 15.64
C ARG D 231 -13.42 43.74 15.42
N PRO D 232 -12.87 44.93 15.70
CA PRO D 232 -11.44 45.22 15.53
C PRO D 232 -10.43 44.26 16.15
N ILE D 233 -9.57 43.70 15.32
CA ILE D 233 -8.50 42.81 15.81
C ILE D 233 -7.67 43.63 16.79
N THR D 234 -7.10 43.01 17.82
CA THR D 234 -6.25 43.75 18.76
C THR D 234 -4.84 43.74 18.23
N SER D 235 -3.95 44.56 18.80
CA SER D 235 -2.55 44.59 18.34
C SER D 235 -1.85 43.27 18.63
N ASP D 236 -2.16 42.70 19.78
CA ASP D 236 -1.56 41.45 20.16
C ASP D 236 -2.00 40.33 19.23
N GLU D 237 -3.25 40.36 18.82
CA GLU D 237 -3.79 39.36 17.90
C GLU D 237 -3.08 39.48 16.54
N ALA D 238 -2.92 40.72 16.08
CA ALA D 238 -2.29 41.03 14.81
C ALA D 238 -0.89 40.46 14.79
N LYS D 239 -0.21 40.67 15.92
CA LYS D 239 1.17 40.23 16.10
C LYS D 239 1.20 38.74 16.02
N ARG D 240 0.26 38.13 16.73
CA ARG D 240 0.20 36.68 16.77
C ARG D 240 -0.16 36.07 15.41
N MET D 241 -0.98 36.78 14.65
CA MET D 241 -1.34 36.30 13.32
C MET D 241 -0.21 36.59 12.34
N CYS D 242 0.41 37.76 12.48
CA CYS D 242 1.46 38.12 11.57
C CYS D 242 2.65 37.22 11.66
N GLY D 243 2.99 36.80 12.87
CA GLY D 243 4.16 35.94 13.04
C GLY D 243 3.91 34.59 12.40
N LEU D 244 2.65 34.14 12.50
CA LEU D 244 2.30 32.88 11.92
C LEU D 244 2.52 32.98 10.42
N LEU D 245 2.02 34.04 9.80
CA LEU D 245 2.16 34.21 8.35
C LEU D 245 3.58 34.18 7.81
N LEU D 246 4.51 34.81 8.54
CA LEU D 246 5.94 34.85 8.14
C LEU D 246 6.46 33.42 8.15
N LEU D 247 6.15 32.71 9.22
CA LEU D 247 6.54 31.34 9.26
C LEU D 247 5.60 30.85 8.15
N GLY D 248 6.04 30.04 7.22
CA GLY D 248 5.04 29.68 6.23
C GLY D 248 5.36 30.51 5.00
N GLY D 249 5.56 31.80 5.18
CA GLY D 249 5.94 32.57 4.03
C GLY D 249 7.37 32.19 3.67
N LEU D 250 8.15 31.94 4.70
CA LEU D 250 9.56 31.64 4.57
C LEU D 250 10.08 30.19 4.67
N ASP D 251 9.31 29.28 5.28
CA ASP D 251 9.80 27.91 5.44
C ASP D 251 8.94 26.78 4.92
N THR D 252 8.29 26.99 3.80
CA THR D 252 7.47 25.92 3.29
C THR D 252 7.86 25.64 1.85
N VAL D 253 7.42 26.55 0.99
CA VAL D 253 7.67 26.43 -0.43
C VAL D 253 9.16 26.26 -0.63
N VAL D 254 9.92 27.11 0.04
CA VAL D 254 11.36 27.05 -0.05
C VAL D 254 11.86 25.61 -0.04
N ASN D 255 11.42 24.85 0.95
CA ASN D 255 11.86 23.48 1.07
C ASN D 255 11.20 22.55 0.09
N PHE D 256 9.88 22.65 -0.04
CA PHE D 256 9.20 21.77 -0.96
C PHE D 256 9.83 21.87 -2.31
N LEU D 257 10.20 23.10 -2.71
CA LEU D 257 10.81 23.30 -4.00
C LEU D 257 12.11 22.54 -4.11
N SER D 258 12.93 22.61 -3.09
CA SER D 258 14.15 21.86 -3.21
C SER D 258 13.90 20.38 -3.41
N PHE D 259 12.95 19.81 -2.68
CA PHE D 259 12.61 18.38 -2.79
C PHE D 259 12.23 18.01 -4.21
N SER D 260 11.36 18.83 -4.82
CA SER D 260 10.89 18.64 -6.20
C SER D 260 11.98 18.75 -7.25
N MET D 261 12.80 19.78 -7.14
CA MET D 261 13.86 19.98 -8.14
C MET D 261 14.99 18.91 -8.01
N GLU D 262 15.14 18.34 -6.82
CA GLU D 262 16.12 17.28 -6.63
C GLU D 262 15.65 16.04 -7.42
N PHE D 263 14.38 15.70 -7.27
CA PHE D 263 13.79 14.57 -7.95
C PHE D 263 13.73 14.79 -9.47
N LEU D 264 13.40 16.00 -9.91
CA LEU D 264 13.34 16.19 -11.36
C LEU D 264 14.75 16.14 -11.90
N ALA D 265 15.72 16.55 -11.08
CA ALA D 265 17.12 16.53 -11.49
C ALA D 265 17.63 15.11 -11.60
N LYS D 266 16.85 14.16 -11.07
CA LYS D 266 17.21 12.76 -11.09
C LYS D 266 16.43 11.91 -12.09
N SER D 267 15.31 12.41 -12.61
CA SER D 267 14.54 11.60 -13.56
C SER D 267 14.25 12.35 -14.83
N PRO D 268 15.09 12.16 -15.84
CA PRO D 268 14.95 12.84 -17.14
C PRO D 268 13.64 12.54 -17.84
N GLU D 269 13.10 11.35 -17.57
CA GLU D 269 11.84 10.89 -18.15
C GLU D 269 10.67 11.61 -17.51
N HIS D 270 10.79 11.95 -16.23
CA HIS D 270 9.73 12.67 -15.58
C HIS D 270 9.75 14.08 -16.15
N ARG D 271 10.93 14.56 -16.53
CA ARG D 271 11.01 15.89 -17.09
C ARG D 271 10.36 15.99 -18.46
N GLN D 272 10.69 15.07 -19.37
CA GLN D 272 10.16 15.07 -20.73
C GLN D 272 8.66 15.04 -20.71
N GLU D 273 8.15 14.29 -19.75
CA GLU D 273 6.72 14.18 -19.63
C GLU D 273 6.11 15.58 -19.53
N LEU D 274 6.70 16.45 -18.69
CA LEU D 274 6.21 17.82 -18.50
C LEU D 274 6.66 18.79 -19.61
N ILE D 275 7.78 18.48 -20.25
CA ILE D 275 8.29 19.29 -21.34
C ILE D 275 7.37 19.02 -22.55
N GLU D 276 6.97 17.76 -22.72
CA GLU D 276 6.12 17.42 -23.84
C GLU D 276 4.68 17.86 -23.66
N ARG D 277 4.18 17.83 -22.42
CA ARG D 277 2.81 18.25 -22.15
C ARG D 277 2.70 19.16 -20.93
N PRO D 278 2.96 20.44 -21.13
CA PRO D 278 2.86 21.33 -19.98
C PRO D 278 1.53 21.29 -19.24
N GLU D 279 0.43 21.12 -19.95
CA GLU D 279 -0.87 21.18 -19.29
C GLU D 279 -0.97 20.17 -18.16
N ARG D 280 0.02 19.29 -18.07
CA ARG D 280 -0.02 18.26 -17.03
C ARG D 280 0.75 18.70 -15.80
N ILE D 281 1.38 19.85 -15.90
CA ILE D 281 2.13 20.33 -14.78
C ILE D 281 1.35 20.42 -13.47
N PRO D 282 0.14 21.03 -13.44
CA PRO D 282 -0.60 21.09 -12.16
C PRO D 282 -0.88 19.71 -11.62
N ALA D 283 -1.09 18.75 -12.50
CA ALA D 283 -1.38 17.41 -11.99
C ALA D 283 -0.11 16.90 -11.35
N ALA D 284 1.03 17.11 -12.00
CA ALA D 284 2.31 16.66 -11.47
C ALA D 284 2.66 17.38 -10.16
N CYS D 285 2.22 18.61 -10.01
CA CYS D 285 2.50 19.36 -8.78
C CYS D 285 1.84 18.65 -7.59
N GLU D 286 0.58 18.24 -7.75
CA GLU D 286 -0.09 17.54 -6.65
C GLU D 286 0.58 16.22 -6.33
N GLU D 287 1.02 15.49 -7.36
CA GLU D 287 1.64 14.21 -7.11
C GLU D 287 2.92 14.45 -6.37
N LEU D 288 3.64 15.50 -6.77
CA LEU D 288 4.89 15.84 -6.14
C LEU D 288 4.58 16.29 -4.73
N LEU D 289 3.44 16.94 -4.54
CA LEU D 289 3.07 17.38 -3.19
C LEU D 289 2.81 16.16 -2.31
N ARG D 290 2.41 15.05 -2.89
CA ARG D 290 2.17 13.86 -2.11
C ARG D 290 3.52 13.20 -1.77
N ARG D 291 4.25 12.81 -2.80
CA ARG D 291 5.50 12.13 -2.58
C ARG D 291 6.47 12.91 -1.69
N PHE D 292 6.57 14.24 -1.86
CA PHE D 292 7.50 15.04 -1.06
C PHE D 292 6.85 15.97 -0.06
N SER D 293 5.81 15.45 0.57
CA SER D 293 5.09 16.15 1.60
C SER D 293 6.21 16.43 2.61
N LEU D 294 6.12 17.50 3.40
CA LEU D 294 7.24 17.82 4.31
C LEU D 294 6.97 18.33 5.72
N VAL D 295 5.70 18.47 6.08
CA VAL D 295 5.26 19.00 7.39
C VAL D 295 4.70 17.96 8.41
N ALA D 296 5.04 18.13 9.67
CA ALA D 296 4.54 17.25 10.71
C ALA D 296 4.42 18.01 12.03
N ASP D 297 3.21 18.43 12.38
CA ASP D 297 3.05 19.10 13.66
C ASP D 297 1.97 18.30 14.38
N GLY D 298 1.35 18.86 15.40
CA GLY D 298 0.39 18.02 16.09
C GLY D 298 -0.70 18.60 16.95
N ARG D 299 -1.13 17.76 17.87
CA ARG D 299 -2.24 18.08 18.76
C ARG D 299 -2.00 17.64 20.20
N ILE D 300 -2.88 18.08 21.09
CA ILE D 300 -2.80 17.71 22.50
C ILE D 300 -4.14 17.17 22.97
N LEU D 301 -4.13 16.07 23.73
CA LEU D 301 -5.37 15.48 24.24
C LEU D 301 -6.01 16.39 25.29
N THR D 302 -7.30 16.67 25.10
CA THR D 302 -8.04 17.53 26.00
C THR D 302 -8.60 16.74 27.17
N SER D 303 -8.47 15.42 27.13
CA SER D 303 -9.00 14.58 28.21
C SER D 303 -8.56 13.17 27.91
N ASP D 304 -8.48 12.30 28.93
CA ASP D 304 -8.07 10.93 28.66
C ASP D 304 -9.01 10.45 27.59
N TYR D 305 -8.55 9.48 26.80
CA TYR D 305 -9.36 9.02 25.70
C TYR D 305 -8.76 7.81 25.05
N GLU D 306 -9.61 6.90 24.60
CA GLU D 306 -9.17 5.70 23.91
C GLU D 306 -9.34 5.90 22.42
N PHE D 307 -8.24 5.72 21.72
CA PHE D 307 -8.23 5.92 20.29
C PHE D 307 -7.62 4.71 19.60
N HIS D 308 -8.45 3.98 18.88
CA HIS D 308 -7.99 2.80 18.17
C HIS D 308 -7.35 1.79 19.10
N GLY D 309 -8.03 1.44 20.18
CA GLY D 309 -7.49 0.47 21.09
C GLY D 309 -6.36 0.94 21.98
N VAL D 310 -5.84 2.16 21.79
CA VAL D 310 -4.76 2.65 22.68
C VAL D 310 -5.38 3.66 23.59
N GLN D 311 -4.94 3.66 24.84
CA GLN D 311 -5.47 4.56 25.82
C GLN D 311 -4.56 5.76 25.90
N LEU D 312 -5.08 6.95 25.62
CA LEU D 312 -4.24 8.16 25.63
C LEU D 312 -4.57 9.00 26.86
N LYS D 313 -3.55 9.61 27.46
CA LYS D 313 -3.76 10.43 28.65
C LYS D 313 -3.94 11.92 28.44
N LYS D 314 -4.99 12.46 29.05
CA LYS D 314 -5.27 13.88 28.95
C LYS D 314 -3.93 14.59 29.13
N GLY D 315 -3.50 15.34 28.13
CA GLY D 315 -2.25 16.07 28.21
C GLY D 315 -1.16 15.43 27.37
N ASP D 316 -1.41 14.23 26.84
CA ASP D 316 -0.41 13.57 26.01
C ASP D 316 -0.29 14.31 24.68
N GLN D 317 0.94 14.42 24.19
CA GLN D 317 1.18 15.09 22.92
C GLN D 317 1.19 14.05 21.81
N ILE D 318 0.59 14.35 20.68
CA ILE D 318 0.63 13.40 19.59
C ILE D 318 0.88 14.07 18.25
N LEU D 319 1.97 13.68 17.60
CA LEU D 319 2.32 14.22 16.30
C LEU D 319 1.46 13.42 15.35
N LEU D 320 0.99 14.06 14.29
CA LEU D 320 0.15 13.43 13.30
C LEU D 320 0.79 14.03 12.12
N PRO D 321 1.82 13.35 11.61
CA PRO D 321 2.57 13.84 10.46
C PRO D 321 1.76 13.96 9.19
N GLN D 322 1.43 15.20 8.80
CA GLN D 322 0.67 15.47 7.59
C GLN D 322 1.37 14.76 6.42
N MET D 323 2.69 14.64 6.53
CA MET D 323 3.54 13.98 5.55
C MET D 323 3.30 12.47 5.41
N LEU D 324 2.80 11.81 6.44
CA LEU D 324 2.65 10.36 6.32
C LEU D 324 1.44 9.81 5.61
N SER D 325 0.34 10.56 5.61
CA SER D 325 -0.91 10.11 5.00
C SER D 325 -0.82 9.71 3.54
N GLY D 326 -0.16 10.52 2.71
CA GLY D 326 -0.03 10.19 1.30
C GLY D 326 1.06 9.16 1.04
N LEU D 327 2.00 8.99 1.97
CA LEU D 327 3.04 8.00 1.75
C LEU D 327 2.54 6.59 2.14
N ASP D 328 1.43 6.55 2.88
CA ASP D 328 0.78 5.31 3.37
C ASP D 328 0.30 4.43 2.20
N GLU D 329 0.92 3.28 1.99
CA GLU D 329 0.48 2.43 0.89
C GLU D 329 -1.00 2.07 1.05
N ARG D 330 -1.61 2.38 2.19
CA ARG D 330 -3.05 2.08 2.38
C ARG D 330 -3.90 3.24 1.81
N GLU D 331 -3.26 4.24 1.18
CA GLU D 331 -3.97 5.38 0.60
C GLU D 331 -3.51 5.55 -0.85
N ASN D 332 -2.30 5.11 -1.14
CA ASN D 332 -1.74 5.22 -2.49
C ASN D 332 -0.87 4.02 -2.78
N ALA D 333 -1.29 3.24 -3.78
CA ALA D 333 -0.52 2.07 -4.19
C ALA D 333 0.86 2.58 -4.65
N ALA D 334 1.92 1.84 -4.30
CA ALA D 334 3.31 2.23 -4.61
C ALA D 334 3.47 3.68 -4.20
N PRO D 335 3.22 4.00 -2.93
CA PRO D 335 3.34 5.39 -2.49
C PRO D 335 4.66 6.07 -2.82
N MET D 336 5.75 5.33 -2.69
CA MET D 336 7.07 5.91 -2.93
C MET D 336 7.42 6.23 -4.39
N HIS D 337 6.66 5.67 -5.32
CA HIS D 337 6.90 5.90 -6.75
C HIS D 337 6.11 7.14 -7.23
N VAL D 338 6.77 8.00 -7.99
CA VAL D 338 6.13 9.21 -8.53
C VAL D 338 5.43 8.94 -9.86
N ASP D 339 4.12 9.04 -9.88
CA ASP D 339 3.36 8.79 -11.09
C ASP D 339 2.47 10.01 -11.37
N PHE D 340 2.85 10.82 -12.37
CA PHE D 340 2.09 12.01 -12.72
C PHE D 340 0.67 11.69 -13.21
N SER D 341 0.43 10.42 -13.49
CA SER D 341 -0.88 9.90 -13.90
C SER D 341 -1.75 9.43 -12.73
N ARG D 342 -1.15 9.22 -11.56
CA ARG D 342 -1.89 8.73 -10.39
C ARG D 342 -3.33 9.18 -10.45
N GLN D 343 -4.24 8.22 -10.47
CA GLN D 343 -5.67 8.44 -10.57
C GLN D 343 -6.32 9.08 -9.35
N LYS D 344 -5.76 8.83 -8.18
CA LYS D 344 -6.26 9.47 -6.97
C LYS D 344 -5.10 9.74 -6.08
N VAL D 345 -4.57 10.96 -6.20
CA VAL D 345 -3.43 11.40 -5.41
C VAL D 345 -4.01 11.80 -4.09
N SER D 346 -4.05 10.87 -3.14
CA SER D 346 -4.58 11.19 -1.83
C SER D 346 -3.42 11.61 -0.92
N HIS D 347 -3.59 12.70 -0.16
CA HIS D 347 -2.53 13.19 0.73
C HIS D 347 -3.07 14.24 1.70
N THR D 348 -2.22 14.70 2.61
CA THR D 348 -2.60 15.74 3.57
C THR D 348 -1.45 16.72 3.68
N THR D 349 -0.72 16.91 2.59
CA THR D 349 0.40 17.84 2.59
C THR D 349 0.05 19.24 3.13
N PHE D 350 -1.14 19.74 2.79
CA PHE D 350 -1.57 21.07 3.23
C PHE D 350 -2.43 21.08 4.49
N GLY D 351 -2.46 19.95 5.19
CA GLY D 351 -3.27 19.86 6.39
C GLY D 351 -4.54 19.06 6.13
N HIS D 352 -5.43 19.06 7.11
CA HIS D 352 -6.67 18.32 7.03
C HIS D 352 -7.53 18.71 8.23
N GLY D 353 -8.81 18.99 8.00
CA GLY D 353 -9.67 19.37 9.08
C GLY D 353 -9.81 20.89 9.02
N SER D 354 -10.16 21.50 10.16
CA SER D 354 -10.36 22.94 10.26
C SER D 354 -9.14 23.84 10.05
N HIS D 355 -7.93 23.30 10.12
CA HIS D 355 -6.73 24.14 9.98
C HIS D 355 -6.02 24.04 8.63
N LEU D 356 -6.71 23.54 7.61
CA LEU D 356 -6.04 23.38 6.35
C LEU D 356 -5.43 24.67 5.86
N CYS D 357 -4.22 24.53 5.37
CA CYS D 357 -3.39 25.62 4.87
C CYS D 357 -4.06 26.72 4.05
N LEU D 358 -4.11 27.92 4.64
CA LEU D 358 -4.70 29.06 4.00
C LEU D 358 -3.77 29.58 2.88
N GLY D 359 -2.54 29.07 2.83
CA GLY D 359 -1.57 29.54 1.86
C GLY D 359 -1.27 28.54 0.76
N GLN D 360 -2.11 27.52 0.67
CA GLN D 360 -1.90 26.48 -0.32
C GLN D 360 -1.98 26.99 -1.74
N HIS D 361 -2.97 27.84 -2.02
CA HIS D 361 -3.12 28.37 -3.36
C HIS D 361 -1.88 29.13 -3.78
N LEU D 362 -1.26 29.84 -2.83
CA LEU D 362 -0.04 30.61 -3.13
C LEU D 362 1.10 29.62 -3.36
N ALA D 363 1.14 28.56 -2.54
CA ALA D 363 2.19 27.55 -2.69
C ALA D 363 2.09 26.81 -4.04
N ARG D 364 0.88 26.45 -4.45
CA ARG D 364 0.69 25.76 -5.73
C ARG D 364 1.10 26.61 -6.91
N ARG D 365 0.67 27.87 -6.89
CA ARG D 365 0.99 28.83 -7.96
C ARG D 365 2.51 28.92 -8.06
N GLU D 366 3.17 29.07 -6.93
CA GLU D 366 4.63 29.16 -6.98
C GLU D 366 5.25 27.88 -7.49
N ILE D 367 4.68 26.73 -7.16
CA ILE D 367 5.26 25.47 -7.63
C ILE D 367 5.06 25.28 -9.14
N ILE D 368 3.81 25.37 -9.54
CA ILE D 368 3.42 25.23 -10.93
C ILE D 368 4.18 26.19 -11.81
N VAL D 369 4.36 27.44 -11.37
CA VAL D 369 5.09 28.41 -12.15
C VAL D 369 6.57 28.04 -12.24
N THR D 370 7.13 27.58 -11.13
CA THR D 370 8.56 27.26 -11.14
C THR D 370 8.81 26.08 -12.08
N LEU D 371 7.88 25.14 -12.09
CA LEU D 371 8.06 23.98 -12.92
C LEU D 371 7.96 24.35 -14.37
N LYS D 372 6.94 25.10 -14.76
CA LYS D 372 6.80 25.47 -16.14
C LYS D 372 7.92 26.37 -16.61
N GLU D 373 8.25 27.39 -15.82
CA GLU D 373 9.28 28.33 -16.21
C GLU D 373 10.70 27.76 -16.14
N TRP D 374 10.92 26.82 -15.23
CA TRP D 374 12.24 26.23 -15.23
C TRP D 374 12.39 25.27 -16.45
N LEU D 375 11.41 24.40 -16.67
CA LEU D 375 11.56 23.43 -17.77
C LEU D 375 11.61 24.07 -19.17
N THR D 376 10.94 25.20 -19.31
CA THR D 376 10.91 25.96 -20.55
C THR D 376 12.28 26.46 -20.95
N ARG D 377 13.10 26.78 -19.97
CA ARG D 377 14.42 27.29 -20.23
C ARG D 377 15.54 26.28 -20.01
N ILE D 378 15.43 25.47 -18.95
CA ILE D 378 16.45 24.47 -18.69
C ILE D 378 15.74 23.14 -18.57
N PRO D 379 15.44 22.51 -19.72
CA PRO D 379 14.76 21.21 -19.76
C PRO D 379 15.63 20.04 -19.32
N ASP D 380 16.94 20.26 -19.46
CA ASP D 380 17.96 19.22 -19.20
C ASP D 380 18.92 19.64 -18.13
N PHE D 381 18.84 19.00 -16.97
CA PHE D 381 19.77 19.27 -15.85
C PHE D 381 19.87 18.02 -15.00
N SER D 382 20.95 17.88 -14.24
CA SER D 382 21.16 16.72 -13.35
C SER D 382 21.88 17.20 -12.08
N ILE D 383 22.11 16.29 -11.14
CA ILE D 383 22.80 16.68 -9.91
C ILE D 383 24.30 16.80 -10.16
N ALA D 384 24.92 17.87 -9.65
CA ALA D 384 26.36 18.06 -9.82
C ALA D 384 27.08 16.75 -9.52
N PRO D 385 28.02 16.36 -10.40
CA PRO D 385 28.78 15.12 -10.23
C PRO D 385 29.27 14.87 -8.80
N GLY D 386 28.91 13.71 -8.25
CA GLY D 386 29.36 13.36 -6.91
C GLY D 386 28.68 13.95 -5.68
N ALA D 387 27.85 14.95 -5.85
CA ALA D 387 27.22 15.54 -4.69
C ALA D 387 26.33 14.55 -3.97
N GLN D 388 26.23 14.72 -2.66
CA GLN D 388 25.35 13.84 -1.91
C GLN D 388 24.35 14.72 -1.17
N ILE D 389 23.12 14.71 -1.67
CA ILE D 389 22.03 15.52 -1.13
C ILE D 389 21.60 15.10 0.28
N GLN D 390 21.65 16.04 1.21
CA GLN D 390 21.26 15.77 2.59
C GLN D 390 20.04 16.54 3.05
N HIS D 391 19.12 15.79 3.63
CA HIS D 391 17.89 16.33 4.14
C HIS D 391 18.03 16.70 5.62
N LYS D 392 17.09 17.53 6.10
CA LYS D 392 17.02 17.98 7.47
C LYS D 392 15.61 17.59 7.84
N SER D 393 15.38 17.10 9.05
CA SER D 393 14.05 16.71 9.44
C SER D 393 13.61 17.50 10.62
N GLY D 394 12.31 17.77 10.69
CA GLY D 394 11.73 18.54 11.78
C GLY D 394 10.24 18.77 11.58
N ILE D 395 9.72 19.90 12.05
CA ILE D 395 8.31 20.22 11.88
C ILE D 395 8.07 20.42 10.38
N VAL D 396 9.12 20.84 9.69
CA VAL D 396 9.10 21.03 8.26
C VAL D 396 10.45 20.49 7.82
N SER D 397 10.46 19.43 7.01
CA SER D 397 11.74 18.89 6.56
C SER D 397 12.22 19.63 5.35
N GLY D 398 13.52 19.46 5.04
CA GLY D 398 14.09 20.14 3.91
C GLY D 398 15.39 19.59 3.37
N VAL D 399 15.93 20.32 2.40
CA VAL D 399 17.16 19.97 1.73
C VAL D 399 18.21 21.03 2.07
N GLN D 400 19.38 20.62 2.52
CA GLN D 400 20.44 21.56 2.87
C GLN D 400 21.08 22.29 1.70
N ALA D 401 21.16 21.63 0.55
CA ALA D 401 21.79 22.24 -0.61
C ALA D 401 21.52 21.35 -1.79
N LEU D 402 21.42 21.93 -2.97
CA LEU D 402 21.17 21.13 -4.15
C LEU D 402 21.93 21.76 -5.29
N PRO D 403 23.17 21.31 -5.51
CA PRO D 403 23.98 21.85 -6.60
C PRO D 403 23.51 21.21 -7.91
N LEU D 404 23.26 22.05 -8.89
CA LEU D 404 22.79 21.56 -10.16
C LEU D 404 23.74 22.00 -11.24
N VAL D 405 23.73 21.24 -12.33
CA VAL D 405 24.58 21.51 -13.51
C VAL D 405 23.79 21.18 -14.77
N TRP D 406 24.15 21.85 -15.86
CA TRP D 406 23.50 21.63 -17.16
C TRP D 406 24.40 22.21 -18.25
N ASP D 407 24.16 21.82 -19.49
CA ASP D 407 24.92 22.31 -20.63
C ASP D 407 24.16 23.52 -21.14
N PRO D 408 24.74 24.70 -21.06
CA PRO D 408 23.99 25.84 -21.57
C PRO D 408 23.47 25.56 -22.97
N ALA D 409 24.32 24.95 -23.79
CA ALA D 409 23.96 24.62 -25.16
C ALA D 409 22.59 23.91 -25.31
N THR D 410 22.09 23.36 -24.20
CA THR D 410 20.82 22.66 -24.27
C THR D 410 19.68 23.51 -23.80
N THR D 411 19.97 24.71 -23.33
CA THR D 411 18.90 25.55 -22.80
C THR D 411 18.24 26.40 -23.86
N LYS D 412 17.50 27.42 -23.44
CA LYS D 412 16.83 28.25 -24.41
C LYS D 412 16.30 29.47 -23.74
N ALA D 413 16.76 30.63 -24.22
CA ALA D 413 16.32 31.92 -23.74
C ALA D 413 14.87 32.07 -24.22
N VAL D 414 13.95 32.43 -23.34
CA VAL D 414 12.55 32.56 -23.71
C VAL D 414 12.01 33.98 -23.63
K K E . 11.49 18.73 -58.03
CHA HEM F . -2.04 17.01 -50.46
CHB HEM F . -4.53 20.60 -48.32
CHC HEM F . -4.24 18.22 -44.05
CHD HEM F . -1.59 14.73 -46.17
C1A HEM F . -2.72 18.21 -50.24
C2A HEM F . -3.02 19.23 -51.22
C3A HEM F . -3.67 20.21 -50.63
C4A HEM F . -3.85 19.82 -49.22
CMA HEM F . -4.20 21.50 -51.22
CAA HEM F . -2.63 19.19 -52.75
CBA HEM F . -1.24 19.61 -53.10
CGA HEM F . -1.01 19.53 -54.67
O1A HEM F . -1.92 19.24 -55.42
O2A HEM F . 0.17 19.87 -54.84
C1B HEM F . -4.70 20.23 -46.99
C2B HEM F . -5.52 20.98 -46.05
C3B HEM F . -5.44 20.34 -44.87
C4B HEM F . -4.56 19.15 -45.04
CMB HEM F . -6.28 22.27 -46.49
CAB HEM F . -6.10 20.61 -43.50
CBB HEM F . -6.92 21.59 -43.23
C1C HEM F . -3.46 17.08 -44.23
C2C HEM F . -3.10 16.10 -43.21
C3C HEM F . -2.37 15.17 -43.80
C4C HEM F . -2.24 15.52 -45.21
CMC HEM F . -3.53 16.15 -41.70
CAC HEM F . -1.75 13.87 -43.20
CBC HEM F . -0.55 14.00 -42.69
C1D HEM F . -1.53 15.04 -47.52
C2D HEM F . -0.87 14.21 -48.53
C3D HEM F . -1.01 14.85 -49.69
C4D HEM F . -1.74 16.08 -49.48
CMD HEM F . -0.16 12.84 -48.23
CAD HEM F . -0.48 14.46 -51.10
CBD HEM F . -1.37 13.78 -52.06
CGD HEM F . -0.64 13.57 -53.45
O1D HEM F . -1.17 12.70 -54.10
O2D HEM F . 0.29 14.37 -53.65
NA HEM F . -3.25 18.56 -49.02
NB HEM F . -4.10 19.16 -46.37
NC HEM F . -2.92 16.67 -45.46
ND HEM F . -2.04 16.13 -48.15
FE HEM F . -3.36 17.49 -47.28
C1 TCZ G . 1.13 18.63 -48.13
C2 TCZ G . 0.13 19.41 -47.52
C3 TCZ G . -0.08 20.74 -48.01
C4 TCZ G . 0.68 21.26 -49.11
C5 TCZ G . 1.68 20.44 -49.71
C6 TCZ G . 1.91 19.13 -49.22
CL1 TCZ G . 1.43 17.08 -47.57
CL3 TCZ G . -1.27 21.70 -47.28
CL5 TCZ G . 2.62 21.04 -51.03
K K H . 6.60 -24.34 -19.99
CHA HEM I . -6.23 -28.84 -12.03
CHB HEM I . -8.91 -26.03 -9.01
CHC HEM I . -7.94 -29.07 -5.36
CHD HEM I . -5.15 -31.80 -8.22
C1A HEM I . -7.01 -27.80 -11.53
C2A HEM I . -7.49 -26.61 -12.26
C3A HEM I . -8.20 -25.85 -11.41
C4A HEM I . -8.22 -26.55 -10.10
CMA HEM I . -8.93 -24.51 -11.65
CAA HEM I . -7.21 -26.27 -13.79
CBA HEM I . -5.81 -25.86 -14.16
CGA HEM I . -5.60 -25.55 -15.70
O1A HEM I . -6.52 -25.63 -16.49
O2A HEM I . -4.40 -25.26 -15.83
C1B HEM I . -8.90 -26.65 -7.78
C2B HEM I . -9.69 -26.19 -6.61
C3B HEM I . -9.43 -27.02 -5.63
C4B HEM I . -8.46 -28.04 -6.12
CMB HEM I . -10.58 -24.94 -6.69
CAB HEM I . -9.95 -27.08 -4.16
CBB HEM I . -10.82 -26.26 -3.61
C1C HEM I . -7.08 -30.02 -5.80
C2C HEM I . -6.53 -31.05 -4.97
C3C HEM I . -5.75 -31.81 -5.70
C4C HEM I . -5.80 -31.25 -7.09
CMC HEM I . -6.86 -31.19 -3.45
CAC HEM I . -4.93 -33.09 -5.24
CBC HEM I . -3.73 -33.28 -5.73
C1D HEM I . -5.24 -31.27 -9.52
C2D HEM I . -4.57 -31.85 -10.73
C3D HEM I . -4.87 -31.03 -11.78
C4D HEM I . -5.73 -29.92 -11.28
CMD HEM I . -3.69 -33.15 -10.69
CAD HEM I . -4.39 -31.17 -13.27
CBD HEM I . -5.39 -31.49 -14.36
CGD HEM I . -4.75 -31.56 -15.82
O1D HEM I . -5.11 -32.54 -16.43
O2D HEM I . -4.01 -30.62 -16.07
NA HEM I . -7.48 -27.75 -10.22
NB HEM I . -8.13 -27.75 -7.46
NC HEM I . -6.62 -30.17 -7.10
ND HEM I . -5.91 -30.13 -9.92
FE HEM I . -7.32 -29.16 -8.73
C1 TCZ J . -3.00 -27.64 -9.16
C2 TCZ J . -4.14 -26.98 -8.60
C3 TCZ J . -4.30 -25.59 -8.87
C4 TCZ J . -3.36 -24.89 -9.69
C5 TCZ J . -2.22 -25.58 -10.23
C6 TCZ J . -2.05 -26.94 -9.97
CL1 TCZ J . -2.73 -29.26 -8.87
CL3 TCZ J . -5.63 -24.77 -8.23
CL5 TCZ J . -1.06 -24.76 -11.20
K K K . -2.06 -14.91 63.13
CHA HEM L . -2.56 -18.94 48.02
CHB HEM L . 0.20 -22.38 45.96
CHC HEM L . 2.08 -19.08 42.96
CHD HEM L . -0.47 -15.59 45.10
C1A HEM L . -1.96 -20.14 47.75
C2A HEM L . -2.19 -21.38 48.43
C3A HEM L . -1.42 -22.32 47.88
C4A HEM L . -0.67 -21.67 46.78
CMA HEM L . -1.27 -23.80 48.22
CAA HEM L . -3.21 -21.61 49.63
CBA HEM L . -2.74 -21.27 51.02
CGA HEM L . -3.86 -21.57 52.10
O1A HEM L . -4.95 -22.04 51.79
O2A HEM L . -3.39 -21.26 53.17
C1B HEM L . 0.90 -21.78 44.93
C2B HEM L . 1.73 -22.52 43.96
C3B HEM L . 2.24 -21.61 43.14
C4B HEM L . 1.76 -20.27 43.58
CMB HEM L . 1.87 -24.07 44.00
CAB HEM L . 3.16 -21.72 41.90
CBB HEM L . 3.63 -22.83 41.38
C1C HEM L . 1.60 -17.83 43.30
C2C HEM L . 1.98 -16.60 42.66
C3C HEM L . 1.28 -15.63 43.26
C4C HEM L . 0.44 -16.26 44.30
CMC HEM L . 3.00 -16.46 41.48
CAC HEM L . 1.26 -14.07 42.96
CBC HEM L . 2.09 -13.32 43.63
C1D HEM L . -1.28 -16.22 46.04
C2D HEM L . -2.26 -15.52 46.90
C3D HEM L . -2.81 -16.44 47.69
C4D HEM L . -2.23 -17.75 47.38
CMD HEM L . -2.53 -13.99 46.85
CAD HEM L . -3.88 -16.27 48.79
CBD HEM L . -5.31 -16.55 48.55
CGD HEM L . -6.16 -16.34 49.89
O1D HEM L . -7.35 -16.31 49.68
O2D HEM L . -5.47 -16.28 50.90
NA HEM L . -1.04 -20.33 46.72
NB HEM L . 0.95 -20.44 44.71
NC HEM L . 0.65 -17.60 44.29
ND HEM L . -1.32 -17.54 46.38
FE HEM L . -0.43 -19.05 45.27
C1 TCZ M . 2.09 -19.87 49.10
C2 TCZ M . 1.67 -20.26 50.41
C3 TCZ M . 1.09 -19.24 51.26
C4 TCZ M . 0.95 -17.90 50.80
C5 TCZ M . 1.39 -17.56 49.48
C6 TCZ M . 1.95 -18.53 48.64
CL1 TCZ M . 2.79 -20.98 48.05
CL3 TCZ M . 0.57 -19.67 52.83
CL5 TCZ M . 1.23 -15.97 48.90
K K N . 0.03 27.13 23.47
CHA HEM O . -1.45 25.74 7.95
CHB HEM O . 1.35 22.99 5.05
CHC HEM O . 2.68 26.96 2.61
CHD HEM O . 0.12 29.76 5.63
C1A HEM O . -0.79 24.67 7.38
C2A HEM O . -0.87 23.30 7.83
C3A HEM O . -0.10 22.54 7.05
C4A HEM O . 0.50 23.45 6.05
CMA HEM O . 0.17 21.02 7.09
CAA HEM O . -1.74 22.80 9.03
CBA HEM O . -1.09 22.90 10.39
CGA HEM O . -2.01 22.37 11.55
O1A HEM O . -3.12 21.90 11.34
O2A HEM O . -1.35 22.53 12.60
C1B HEM O . 1.92 23.83 4.11
C2B HEM O . 2.76 23.40 2.98
C3B HEM O . 3.11 24.47 2.31
C4B HEM O . 2.53 25.65 3.00
CMB HEM O . 3.08 21.89 2.73
CAB HEM O . 3.98 24.66 1.00
CBB HEM O . 4.53 23.69 0.31
C1C HEM O . 2.15 28.05 3.22
C2C HEM O . 2.38 29.40 2.80
C3C HEM O . 1.70 30.20 3.62
C4C HEM O . 1.00 29.32 4.60
CMC HEM O . 3.25 29.81 1.58
CAC HEM O . 1.61 31.77 3.56
CBC HEM O . 1.76 32.44 4.67
C1D HEM O . -0.56 28.90 6.50
C2D HEM O . -1.51 29.32 7.56
C3D HEM O . -1.93 28.21 8.18
C4D HEM O . -1.27 27.04 7.56
CMD HEM O . -1.89 30.80 7.84
CAD HEM O . -2.93 28.09 9.41
CBD HEM O . -4.38 27.79 9.20
CGD HEM O . -5.23 27.69 10.57
O1D HEM O . -6.40 27.92 10.38
O2D HEM O . -4.57 27.42 11.57
NA HEM O . 0.03 24.76 6.29
NB HEM O . 1.83 25.21 4.13
NC HEM O . 1.29 28.03 4.32
ND HEM O . -0.47 27.53 6.55
FE HEM O . 0.41 26.35 5.09
#